data_1H83
#
_entry.id   1H83
#
_cell.length_a   184.690
_cell.length_b   184.690
_cell.length_c   282.220
_cell.angle_alpha   90.00
_cell.angle_beta   90.00
_cell.angle_gamma   120.00
#
_symmetry.space_group_name_H-M   'P 65 2 2'
#
loop_
_entity.id
_entity.type
_entity.pdbx_description
1 polymer 'POLYAMINE OXIDASE'
2 branched 2-acetamido-2-deoxy-beta-D-glucopyranose-(1-4)-2-acetamido-2-deoxy-beta-D-glucopyranose
3 branched alpha-D-mannopyranose-(1-6)-alpha-D-mannopyranose-(1-4)-2-acetamido-2-deoxy-beta-D-glucopyranose-(1-4)-[alpha-D-fucopyranose-(1-3)]2-acetamido-2-deoxy-beta-D-glucopyranose
4 non-polymer 'FLAVIN-ADENINE DINUCLEOTIDE'
5 non-polymer 'OCTANE 1,8-DIAMINE'
6 water water
#
_entity_poly.entity_id   1
_entity_poly.type   'polypeptide(L)'
_entity_poly.pdbx_seq_one_letter_code
;ATVGPRVIVVGAGMSGISAAKRLSEAGITDLLILEATDHIGGRMHKTNFAGINVELGANWVEGVNGGKMNPIWPIVNSTL
KLRNFRSDFDYLAQNVYKEDGGVYDEDYVQKRIELADSVEEMGEKLSATLHASGRDDMSILAMQRLNEHQPNGPATPVDM
VVDYYKFDYEFAEPPRVTSLQNTVPLATFSDFGDDVYFVADQRGYEAVVYYLAGQYLKTDDKSGKIVDPRLQLNKVVREI
KYSPGGVTVKTEDNSVYSADYVMVSASLGVLQSDLIQFKPKLPTWKVRAIYQFDMAVYTKIFLKFPRKFWPEGKGREFFL
YASSRRGYYGVWQEFEKQYPDANVLLVTVTDEESRRIEQQSDEQTKAEIMQVLRKMFPGKDVPDATDILVPRWWSDRFYK
GTFSNWPVGVNRYEYDQLRAPVGRVYFTGEHTSEHYNGYVHGAYLSGIDSAEILINCAQKKMCKYHVQGKYD
;
_entity_poly.pdbx_strand_id   A,B,C
#
# COMPACT_ATOMS: atom_id res chain seq x y z
N PRO A 5 -48.91 -35.18 3.75
CA PRO A 5 -49.46 -33.83 3.48
C PRO A 5 -49.03 -33.31 2.11
N ARG A 6 -49.82 -32.42 1.55
CA ARG A 6 -49.41 -31.91 0.26
C ARG A 6 -48.64 -30.64 0.56
N VAL A 7 -47.49 -30.47 -0.09
CA VAL A 7 -46.71 -29.27 0.14
C VAL A 7 -46.35 -28.58 -1.18
N ILE A 8 -46.54 -27.27 -1.23
CA ILE A 8 -46.14 -26.54 -2.43
C ILE A 8 -44.80 -25.89 -2.10
N VAL A 9 -43.88 -25.99 -3.04
CA VAL A 9 -42.57 -25.36 -2.85
C VAL A 9 -42.45 -24.23 -3.87
N VAL A 10 -42.21 -23.02 -3.39
CA VAL A 10 -42.09 -21.93 -4.34
C VAL A 10 -40.61 -21.73 -4.64
N GLY A 11 -40.33 -21.98 -5.92
CA GLY A 11 -38.97 -21.87 -6.47
C GLY A 11 -38.18 -23.18 -6.59
N ALA A 12 -37.54 -23.39 -7.74
CA ALA A 12 -36.73 -24.56 -8.06
C ALA A 12 -35.23 -24.25 -8.14
N GLY A 13 -34.75 -23.40 -7.23
CA GLY A 13 -33.33 -23.08 -7.10
C GLY A 13 -32.74 -24.20 -6.22
N MET A 14 -31.49 -24.02 -5.80
CA MET A 14 -30.91 -25.06 -4.97
C MET A 14 -31.72 -25.37 -3.70
N SER A 15 -32.17 -24.36 -2.96
CA SER A 15 -32.83 -24.69 -1.69
C SER A 15 -34.18 -25.35 -1.91
N GLY A 16 -34.88 -24.90 -2.94
CA GLY A 16 -36.21 -25.49 -3.23
C GLY A 16 -36.09 -26.96 -3.62
N ILE A 17 -35.15 -27.24 -4.51
CA ILE A 17 -34.99 -28.63 -4.95
C ILE A 17 -34.50 -29.47 -3.79
N SER A 18 -33.63 -28.87 -2.97
CA SER A 18 -33.06 -29.59 -1.83
C SER A 18 -34.12 -29.90 -0.77
N ALA A 19 -34.98 -28.93 -0.53
CA ALA A 19 -36.02 -29.11 0.47
C ALA A 19 -36.98 -30.21 -0.05
N ALA A 20 -37.40 -30.09 -1.31
CA ALA A 20 -38.33 -31.07 -1.89
C ALA A 20 -37.67 -32.45 -1.84
N LYS A 21 -36.39 -32.55 -2.15
CA LYS A 21 -35.81 -33.87 -2.03
C LYS A 21 -35.89 -34.40 -0.59
N ARG A 22 -35.67 -33.53 0.38
CA ARG A 22 -35.64 -34.02 1.76
C ARG A 22 -37.03 -34.48 2.23
N LEU A 23 -38.01 -33.77 1.70
CA LEU A 23 -39.39 -34.08 2.04
C LEU A 23 -39.74 -35.43 1.41
N SER A 24 -39.38 -35.60 0.15
CA SER A 24 -39.65 -36.83 -0.56
C SER A 24 -39.00 -37.94 0.27
N GLU A 25 -37.78 -37.72 0.74
CA GLU A 25 -37.16 -38.74 1.56
C GLU A 25 -37.90 -39.05 2.86
N ALA A 26 -38.71 -38.14 3.37
CA ALA A 26 -39.43 -38.43 4.61
C ALA A 26 -40.74 -39.06 4.17
N GLY A 27 -40.86 -39.34 2.88
CA GLY A 27 -42.10 -39.93 2.39
C GLY A 27 -43.12 -38.88 2.01
N ILE A 28 -42.82 -37.59 2.11
CA ILE A 28 -43.85 -36.63 1.71
C ILE A 28 -43.61 -36.39 0.24
N THR A 29 -44.39 -37.08 -0.57
CA THR A 29 -44.20 -37.00 -2.00
C THR A 29 -45.25 -36.27 -2.76
N ASP A 30 -46.30 -35.87 -2.05
CA ASP A 30 -47.34 -35.10 -2.72
C ASP A 30 -46.86 -33.65 -2.73
N LEU A 31 -45.93 -33.40 -3.65
CA LEU A 31 -45.31 -32.09 -3.73
C LEU A 31 -45.71 -31.39 -4.99
N LEU A 32 -45.60 -30.06 -4.99
CA LEU A 32 -45.83 -29.27 -6.18
C LEU A 32 -44.83 -28.12 -6.09
N ILE A 33 -43.89 -28.17 -7.03
CA ILE A 33 -42.82 -27.19 -7.15
C ILE A 33 -43.21 -26.23 -8.23
N LEU A 34 -43.39 -24.98 -7.82
CA LEU A 34 -43.75 -23.93 -8.76
C LEU A 34 -42.56 -22.97 -8.95
N GLU A 35 -42.02 -22.94 -10.17
CA GLU A 35 -40.86 -22.11 -10.53
C GLU A 35 -41.26 -21.02 -11.51
N ALA A 36 -40.81 -19.80 -11.20
CA ALA A 36 -41.14 -18.67 -12.08
C ALA A 36 -40.55 -18.70 -13.48
N THR A 37 -39.28 -19.07 -13.62
CA THR A 37 -38.62 -19.08 -14.92
C THR A 37 -38.88 -20.38 -15.69
N ASP A 38 -38.25 -20.49 -16.84
CA ASP A 38 -38.47 -21.70 -17.61
C ASP A 38 -37.40 -22.73 -17.32
N HIS A 39 -36.72 -22.64 -16.17
CA HIS A 39 -35.72 -23.65 -15.91
C HIS A 39 -35.50 -23.68 -14.44
N ILE A 40 -34.84 -24.72 -13.93
CA ILE A 40 -34.52 -24.85 -12.51
C ILE A 40 -33.09 -24.37 -12.31
N GLY A 41 -32.65 -24.25 -11.05
CA GLY A 41 -31.29 -23.80 -10.75
C GLY A 41 -31.15 -22.40 -10.13
N GLY A 42 -32.07 -21.50 -10.46
CA GLY A 42 -32.06 -20.14 -9.91
C GLY A 42 -30.72 -19.40 -10.05
N ARG A 43 -30.10 -19.08 -8.93
CA ARG A 43 -28.83 -18.34 -8.93
C ARG A 43 -27.57 -19.06 -9.45
N MET A 44 -27.75 -20.34 -9.76
CA MET A 44 -26.67 -21.18 -10.32
C MET A 44 -27.14 -21.24 -11.75
N HIS A 45 -26.47 -20.49 -12.62
CA HIS A 45 -26.99 -20.47 -13.98
C HIS A 45 -25.99 -19.98 -15.02
N LYS A 46 -25.82 -20.80 -16.04
CA LYS A 46 -24.84 -20.51 -17.09
C LYS A 46 -25.42 -19.86 -18.32
N THR A 47 -24.55 -19.34 -19.17
CA THR A 47 -25.07 -18.76 -20.41
C THR A 47 -23.97 -18.81 -21.48
N ASN A 48 -24.37 -18.76 -22.75
CA ASN A 48 -23.31 -18.81 -23.77
C ASN A 48 -22.74 -17.42 -23.98
N PHE A 49 -21.43 -17.25 -23.93
CA PHE A 49 -20.89 -15.92 -24.19
C PHE A 49 -19.63 -16.19 -25.01
N ALA A 50 -19.55 -15.59 -26.20
CA ALA A 50 -18.35 -15.76 -27.02
C ALA A 50 -18.15 -17.22 -27.38
N GLY A 51 -19.26 -17.88 -27.65
CA GLY A 51 -19.24 -19.30 -27.94
C GLY A 51 -18.80 -20.20 -26.78
N ILE A 52 -18.90 -19.69 -25.57
CA ILE A 52 -18.55 -20.57 -24.46
C ILE A 52 -19.61 -20.32 -23.41
N ASN A 53 -19.76 -21.31 -22.53
CA ASN A 53 -20.77 -21.10 -21.52
C ASN A 53 -20.07 -20.54 -20.29
N VAL A 54 -20.57 -19.43 -19.76
CA VAL A 54 -19.94 -18.89 -18.55
C VAL A 54 -21.05 -18.81 -17.50
N GLU A 55 -20.64 -18.70 -16.24
CA GLU A 55 -21.59 -18.61 -15.14
C GLU A 55 -22.09 -17.18 -14.91
N LEU A 56 -23.39 -16.95 -14.98
CA LEU A 56 -23.89 -15.61 -14.66
C LEU A 56 -24.00 -15.40 -13.13
N GLY A 57 -24.18 -16.49 -12.40
CA GLY A 57 -24.36 -16.50 -10.95
C GLY A 57 -23.21 -17.18 -10.23
N ALA A 58 -23.50 -18.12 -9.34
CA ALA A 58 -22.42 -18.78 -8.59
C ALA A 58 -21.39 -19.40 -9.54
N ASN A 59 -20.12 -19.41 -9.14
CA ASN A 59 -19.06 -19.98 -9.97
C ASN A 59 -18.02 -20.77 -9.18
N TRP A 60 -17.93 -20.59 -7.86
CA TRP A 60 -16.96 -21.35 -7.06
C TRP A 60 -17.59 -22.28 -6.03
N VAL A 61 -16.88 -23.34 -5.66
CA VAL A 61 -17.34 -24.11 -4.53
C VAL A 61 -16.36 -23.49 -3.55
N GLU A 62 -16.91 -22.91 -2.50
CA GLU A 62 -16.03 -22.24 -1.55
C GLU A 62 -15.95 -22.93 -0.23
N GLY A 63 -14.75 -23.08 0.30
CA GLY A 63 -14.52 -23.73 1.59
C GLY A 63 -14.23 -25.19 1.21
N VAL A 64 -12.96 -25.51 0.91
CA VAL A 64 -12.55 -26.88 0.52
C VAL A 64 -11.21 -27.20 1.16
N ASN A 65 -11.00 -28.49 1.45
CA ASN A 65 -9.76 -28.95 2.07
C ASN A 65 -9.61 -28.75 3.57
N GLY A 66 -10.70 -28.40 4.25
CA GLY A 66 -10.62 -28.15 5.69
C GLY A 66 -11.04 -29.33 6.58
N GLY A 67 -11.34 -29.03 7.84
CA GLY A 67 -11.73 -30.06 8.79
C GLY A 67 -13.08 -30.72 8.52
N LYS A 68 -13.97 -30.11 7.73
CA LYS A 68 -15.24 -30.76 7.50
C LYS A 68 -15.43 -30.69 6.02
N MET A 69 -16.19 -31.65 5.52
CA MET A 69 -16.43 -31.72 4.09
C MET A 69 -17.59 -30.86 3.64
N ASN A 70 -17.32 -29.97 2.70
CA ASN A 70 -18.40 -29.15 2.18
C ASN A 70 -19.22 -30.12 1.33
N PRO A 71 -20.49 -30.23 1.71
CA PRO A 71 -21.41 -31.16 1.07
C PRO A 71 -21.50 -30.97 -0.41
N ILE A 72 -21.16 -29.79 -0.90
CA ILE A 72 -21.29 -29.70 -2.34
C ILE A 72 -20.06 -30.25 -3.07
N TRP A 73 -18.92 -30.24 -2.38
CA TRP A 73 -17.69 -30.61 -3.08
C TRP A 73 -17.67 -31.99 -3.76
N PRO A 74 -18.04 -32.97 -2.95
CA PRO A 74 -18.06 -34.35 -3.45
C PRO A 74 -19.00 -34.43 -4.64
N ILE A 75 -20.10 -33.67 -4.60
CA ILE A 75 -20.95 -33.78 -5.77
C ILE A 75 -20.28 -33.20 -7.00
N VAL A 76 -19.62 -32.07 -6.82
CA VAL A 76 -18.95 -31.44 -7.96
C VAL A 76 -17.70 -32.24 -8.34
N ASN A 77 -16.82 -32.52 -7.38
CA ASN A 77 -15.55 -33.14 -7.74
C ASN A 77 -15.51 -34.63 -8.06
N SER A 78 -16.40 -35.40 -7.43
CA SER A 78 -16.48 -36.86 -7.56
C SER A 78 -17.66 -37.39 -8.35
N THR A 79 -18.86 -37.09 -7.86
CA THR A 79 -20.06 -37.55 -8.52
C THR A 79 -20.16 -37.08 -9.95
N LEU A 80 -20.12 -35.78 -10.18
CA LEU A 80 -20.26 -35.35 -11.55
C LEU A 80 -18.94 -35.04 -12.23
N LYS A 81 -17.91 -34.92 -11.40
CA LYS A 81 -16.64 -34.51 -11.97
C LYS A 81 -16.82 -33.27 -12.86
N LEU A 82 -17.27 -32.14 -12.31
CA LEU A 82 -17.41 -30.99 -13.20
C LEU A 82 -15.98 -30.46 -13.25
N ARG A 83 -15.59 -29.96 -14.41
CA ARG A 83 -14.22 -29.46 -14.60
C ARG A 83 -14.00 -28.25 -13.69
N ASN A 84 -12.92 -28.20 -12.90
CA ASN A 84 -12.68 -27.09 -11.99
C ASN A 84 -11.22 -26.89 -11.62
N PHE A 85 -10.89 -25.71 -11.10
CA PHE A 85 -9.51 -25.36 -10.75
C PHE A 85 -9.46 -24.55 -9.45
N ARG A 86 -8.51 -24.84 -8.57
CA ARG A 86 -8.35 -24.15 -7.28
C ARG A 86 -7.88 -22.75 -7.63
N SER A 87 -8.42 -21.73 -6.98
CA SER A 87 -8.00 -20.37 -7.25
C SER A 87 -6.80 -20.04 -6.38
N ASP A 88 -5.75 -19.42 -6.93
CA ASP A 88 -4.58 -19.05 -6.14
C ASP A 88 -4.47 -17.53 -6.09
N PHE A 89 -4.59 -16.96 -4.91
CA PHE A 89 -4.51 -15.51 -4.78
C PHE A 89 -3.16 -15.07 -4.26
N ASP A 90 -2.22 -15.99 -4.23
CA ASP A 90 -0.94 -15.61 -3.66
C ASP A 90 -0.12 -14.54 -4.36
N TYR A 91 -0.39 -14.28 -5.61
CA TYR A 91 0.43 -13.32 -6.36
C TYR A 91 -0.22 -11.97 -6.57
N LEU A 92 -1.25 -11.70 -5.79
CA LEU A 92 -1.90 -10.41 -6.02
C LEU A 92 -0.96 -9.22 -5.94
N ALA A 93 0.02 -9.28 -5.04
CA ALA A 93 0.93 -8.15 -4.93
C ALA A 93 1.62 -7.81 -6.23
N GLN A 94 1.71 -8.76 -7.16
CA GLN A 94 2.41 -8.43 -8.41
C GLN A 94 1.47 -7.88 -9.44
N ASN A 95 0.22 -7.78 -9.04
CA ASN A 95 -0.76 -7.40 -10.04
C ASN A 95 -1.71 -6.29 -9.67
N VAL A 96 -1.24 -5.23 -9.00
CA VAL A 96 -2.17 -4.13 -8.69
C VAL A 96 -1.82 -2.97 -9.60
N TYR A 97 -2.73 -2.60 -10.47
CA TYR A 97 -2.49 -1.55 -11.47
C TYR A 97 -2.74 -0.16 -10.93
N LYS A 98 -1.86 0.79 -11.21
CA LYS A 98 -2.02 2.16 -10.81
C LYS A 98 -3.14 2.79 -11.65
N GLU A 99 -3.80 3.80 -11.13
CA GLU A 99 -4.92 4.43 -11.83
C GLU A 99 -4.52 4.90 -13.20
N ASP A 100 -3.29 5.41 -13.28
CA ASP A 100 -2.80 5.92 -14.56
C ASP A 100 -1.44 5.25 -14.70
N GLY A 101 -1.54 4.19 -15.49
CA GLY A 101 -0.53 3.22 -15.92
C GLY A 101 0.42 2.31 -15.13
N GLY A 102 0.41 1.03 -15.46
CA GLY A 102 1.34 0.08 -14.86
C GLY A 102 1.06 -0.38 -13.45
N VAL A 103 1.79 -1.40 -12.99
CA VAL A 103 1.54 -1.90 -11.66
C VAL A 103 2.40 -1.21 -10.64
N TYR A 104 1.95 -1.23 -9.40
CA TYR A 104 2.70 -0.69 -8.28
C TYR A 104 3.83 -1.66 -7.96
N ASP A 105 4.81 -1.17 -7.22
CA ASP A 105 5.96 -1.96 -6.76
C ASP A 105 5.44 -3.11 -5.92
N GLU A 106 5.84 -4.31 -6.27
CA GLU A 106 5.36 -5.49 -5.56
C GLU A 106 5.63 -5.51 -4.07
N ASP A 107 6.80 -5.11 -3.62
CA ASP A 107 7.02 -5.16 -2.18
C ASP A 107 6.12 -4.17 -1.43
N TYR A 108 5.94 -2.98 -2.00
CA TYR A 108 5.09 -2.00 -1.34
C TYR A 108 3.70 -2.62 -1.20
N VAL A 109 3.18 -3.13 -2.30
CA VAL A 109 1.85 -3.75 -2.21
C VAL A 109 1.78 -4.93 -1.24
N GLN A 110 2.78 -5.80 -1.23
CA GLN A 110 2.69 -6.94 -0.32
C GLN A 110 2.64 -6.45 1.13
N LYS A 111 3.33 -5.36 1.41
CA LYS A 111 3.24 -4.94 2.80
C LYS A 111 1.84 -4.39 3.13
N ARG A 112 1.23 -3.72 2.16
CA ARG A 112 -0.12 -3.19 2.41
C ARG A 112 -1.08 -4.35 2.63
N ILE A 113 -0.92 -5.43 1.86
CA ILE A 113 -1.77 -6.59 2.03
C ILE A 113 -1.57 -7.23 3.39
N GLU A 114 -0.30 -7.31 3.80
CA GLU A 114 -0.04 -7.88 5.11
C GLU A 114 -0.68 -7.08 6.21
N LEU A 115 -0.58 -5.77 6.09
CA LEU A 115 -1.14 -4.92 7.14
C LEU A 115 -2.65 -5.17 7.18
N ALA A 116 -3.29 -5.22 6.02
CA ALA A 116 -4.74 -5.45 5.99
C ALA A 116 -5.10 -6.80 6.60
N ASP A 117 -4.30 -7.80 6.28
CA ASP A 117 -4.56 -9.14 6.79
C ASP A 117 -4.38 -9.16 8.30
N SER A 118 -3.36 -8.44 8.72
CA SER A 118 -3.11 -8.47 10.14
C SER A 118 -4.25 -7.83 10.92
N VAL A 119 -4.78 -6.74 10.37
CA VAL A 119 -5.88 -6.04 11.06
C VAL A 119 -7.10 -6.94 11.14
N GLU A 120 -7.37 -7.62 10.03
CA GLU A 120 -8.50 -8.53 10.03
C GLU A 120 -8.30 -9.64 11.08
N GLU A 121 -7.08 -10.13 11.23
CA GLU A 121 -6.80 -11.18 12.22
C GLU A 121 -7.07 -10.66 13.62
N MET A 122 -6.66 -9.43 13.90
CA MET A 122 -7.00 -8.90 15.20
C MET A 122 -8.52 -8.81 15.27
N GLY A 123 -9.16 -8.52 14.14
CA GLY A 123 -10.62 -8.43 14.18
C GLY A 123 -11.22 -9.77 14.58
N GLU A 124 -10.61 -10.84 14.09
CA GLU A 124 -11.12 -12.18 14.43
C GLU A 124 -10.95 -12.42 15.93
N LYS A 125 -9.82 -12.00 16.50
CA LYS A 125 -9.70 -12.23 17.93
C LYS A 125 -10.77 -11.46 18.67
N LEU A 126 -11.04 -10.24 18.21
CA LEU A 126 -11.98 -9.42 18.94
C LEU A 126 -13.37 -10.01 18.84
N SER A 127 -13.70 -10.40 17.62
CA SER A 127 -15.02 -10.94 17.37
C SER A 127 -15.32 -12.11 18.31
N ALA A 128 -14.31 -12.92 18.58
CA ALA A 128 -14.52 -14.07 19.47
C ALA A 128 -14.93 -13.64 20.88
N THR A 129 -14.56 -12.44 21.27
CA THR A 129 -14.93 -12.08 22.63
C THR A 129 -16.26 -11.38 22.76
N LEU A 130 -16.97 -11.12 21.67
CA LEU A 130 -18.22 -10.38 21.81
C LEU A 130 -19.36 -11.24 22.34
N HIS A 131 -20.36 -10.63 22.96
CA HIS A 131 -21.50 -11.40 23.45
C HIS A 131 -22.45 -11.90 22.41
N ALA A 132 -22.90 -13.11 22.65
CA ALA A 132 -23.81 -13.73 21.70
C ALA A 132 -25.06 -12.90 21.44
N SER A 133 -25.45 -12.09 22.40
CA SER A 133 -26.63 -11.28 22.14
C SER A 133 -26.37 -10.27 21.05
N GLY A 134 -25.12 -10.05 20.67
CA GLY A 134 -24.90 -9.04 19.62
C GLY A 134 -24.88 -7.65 20.28
N ARG A 135 -25.06 -7.49 21.51
CA ARG A 135 -24.99 -6.09 22.01
C ARG A 135 -23.67 -5.33 21.82
N ASP A 136 -22.58 -6.05 21.60
CA ASP A 136 -21.33 -5.34 21.43
C ASP A 136 -20.81 -5.44 20.00
N ASP A 137 -21.65 -5.91 19.08
CA ASP A 137 -21.22 -6.00 17.68
C ASP A 137 -20.86 -4.61 17.11
N MET A 138 -20.13 -4.57 15.98
CA MET A 138 -19.75 -3.33 15.33
C MET A 138 -19.50 -3.66 13.85
N SER A 139 -19.39 -2.63 13.01
CA SER A 139 -19.17 -2.87 11.58
C SER A 139 -17.70 -3.27 11.44
N ILE A 140 -17.35 -3.91 10.33
CA ILE A 140 -15.95 -4.28 10.14
C ILE A 140 -15.11 -2.99 10.12
N LEU A 141 -15.66 -1.91 9.55
CA LEU A 141 -14.90 -0.63 9.48
C LEU A 141 -14.56 -0.11 10.87
N ALA A 142 -15.54 -0.23 11.77
CA ALA A 142 -15.30 0.23 13.15
C ALA A 142 -14.11 -0.57 13.74
N MET A 143 -14.02 -1.86 13.44
CA MET A 143 -12.95 -2.71 13.94
C MET A 143 -11.64 -2.25 13.31
N GLN A 144 -11.68 -1.90 12.03
CA GLN A 144 -10.44 -1.42 11.41
C GLN A 144 -9.99 -0.11 12.10
N ARG A 145 -10.91 0.82 12.37
CA ARG A 145 -10.47 2.08 13.02
C ARG A 145 -9.85 1.78 14.37
N LEU A 146 -10.49 0.87 15.08
CA LEU A 146 -10.02 0.54 16.42
C LEU A 146 -8.67 -0.15 16.37
N ASN A 147 -8.48 -1.04 15.40
CA ASN A 147 -7.21 -1.75 15.39
C ASN A 147 -6.08 -0.94 14.82
N GLU A 148 -6.38 0.01 13.97
CA GLU A 148 -5.29 0.81 13.46
C GLU A 148 -5.24 2.13 14.19
N HIS A 149 -6.14 2.45 15.12
CA HIS A 149 -6.08 3.81 15.67
C HIS A 149 -6.16 4.98 14.70
N GLN A 150 -7.20 5.03 13.89
CA GLN A 150 -7.32 6.14 12.94
C GLN A 150 -8.79 6.50 12.90
N PRO A 151 -9.12 7.70 12.42
CA PRO A 151 -10.51 8.12 12.29
C PRO A 151 -11.07 7.57 11.00
N ASN A 152 -10.34 6.72 10.27
CA ASN A 152 -10.96 6.21 9.05
C ASN A 152 -10.31 4.85 8.74
N GLY A 153 -10.90 4.07 7.85
CA GLY A 153 -10.32 2.78 7.43
C GLY A 153 -9.46 3.08 6.21
N PRO A 154 -9.13 2.06 5.42
CA PRO A 154 -8.33 2.19 4.20
C PRO A 154 -8.87 3.34 3.34
N ALA A 155 -7.99 4.20 2.85
CA ALA A 155 -8.42 5.41 2.14
C ALA A 155 -7.55 5.82 0.97
N THR A 156 -6.35 5.27 0.85
CA THR A 156 -5.61 5.62 -0.39
C THR A 156 -6.15 4.62 -1.43
N PRO A 157 -5.93 4.88 -2.72
CA PRO A 157 -6.45 3.96 -3.74
C PRO A 157 -5.99 2.53 -3.64
N VAL A 158 -4.71 2.36 -3.34
CA VAL A 158 -4.22 1.01 -3.23
C VAL A 158 -4.81 0.35 -1.99
N ASP A 159 -4.85 1.07 -0.87
CA ASP A 159 -5.41 0.45 0.34
C ASP A 159 -6.89 0.09 0.16
N MET A 160 -7.57 0.99 -0.53
CA MET A 160 -8.99 0.75 -0.77
C MET A 160 -9.28 -0.47 -1.67
N VAL A 161 -8.48 -0.65 -2.70
CA VAL A 161 -8.73 -1.77 -3.58
C VAL A 161 -8.38 -3.07 -2.87
N VAL A 162 -7.39 -3.01 -1.99
CA VAL A 162 -7.03 -4.22 -1.29
C VAL A 162 -8.22 -4.50 -0.37
N ASP A 163 -8.72 -3.44 0.25
CA ASP A 163 -9.86 -3.58 1.18
C ASP A 163 -11.07 -4.17 0.41
N TYR A 164 -11.30 -3.67 -0.80
CA TYR A 164 -12.42 -4.12 -1.62
C TYR A 164 -12.26 -5.61 -2.00
N TYR A 165 -11.06 -6.01 -2.39
CA TYR A 165 -10.83 -7.40 -2.75
C TYR A 165 -11.01 -8.23 -1.49
N LYS A 166 -10.57 -7.78 -0.33
CA LYS A 166 -10.72 -8.64 0.84
C LYS A 166 -12.14 -8.76 1.39
N PHE A 167 -12.99 -7.77 1.19
CA PHE A 167 -14.32 -7.84 1.81
C PHE A 167 -15.47 -7.73 0.80
N ASP A 168 -15.53 -6.62 0.07
CA ASP A 168 -16.63 -6.45 -0.90
C ASP A 168 -16.65 -7.56 -1.95
N TYR A 169 -15.50 -8.06 -2.38
CA TYR A 169 -15.46 -9.10 -3.42
C TYR A 169 -16.02 -10.39 -2.82
N GLU A 170 -16.10 -10.49 -1.50
CA GLU A 170 -16.70 -11.70 -0.94
C GLU A 170 -18.16 -11.38 -0.55
N PHE A 171 -18.40 -10.25 0.12
CA PHE A 171 -19.73 -9.94 0.63
C PHE A 171 -20.62 -9.07 -0.21
N ALA A 172 -20.04 -8.33 -1.14
CA ALA A 172 -20.81 -7.50 -2.03
C ALA A 172 -21.36 -6.23 -1.39
N GLU A 173 -20.86 -5.88 -0.22
CA GLU A 173 -21.21 -4.58 0.37
C GLU A 173 -19.92 -4.19 1.13
N PRO A 174 -19.75 -2.92 1.45
CA PRO A 174 -18.55 -2.44 2.12
C PRO A 174 -18.42 -2.85 3.58
N PRO A 175 -17.19 -2.88 4.09
CA PRO A 175 -17.05 -3.26 5.49
C PRO A 175 -17.87 -2.37 6.42
N ARG A 176 -18.07 -1.10 6.08
CA ARG A 176 -18.79 -0.26 7.05
C ARG A 176 -20.25 -0.57 7.28
N VAL A 177 -20.79 -1.39 6.39
CA VAL A 177 -22.19 -1.80 6.55
C VAL A 177 -22.21 -3.20 7.15
N THR A 178 -21.10 -3.92 7.08
CA THR A 178 -21.11 -5.33 7.47
C THR A 178 -20.89 -5.67 8.92
N SER A 179 -21.67 -6.61 9.46
CA SER A 179 -21.50 -7.03 10.87
C SER A 179 -20.14 -7.71 11.09
N LEU A 180 -19.37 -7.25 12.05
CA LEU A 180 -18.10 -7.94 12.24
C LEU A 180 -18.37 -9.32 12.82
N GLN A 181 -19.20 -9.29 13.85
CA GLN A 181 -19.46 -10.49 14.60
C GLN A 181 -19.94 -11.60 13.73
N ASN A 182 -20.76 -11.26 12.76
CA ASN A 182 -21.26 -12.34 11.94
C ASN A 182 -20.57 -12.63 10.63
N THR A 183 -19.37 -12.10 10.40
CA THR A 183 -18.68 -12.37 9.13
C THR A 183 -17.19 -12.57 9.36
N VAL A 184 -16.67 -12.17 10.51
CA VAL A 184 -15.24 -12.36 10.68
C VAL A 184 -14.97 -13.06 12.01
N PRO A 185 -14.48 -14.29 11.99
CA PRO A 185 -14.19 -15.10 10.82
C PRO A 185 -15.47 -15.72 10.24
N LEU A 186 -15.40 -16.27 9.04
CA LEU A 186 -16.57 -16.83 8.38
C LEU A 186 -16.56 -18.35 8.48
N ALA A 187 -17.69 -18.87 8.93
CA ALA A 187 -17.85 -20.31 9.16
C ALA A 187 -17.51 -21.19 7.96
N THR A 188 -17.90 -20.70 6.80
CA THR A 188 -17.67 -21.44 5.58
C THR A 188 -16.20 -21.82 5.53
N PHE A 189 -15.33 -20.86 5.72
CA PHE A 189 -13.94 -21.27 5.63
C PHE A 189 -13.45 -21.92 6.92
N SER A 190 -13.97 -21.44 8.06
CA SER A 190 -13.49 -22.04 9.30
C SER A 190 -13.82 -23.51 9.32
N ASP A 191 -14.98 -23.88 8.83
CA ASP A 191 -15.38 -25.29 8.89
C ASP A 191 -14.93 -26.19 7.77
N PHE A 192 -15.04 -25.66 6.56
CA PHE A 192 -14.76 -26.46 5.39
C PHE A 192 -13.40 -26.29 4.73
N GLY A 193 -12.58 -25.35 5.19
CA GLY A 193 -11.29 -25.16 4.53
C GLY A 193 -11.17 -23.82 3.79
N ASP A 194 -9.93 -23.37 3.66
CA ASP A 194 -9.63 -22.09 3.04
C ASP A 194 -9.67 -22.03 1.53
N ASP A 195 -9.57 -23.16 0.85
CA ASP A 195 -9.52 -23.09 -0.61
C ASP A 195 -10.87 -22.91 -1.25
N VAL A 196 -10.88 -22.48 -2.51
CA VAL A 196 -12.08 -22.30 -3.29
C VAL A 196 -11.69 -22.80 -4.67
N TYR A 197 -12.66 -23.41 -5.36
CA TYR A 197 -12.40 -24.03 -6.65
C TYR A 197 -13.40 -23.49 -7.63
N PHE A 198 -12.84 -22.96 -8.70
CA PHE A 198 -13.64 -22.35 -9.75
C PHE A 198 -14.15 -23.39 -10.73
N VAL A 199 -15.46 -23.43 -10.88
CA VAL A 199 -16.09 -24.38 -11.78
C VAL A 199 -16.15 -23.85 -13.21
N ALA A 200 -15.54 -24.59 -14.14
CA ALA A 200 -15.52 -24.17 -15.53
C ALA A 200 -15.83 -25.41 -16.38
N ASP A 201 -17.11 -25.78 -16.39
CA ASP A 201 -17.58 -26.97 -17.09
C ASP A 201 -18.76 -26.61 -17.96
N GLN A 202 -18.78 -27.11 -19.19
CA GLN A 202 -19.86 -26.73 -20.06
C GLN A 202 -21.24 -27.12 -19.54
N ARG A 203 -21.26 -28.13 -18.68
CA ARG A 203 -22.55 -28.54 -18.19
C ARG A 203 -23.05 -27.46 -17.25
N GLY A 204 -22.14 -26.64 -16.71
CA GLY A 204 -22.52 -25.58 -15.76
C GLY A 204 -22.56 -26.03 -14.29
N TYR A 205 -22.34 -25.09 -13.35
CA TYR A 205 -22.38 -25.41 -11.91
C TYR A 205 -23.81 -25.88 -11.58
N GLU A 206 -24.77 -25.37 -12.35
CA GLU A 206 -26.18 -25.77 -12.15
C GLU A 206 -26.42 -27.28 -12.24
N ALA A 207 -25.50 -27.97 -12.88
CA ALA A 207 -25.66 -29.41 -13.02
C ALA A 207 -25.85 -30.06 -11.66
N VAL A 208 -25.32 -29.43 -10.62
CA VAL A 208 -25.43 -30.01 -9.29
C VAL A 208 -26.91 -30.05 -8.91
N VAL A 209 -27.63 -28.99 -9.26
CA VAL A 209 -29.04 -28.91 -8.91
C VAL A 209 -29.82 -29.93 -9.73
N TYR A 210 -29.50 -30.01 -11.01
CA TYR A 210 -30.17 -31.01 -11.84
C TYR A 210 -29.88 -32.40 -11.30
N TYR A 211 -28.68 -32.64 -10.80
CA TYR A 211 -28.45 -33.97 -10.31
C TYR A 211 -29.30 -34.26 -9.10
N LEU A 212 -29.34 -33.31 -8.17
CA LEU A 212 -30.15 -33.56 -6.98
C LEU A 212 -31.61 -33.77 -7.38
N ALA A 213 -32.08 -32.95 -8.29
CA ALA A 213 -33.48 -33.10 -8.62
C ALA A 213 -33.81 -34.46 -9.28
N GLY A 214 -32.88 -34.99 -10.05
CA GLY A 214 -33.18 -36.25 -10.72
C GLY A 214 -33.14 -37.38 -9.68
N GLN A 215 -32.68 -37.11 -8.47
CA GLN A 215 -32.69 -38.22 -7.55
C GLN A 215 -34.13 -38.48 -7.14
N TYR A 216 -35.10 -37.65 -7.47
CA TYR A 216 -36.43 -37.97 -6.96
C TYR A 216 -37.55 -37.50 -7.88
N LEU A 217 -37.21 -36.70 -8.86
CA LEU A 217 -38.24 -36.25 -9.78
C LEU A 217 -38.06 -37.12 -11.03
N LYS A 218 -39.13 -37.35 -11.77
CA LYS A 218 -39.04 -38.16 -13.00
C LYS A 218 -38.41 -37.51 -14.22
N THR A 219 -37.51 -38.23 -14.86
CA THR A 219 -36.83 -37.77 -16.07
C THR A 219 -37.01 -38.74 -17.24
N ASP A 220 -37.01 -38.19 -18.45
CA ASP A 220 -37.16 -39.02 -19.63
C ASP A 220 -35.93 -39.91 -19.84
N ASP A 221 -36.17 -41.17 -20.17
CA ASP A 221 -35.04 -42.06 -20.40
C ASP A 221 -34.09 -41.78 -21.57
N LYS A 222 -34.59 -41.14 -22.61
CA LYS A 222 -33.74 -40.82 -23.74
C LYS A 222 -33.05 -39.50 -23.40
N SER A 223 -33.87 -38.45 -23.31
CA SER A 223 -33.43 -37.09 -23.01
C SER A 223 -32.71 -36.84 -21.71
N GLY A 224 -33.29 -37.32 -20.61
CA GLY A 224 -32.78 -37.15 -19.25
C GLY A 224 -33.48 -35.92 -18.65
N LYS A 225 -34.32 -35.30 -19.47
CA LYS A 225 -35.05 -34.13 -19.03
C LYS A 225 -36.06 -34.51 -17.96
N ILE A 226 -36.28 -33.59 -17.04
CA ILE A 226 -37.23 -33.88 -15.99
C ILE A 226 -38.60 -33.81 -16.61
N VAL A 227 -39.45 -34.80 -16.37
CA VAL A 227 -40.79 -34.73 -16.95
C VAL A 227 -41.86 -34.92 -15.89
N ASP A 228 -41.45 -34.96 -14.64
CA ASP A 228 -42.39 -35.10 -13.53
C ASP A 228 -43.36 -33.93 -13.41
N PRO A 229 -44.65 -34.25 -13.40
CA PRO A 229 -45.66 -33.19 -13.32
C PRO A 229 -45.65 -32.51 -11.96
N ARG A 230 -44.87 -33.03 -11.02
CA ARG A 230 -44.78 -32.32 -9.75
C ARG A 230 -43.92 -31.06 -9.95
N LEU A 231 -43.21 -30.92 -11.07
CA LEU A 231 -42.42 -29.71 -11.28
C LEU A 231 -43.12 -28.86 -12.32
N GLN A 232 -43.45 -27.62 -12.02
CA GLN A 232 -44.10 -26.85 -13.08
C GLN A 232 -43.34 -25.56 -13.27
N LEU A 233 -42.83 -25.34 -14.48
CA LEU A 233 -42.07 -24.15 -14.80
C LEU A 233 -42.97 -23.05 -15.29
N ASN A 234 -42.41 -21.85 -15.35
CA ASN A 234 -43.21 -20.70 -15.76
C ASN A 234 -44.39 -20.45 -14.85
N LYS A 235 -44.26 -20.78 -13.58
CA LYS A 235 -45.36 -20.52 -12.67
C LYS A 235 -44.93 -19.37 -11.73
N VAL A 236 -45.36 -18.14 -11.97
CA VAL A 236 -44.94 -17.07 -11.09
C VAL A 236 -45.94 -16.92 -9.95
N VAL A 237 -45.53 -17.30 -8.76
CA VAL A 237 -46.48 -17.16 -7.63
C VAL A 237 -46.66 -15.70 -7.29
N ARG A 238 -47.90 -15.25 -7.16
CA ARG A 238 -48.12 -13.84 -6.85
C ARG A 238 -48.93 -13.66 -5.59
N GLU A 239 -49.57 -14.73 -5.13
CA GLU A 239 -50.37 -14.61 -3.91
C GLU A 239 -50.38 -15.90 -3.12
N ILE A 240 -50.17 -15.79 -1.81
CA ILE A 240 -50.17 -16.96 -0.93
C ILE A 240 -51.13 -16.63 0.20
N LYS A 241 -52.25 -17.36 0.26
CA LYS A 241 -53.27 -17.18 1.32
C LYS A 241 -53.13 -18.34 2.28
N TYR A 242 -53.23 -18.05 3.57
CA TYR A 242 -53.05 -19.13 4.54
C TYR A 242 -54.03 -18.99 5.69
N SER A 243 -54.33 -20.11 6.35
CA SER A 243 -55.25 -20.13 7.48
C SER A 243 -54.70 -21.25 8.36
N PRO A 244 -55.30 -21.45 9.51
CA PRO A 244 -54.76 -22.45 10.41
C PRO A 244 -54.93 -23.81 9.76
N GLY A 245 -55.79 -23.90 8.79
CA GLY A 245 -55.98 -25.20 8.20
C GLY A 245 -55.24 -25.57 6.91
N GLY A 246 -54.81 -24.58 6.13
CA GLY A 246 -54.11 -24.95 4.89
C GLY A 246 -53.69 -23.68 4.16
N VAL A 247 -53.32 -23.81 2.88
CA VAL A 247 -52.92 -22.64 2.10
C VAL A 247 -53.44 -22.75 0.66
N THR A 248 -53.47 -21.60 -0.01
CA THR A 248 -53.84 -21.51 -1.40
C THR A 248 -52.79 -20.59 -1.99
N VAL A 249 -52.37 -20.95 -3.19
CA VAL A 249 -51.33 -20.20 -3.85
C VAL A 249 -51.82 -19.90 -5.24
N LYS A 250 -51.72 -18.64 -5.63
CA LYS A 250 -52.11 -18.23 -6.97
C LYS A 250 -50.89 -17.77 -7.79
N THR A 251 -50.91 -18.15 -9.07
CA THR A 251 -49.87 -17.79 -10.03
C THR A 251 -50.30 -16.73 -11.03
N GLU A 252 -49.30 -16.06 -11.59
CA GLU A 252 -49.55 -14.97 -12.52
C GLU A 252 -50.37 -15.43 -13.70
N ASP A 253 -50.22 -16.67 -14.15
CA ASP A 253 -50.98 -17.10 -15.32
C ASP A 253 -52.39 -17.46 -14.89
N ASN A 254 -52.68 -17.22 -13.62
CA ASN A 254 -54.01 -17.50 -13.12
C ASN A 254 -54.33 -18.88 -12.58
N SER A 255 -53.37 -19.77 -12.46
CA SER A 255 -53.71 -21.04 -11.86
C SER A 255 -53.91 -20.79 -10.36
N VAL A 256 -54.56 -21.74 -9.69
CA VAL A 256 -54.75 -21.62 -8.24
C VAL A 256 -54.54 -23.00 -7.70
N TYR A 257 -53.77 -23.13 -6.62
CA TYR A 257 -53.44 -24.42 -6.06
C TYR A 257 -53.68 -24.38 -4.56
N SER A 258 -53.88 -25.57 -4.00
CA SER A 258 -54.16 -25.77 -2.58
C SER A 258 -53.20 -26.81 -2.03
N ALA A 259 -52.92 -26.72 -0.73
CA ALA A 259 -52.02 -27.70 -0.12
C ALA A 259 -52.15 -27.48 1.38
N ASP A 260 -51.49 -28.32 2.15
CA ASP A 260 -51.49 -28.21 3.59
C ASP A 260 -50.43 -27.22 4.08
N TYR A 261 -49.37 -27.04 3.29
CA TYR A 261 -48.24 -26.17 3.62
C TYR A 261 -47.58 -25.57 2.39
N VAL A 262 -46.84 -24.48 2.57
CA VAL A 262 -46.13 -23.91 1.44
C VAL A 262 -44.73 -23.63 1.98
N MET A 263 -43.72 -23.88 1.16
CA MET A 263 -42.32 -23.70 1.56
C MET A 263 -41.85 -22.66 0.57
N VAL A 264 -41.55 -21.47 1.07
CA VAL A 264 -41.13 -20.39 0.19
C VAL A 264 -39.60 -20.35 0.04
N SER A 265 -39.08 -20.53 -1.18
CA SER A 265 -37.63 -20.48 -1.36
C SER A 265 -37.12 -19.27 -2.16
N ALA A 266 -37.99 -18.33 -2.53
CA ALA A 266 -37.59 -17.15 -3.27
C ALA A 266 -36.57 -16.34 -2.45
N SER A 267 -35.69 -15.57 -3.11
CA SER A 267 -34.65 -14.81 -2.40
C SER A 267 -35.15 -13.75 -1.41
N LEU A 268 -34.28 -13.35 -0.48
CA LEU A 268 -34.62 -12.29 0.44
C LEU A 268 -35.03 -11.09 -0.41
N GLY A 269 -34.35 -10.83 -1.52
CA GLY A 269 -34.73 -9.66 -2.33
C GLY A 269 -36.16 -9.73 -2.83
N VAL A 270 -36.55 -10.94 -3.26
CA VAL A 270 -37.91 -11.09 -3.74
C VAL A 270 -38.88 -10.84 -2.57
N LEU A 271 -38.53 -11.37 -1.41
CA LEU A 271 -39.44 -11.15 -0.30
C LEU A 271 -39.47 -9.67 0.08
N GLN A 272 -38.40 -8.91 -0.11
CA GLN A 272 -38.46 -7.51 0.27
C GLN A 272 -39.21 -6.70 -0.78
N SER A 273 -39.46 -7.31 -1.92
CA SER A 273 -40.12 -6.59 -2.99
C SER A 273 -41.65 -6.66 -3.05
N ASP A 274 -42.35 -7.47 -2.29
CA ASP A 274 -43.78 -7.41 -2.68
C ASP A 274 -44.23 -8.11 -3.97
N LEU A 275 -43.36 -8.85 -4.65
CA LEU A 275 -43.85 -9.58 -5.83
C LEU A 275 -44.92 -10.57 -5.27
N ILE A 276 -44.71 -11.11 -4.09
CA ILE A 276 -45.70 -12.07 -3.60
C ILE A 276 -46.56 -11.47 -2.51
N GLN A 277 -47.86 -11.45 -2.70
CA GLN A 277 -48.70 -10.90 -1.62
C GLN A 277 -49.12 -11.97 -0.61
N PHE A 278 -48.94 -11.74 0.69
CA PHE A 278 -49.36 -12.72 1.69
C PHE A 278 -50.69 -12.21 2.23
N LYS A 279 -51.61 -13.13 2.47
CA LYS A 279 -52.93 -12.81 3.01
C LYS A 279 -53.36 -13.89 4.01
N PRO A 280 -53.45 -13.47 5.27
CA PRO A 280 -53.18 -12.11 5.66
C PRO A 280 -51.71 -11.71 5.59
N LYS A 281 -51.47 -10.42 5.83
CA LYS A 281 -50.11 -9.88 5.80
C LYS A 281 -49.25 -10.59 6.82
N LEU A 282 -47.97 -10.71 6.53
CA LEU A 282 -47.09 -11.38 7.48
C LEU A 282 -47.08 -10.51 8.75
N PRO A 283 -46.84 -11.11 9.91
CA PRO A 283 -46.81 -10.31 11.13
C PRO A 283 -45.64 -9.34 11.11
N THR A 284 -45.76 -8.29 11.93
CA THR A 284 -44.73 -7.25 12.04
C THR A 284 -43.34 -7.78 12.37
N TRP A 285 -43.26 -8.73 13.29
CA TRP A 285 -41.93 -9.26 13.63
C TRP A 285 -41.26 -9.88 12.42
N LYS A 286 -42.08 -10.48 11.57
CA LYS A 286 -41.55 -11.13 10.38
C LYS A 286 -41.10 -10.09 9.37
N VAL A 287 -42.00 -9.14 9.15
CA VAL A 287 -41.70 -8.05 8.22
C VAL A 287 -40.44 -7.26 8.63
N ARG A 288 -40.29 -7.00 9.91
CA ARG A 288 -39.10 -6.27 10.29
C ARG A 288 -37.82 -7.05 10.07
N ALA A 289 -37.87 -8.34 10.39
CA ALA A 289 -36.67 -9.11 10.19
C ALA A 289 -36.37 -9.13 8.69
N ILE A 290 -37.40 -9.24 7.85
CA ILE A 290 -37.09 -9.30 6.44
C ILE A 290 -36.40 -8.05 5.93
N TYR A 291 -36.91 -6.89 6.33
CA TYR A 291 -36.33 -5.65 5.82
C TYR A 291 -35.03 -5.21 6.43
N GLN A 292 -34.71 -5.73 7.62
CA GLN A 292 -33.45 -5.39 8.23
C GLN A 292 -32.23 -6.10 7.65
N PHE A 293 -32.42 -7.28 7.07
CA PHE A 293 -31.28 -8.01 6.48
C PHE A 293 -30.99 -7.45 5.08
N ASP A 294 -29.78 -7.62 4.54
CA ASP A 294 -29.47 -7.00 3.26
C ASP A 294 -29.45 -8.01 2.12
N MET A 295 -29.96 -7.63 0.96
CA MET A 295 -29.84 -8.48 -0.23
C MET A 295 -28.77 -7.72 -1.07
N ALA A 296 -27.55 -8.23 -1.19
CA ALA A 296 -26.49 -7.57 -1.95
C ALA A 296 -26.61 -7.92 -3.43
N VAL A 297 -25.78 -7.27 -4.25
CA VAL A 297 -25.73 -7.47 -5.71
C VAL A 297 -24.25 -7.52 -6.14
N TYR A 298 -23.89 -8.54 -6.92
CA TYR A 298 -22.51 -8.77 -7.37
C TYR A 298 -22.64 -8.99 -8.86
N THR A 299 -22.07 -8.10 -9.67
CA THR A 299 -22.22 -8.19 -11.12
C THR A 299 -20.97 -8.65 -11.85
N LYS A 300 -21.07 -9.77 -12.55
CA LYS A 300 -19.94 -10.36 -13.27
C LYS A 300 -20.01 -9.85 -14.71
N ILE A 301 -19.18 -8.86 -15.05
CA ILE A 301 -19.24 -8.31 -16.41
C ILE A 301 -18.20 -9.01 -17.30
N PHE A 302 -18.69 -9.78 -18.26
CA PHE A 302 -17.79 -10.49 -19.18
C PHE A 302 -17.51 -9.67 -20.43
N LEU A 303 -16.27 -9.83 -20.91
CA LEU A 303 -15.87 -9.06 -22.08
C LEU A 303 -15.05 -9.97 -22.97
N LYS A 304 -15.30 -9.85 -24.28
CA LYS A 304 -14.55 -10.63 -25.29
C LYS A 304 -13.78 -9.70 -26.22
N PHE A 305 -12.51 -10.03 -26.48
CA PHE A 305 -11.68 -9.19 -27.33
C PHE A 305 -11.11 -9.97 -28.51
N PRO A 306 -10.79 -9.23 -29.57
CA PRO A 306 -10.22 -9.75 -30.81
C PRO A 306 -8.81 -10.26 -30.57
N ARG A 307 -8.14 -9.83 -29.50
CA ARG A 307 -6.82 -10.35 -29.20
C ARG A 307 -6.41 -10.00 -27.77
N LYS A 308 -5.49 -10.75 -27.18
CA LYS A 308 -5.08 -10.56 -25.79
C LYS A 308 -4.12 -9.39 -25.66
N PHE A 309 -4.16 -8.68 -24.54
CA PHE A 309 -3.20 -7.60 -24.38
C PHE A 309 -2.81 -7.53 -22.92
N TRP A 310 -3.28 -8.50 -22.15
CA TRP A 310 -2.95 -8.51 -20.74
C TRP A 310 -2.00 -9.66 -20.50
N PRO A 311 -1.33 -9.62 -19.37
CA PRO A 311 -0.39 -10.67 -19.03
C PRO A 311 -1.04 -12.02 -18.78
N GLU A 312 -0.31 -13.08 -19.11
CA GLU A 312 -0.77 -14.43 -18.84
C GLU A 312 0.42 -15.14 -18.21
N GLY A 313 0.17 -16.13 -17.36
CA GLY A 313 1.33 -16.75 -16.76
C GLY A 313 1.12 -16.95 -15.28
N LYS A 314 2.20 -17.36 -14.61
CA LYS A 314 2.12 -17.63 -13.19
C LYS A 314 1.68 -16.40 -12.41
N GLY A 315 0.65 -16.59 -11.59
CA GLY A 315 0.14 -15.53 -10.74
C GLY A 315 -0.67 -14.48 -11.49
N ARG A 316 -0.87 -14.64 -12.80
CA ARG A 316 -1.61 -13.62 -13.54
C ARG A 316 -3.13 -13.71 -13.54
N GLU A 317 -3.70 -14.77 -13.01
CA GLU A 317 -5.16 -14.93 -13.11
C GLU A 317 -6.04 -13.78 -12.57
N PHE A 318 -5.64 -13.28 -11.41
CA PHE A 318 -6.38 -12.20 -10.76
C PHE A 318 -5.58 -10.92 -10.70
N PHE A 319 -6.24 -9.80 -10.99
CA PHE A 319 -5.55 -8.51 -10.93
C PHE A 319 -6.52 -7.42 -10.51
N LEU A 320 -6.01 -6.37 -9.87
CA LEU A 320 -6.84 -5.26 -9.34
C LEU A 320 -6.50 -3.95 -10.02
N TYR A 321 -7.49 -3.09 -10.10
CA TYR A 321 -7.25 -1.75 -10.64
C TYR A 321 -7.47 -0.81 -9.47
N ALA A 322 -6.43 -0.09 -9.06
CA ALA A 322 -6.56 0.82 -7.93
C ALA A 322 -7.09 2.21 -8.28
N SER A 323 -8.38 2.31 -8.56
CA SER A 323 -8.97 3.62 -8.87
C SER A 323 -9.08 4.50 -7.64
N SER A 324 -9.03 5.82 -7.82
CA SER A 324 -9.21 6.73 -6.68
C SER A 324 -10.69 6.77 -6.30
N ARG A 325 -11.54 6.17 -7.12
CA ARG A 325 -12.98 6.05 -6.85
C ARG A 325 -13.20 4.63 -6.32
N ARG A 326 -13.40 4.48 -5.03
CA ARG A 326 -13.50 3.13 -4.47
C ARG A 326 -14.42 2.19 -5.21
N GLY A 327 -14.03 0.96 -5.53
CA GLY A 327 -14.96 0.00 -6.18
C GLY A 327 -15.23 0.21 -7.65
N TYR A 328 -14.52 1.12 -8.31
CA TYR A 328 -14.76 1.33 -9.75
C TYR A 328 -13.98 0.30 -10.57
N TYR A 329 -14.68 -0.61 -11.25
CA TYR A 329 -14.08 -1.70 -12.04
C TYR A 329 -12.77 -2.19 -11.42
N GLY A 330 -12.78 -2.58 -10.16
CA GLY A 330 -11.55 -2.92 -9.47
C GLY A 330 -10.96 -4.33 -9.43
N VAL A 331 -11.79 -5.36 -9.63
CA VAL A 331 -11.34 -6.76 -9.52
C VAL A 331 -11.49 -7.49 -10.85
N TRP A 332 -10.34 -7.87 -11.40
CA TRP A 332 -10.29 -8.54 -12.70
C TRP A 332 -9.84 -10.00 -12.68
N GLN A 333 -10.29 -10.79 -13.65
CA GLN A 333 -9.85 -12.19 -13.77
C GLN A 333 -9.69 -12.53 -15.26
N GLU A 334 -8.67 -13.34 -15.58
CA GLU A 334 -8.39 -13.77 -16.96
C GLU A 334 -8.36 -15.31 -16.86
N PHE A 335 -8.80 -15.91 -17.95
CA PHE A 335 -9.01 -17.35 -17.99
C PHE A 335 -8.11 -18.23 -18.81
N GLU A 336 -6.81 -17.97 -18.74
CA GLU A 336 -5.89 -18.78 -19.51
C GLU A 336 -6.15 -20.25 -19.18
N LYS A 337 -6.48 -20.62 -17.96
CA LYS A 337 -6.67 -22.07 -17.77
C LYS A 337 -8.07 -22.48 -18.12
N GLN A 338 -9.01 -21.69 -17.64
CA GLN A 338 -10.40 -22.05 -17.81
C GLN A 338 -10.91 -22.10 -19.22
N TYR A 339 -10.65 -21.03 -19.96
CA TYR A 339 -11.17 -20.99 -21.31
C TYR A 339 -9.96 -20.59 -22.18
N PRO A 340 -9.05 -21.52 -22.39
CA PRO A 340 -7.85 -21.23 -23.16
C PRO A 340 -8.18 -20.67 -24.52
N ASP A 341 -7.43 -19.65 -24.90
CA ASP A 341 -7.58 -19.02 -26.20
C ASP A 341 -8.86 -18.25 -26.49
N ALA A 342 -9.72 -18.08 -25.48
CA ALA A 342 -10.94 -17.30 -25.68
C ALA A 342 -10.86 -15.77 -25.63
N ASN A 343 -9.80 -15.17 -25.09
CA ASN A 343 -9.71 -13.71 -25.11
C ASN A 343 -10.84 -13.08 -24.33
N VAL A 344 -11.20 -13.69 -23.22
CA VAL A 344 -12.27 -13.13 -22.41
C VAL A 344 -11.68 -12.60 -21.12
N LEU A 345 -12.25 -11.52 -20.61
CA LEU A 345 -11.80 -11.02 -19.32
C LEU A 345 -13.09 -10.89 -18.50
N LEU A 346 -12.97 -10.96 -17.17
CA LEU A 346 -14.13 -10.75 -16.30
C LEU A 346 -13.79 -9.65 -15.30
N VAL A 347 -14.62 -8.60 -15.24
CA VAL A 347 -14.44 -7.58 -14.20
C VAL A 347 -15.71 -7.66 -13.32
N THR A 348 -15.55 -7.62 -12.00
CA THR A 348 -16.68 -7.69 -11.08
C THR A 348 -16.89 -6.39 -10.29
N VAL A 349 -18.16 -6.02 -10.15
CA VAL A 349 -18.55 -4.82 -9.40
C VAL A 349 -19.72 -5.21 -8.50
N THR A 350 -19.99 -4.34 -7.54
CA THR A 350 -21.06 -4.68 -6.61
C THR A 350 -21.79 -3.42 -6.14
N ASP A 351 -22.80 -3.67 -5.33
CA ASP A 351 -23.50 -2.63 -4.60
C ASP A 351 -23.85 -1.39 -5.42
N GLU A 352 -23.35 -0.23 -5.03
CA GLU A 352 -23.71 0.99 -5.75
C GLU A 352 -23.35 0.97 -7.23
N GLU A 353 -22.14 0.50 -7.54
CA GLU A 353 -21.81 0.46 -8.96
C GLU A 353 -22.73 -0.55 -9.65
N SER A 354 -23.05 -1.66 -9.00
CA SER A 354 -23.93 -2.60 -9.70
C SER A 354 -25.27 -1.94 -10.02
N ARG A 355 -25.86 -1.23 -9.07
CA ARG A 355 -27.16 -0.67 -9.41
C ARG A 355 -27.05 0.43 -10.45
N ARG A 356 -25.94 1.17 -10.45
CA ARG A 356 -25.81 2.23 -11.46
C ARG A 356 -25.66 1.57 -12.83
N ILE A 357 -24.80 0.59 -12.92
CA ILE A 357 -24.54 -0.06 -14.21
C ILE A 357 -25.74 -0.83 -14.80
N GLU A 358 -26.51 -1.49 -13.94
CA GLU A 358 -27.66 -2.26 -14.45
C GLU A 358 -28.60 -1.26 -15.09
N GLN A 359 -28.55 -0.03 -14.61
CA GLN A 359 -29.46 0.96 -15.17
C GLN A 359 -28.93 1.65 -16.41
N GLN A 360 -27.80 1.26 -17.00
CA GLN A 360 -27.36 1.99 -18.19
C GLN A 360 -27.16 0.93 -19.25
N SER A 361 -26.94 1.35 -20.50
CA SER A 361 -26.82 0.32 -21.52
C SER A 361 -25.50 -0.36 -21.47
N ASP A 362 -25.48 -1.51 -22.13
CA ASP A 362 -24.24 -2.26 -22.20
C ASP A 362 -23.14 -1.47 -22.91
N GLU A 363 -23.54 -0.71 -23.91
CA GLU A 363 -22.54 0.05 -24.67
C GLU A 363 -21.87 1.09 -23.79
N GLN A 364 -22.68 1.77 -22.98
CA GLN A 364 -22.11 2.76 -22.08
C GLN A 364 -21.13 2.10 -21.09
N THR A 365 -21.52 0.94 -20.58
CA THR A 365 -20.63 0.26 -19.66
C THR A 365 -19.36 -0.17 -20.39
N LYS A 366 -19.55 -0.66 -21.61
CA LYS A 366 -18.37 -1.08 -22.36
C LYS A 366 -17.42 0.08 -22.57
N ALA A 367 -18.04 1.21 -22.86
CA ALA A 367 -17.16 2.34 -23.08
C ALA A 367 -16.45 2.70 -21.79
N GLU A 368 -17.14 2.64 -20.66
CA GLU A 368 -16.42 2.97 -19.42
C GLU A 368 -15.28 2.00 -19.20
N ILE A 369 -15.53 0.72 -19.44
CA ILE A 369 -14.48 -0.27 -19.20
C ILE A 369 -13.32 -0.10 -20.18
N MET A 370 -13.62 0.29 -21.41
CA MET A 370 -12.49 0.45 -22.35
C MET A 370 -11.56 1.56 -21.85
N GLN A 371 -12.11 2.60 -21.24
CA GLN A 371 -11.25 3.67 -20.74
C GLN A 371 -10.37 3.19 -19.62
N VAL A 372 -10.92 2.34 -18.77
CA VAL A 372 -10.09 1.83 -17.69
C VAL A 372 -8.96 0.95 -18.23
N LEU A 373 -9.30 0.02 -19.13
CA LEU A 373 -8.28 -0.89 -19.68
C LEU A 373 -7.13 -0.17 -20.38
N ARG A 374 -7.50 0.90 -21.10
CA ARG A 374 -6.51 1.72 -21.82
C ARG A 374 -5.61 2.41 -20.82
N LYS A 375 -6.17 2.79 -19.68
CA LYS A 375 -5.37 3.44 -18.66
C LYS A 375 -4.51 2.38 -18.03
N MET A 376 -5.03 1.16 -17.97
CA MET A 376 -4.22 0.14 -17.33
C MET A 376 -3.06 -0.36 -18.20
N PHE A 377 -3.32 -0.46 -19.50
CA PHE A 377 -2.31 -0.98 -20.42
C PHE A 377 -1.88 0.10 -21.42
N PRO A 378 -1.31 1.20 -20.93
CA PRO A 378 -0.91 2.26 -21.84
C PRO A 378 0.08 1.79 -22.92
N GLY A 379 0.92 0.82 -22.60
CA GLY A 379 1.84 0.42 -23.66
C GLY A 379 1.22 -0.36 -24.80
N LYS A 380 0.01 -0.89 -24.61
CA LYS A 380 -0.54 -1.72 -25.67
C LYS A 380 -1.50 -1.10 -26.66
N ASP A 381 -1.86 -1.84 -27.70
CA ASP A 381 -2.87 -1.27 -28.58
C ASP A 381 -4.06 -2.07 -28.07
N VAL A 382 -4.91 -1.43 -27.29
CA VAL A 382 -5.99 -2.20 -26.69
C VAL A 382 -7.18 -2.14 -27.62
N PRO A 383 -7.55 -3.29 -28.16
CA PRO A 383 -8.74 -3.25 -29.02
C PRO A 383 -9.98 -3.17 -28.16
N ASP A 384 -11.00 -2.55 -28.72
CA ASP A 384 -12.29 -2.53 -28.09
C ASP A 384 -12.87 -3.94 -27.97
N ALA A 385 -13.66 -4.17 -26.94
CA ALA A 385 -14.25 -5.49 -26.80
C ALA A 385 -15.30 -5.65 -27.90
N THR A 386 -15.37 -6.85 -28.44
CA THR A 386 -16.36 -7.11 -29.47
C THR A 386 -17.66 -7.55 -28.87
N ASP A 387 -17.62 -8.07 -27.64
CA ASP A 387 -18.87 -8.47 -26.97
C ASP A 387 -18.76 -8.23 -25.44
N ILE A 388 -19.89 -7.96 -24.80
CA ILE A 388 -19.92 -7.71 -23.35
C ILE A 388 -21.18 -8.30 -22.76
N LEU A 389 -21.06 -8.82 -21.55
CA LEU A 389 -22.27 -9.41 -21.01
C LEU A 389 -22.41 -8.81 -19.60
N VAL A 390 -23.50 -8.11 -19.39
CA VAL A 390 -23.74 -7.47 -18.10
C VAL A 390 -24.93 -8.13 -17.40
N PRO A 391 -24.72 -9.05 -16.45
CA PRO A 391 -25.86 -9.65 -15.76
C PRO A 391 -26.69 -8.61 -14.95
N ARG A 392 -28.01 -8.67 -15.00
CA ARG A 392 -28.87 -7.71 -14.30
C ARG A 392 -29.74 -8.32 -13.21
N TRP A 393 -29.09 -8.94 -12.24
CA TRP A 393 -29.78 -9.64 -11.16
C TRP A 393 -30.68 -8.76 -10.30
N TRP A 394 -30.22 -7.53 -10.02
CA TRP A 394 -31.01 -6.67 -9.15
C TRP A 394 -32.27 -6.25 -9.89
N SER A 395 -32.14 -6.02 -11.19
CA SER A 395 -33.34 -5.62 -11.90
C SER A 395 -34.30 -6.79 -12.15
N ASP A 396 -33.84 -8.03 -12.03
CA ASP A 396 -34.71 -9.16 -12.34
C ASP A 396 -35.66 -9.40 -11.17
N ARG A 397 -36.95 -9.25 -11.47
CA ARG A 397 -37.93 -9.41 -10.40
C ARG A 397 -37.94 -10.74 -9.72
N PHE A 398 -37.32 -11.77 -10.27
CA PHE A 398 -37.35 -13.04 -9.55
C PHE A 398 -36.13 -13.24 -8.64
N TYR A 399 -35.26 -12.24 -8.55
CA TYR A 399 -34.05 -12.36 -7.73
C TYR A 399 -33.83 -11.10 -6.94
N LYS A 400 -33.90 -9.96 -7.63
CA LYS A 400 -33.70 -8.68 -6.96
C LYS A 400 -32.37 -8.60 -6.19
N GLY A 401 -31.32 -9.21 -6.70
CA GLY A 401 -30.05 -9.16 -5.99
C GLY A 401 -29.37 -10.50 -6.26
N THR A 402 -28.21 -10.72 -5.64
CA THR A 402 -27.44 -11.95 -5.84
C THR A 402 -27.31 -12.76 -4.58
N PHE A 403 -27.16 -12.13 -3.41
CA PHE A 403 -27.07 -12.95 -2.21
C PHE A 403 -27.16 -12.10 -0.97
N SER A 404 -27.61 -12.67 0.15
CA SER A 404 -27.78 -11.84 1.32
C SER A 404 -26.44 -11.41 1.91
N ASN A 405 -26.46 -10.40 2.78
CA ASN A 405 -25.24 -10.01 3.49
C ASN A 405 -25.73 -9.60 4.87
N TRP A 406 -24.93 -9.85 5.90
CA TRP A 406 -25.36 -9.59 7.28
C TRP A 406 -24.87 -8.20 7.74
N PRO A 407 -25.80 -7.29 7.94
CA PRO A 407 -25.44 -5.93 8.34
C PRO A 407 -25.31 -5.71 9.83
N VAL A 408 -24.50 -4.71 10.18
CA VAL A 408 -24.30 -4.39 11.59
C VAL A 408 -25.65 -3.92 12.07
N GLY A 409 -26.02 -4.37 13.28
CA GLY A 409 -27.33 -3.96 13.75
C GLY A 409 -28.19 -5.20 13.89
N VAL A 410 -28.04 -6.21 13.04
CA VAL A 410 -28.92 -7.37 13.16
C VAL A 410 -28.26 -8.44 14.00
N ASN A 411 -28.95 -8.96 15.03
CA ASN A 411 -28.27 -9.99 15.78
C ASN A 411 -28.78 -11.35 15.37
N ARG A 412 -28.19 -12.33 16.02
CA ARG A 412 -28.50 -13.70 15.65
C ARG A 412 -29.98 -13.98 15.85
N TYR A 413 -30.53 -13.41 16.89
CA TYR A 413 -31.93 -13.67 17.13
C TYR A 413 -32.80 -13.11 16.03
N GLU A 414 -32.51 -11.89 15.64
CA GLU A 414 -33.33 -11.38 14.56
C GLU A 414 -33.04 -12.14 13.27
N TYR A 415 -31.80 -12.60 13.07
CA TYR A 415 -31.52 -13.33 11.84
C TYR A 415 -32.36 -14.59 11.88
N ASP A 416 -32.38 -15.23 13.04
CA ASP A 416 -33.19 -16.43 13.14
C ASP A 416 -34.65 -16.19 12.80
N GLN A 417 -35.20 -15.02 13.13
CA GLN A 417 -36.59 -14.79 12.74
C GLN A 417 -36.85 -14.90 11.23
N LEU A 418 -35.79 -14.79 10.42
CA LEU A 418 -35.97 -14.88 8.98
C LEU A 418 -36.39 -16.28 8.65
N ARG A 419 -35.80 -17.20 9.40
CA ARG A 419 -36.06 -18.61 9.16
C ARG A 419 -37.43 -19.03 9.71
N ALA A 420 -37.93 -18.29 10.67
CA ALA A 420 -39.16 -18.71 11.34
C ALA A 420 -40.40 -18.84 10.45
N PRO A 421 -41.14 -19.94 10.62
CA PRO A 421 -42.35 -20.08 9.80
C PRO A 421 -43.40 -19.16 10.35
N VAL A 422 -44.45 -18.97 9.56
CA VAL A 422 -45.59 -18.16 10.00
C VAL A 422 -46.81 -19.07 9.80
N GLY A 423 -47.32 -19.68 10.87
CA GLY A 423 -48.45 -20.60 10.69
C GLY A 423 -47.94 -21.78 9.84
N ARG A 424 -48.63 -21.98 8.72
CA ARG A 424 -48.25 -23.05 7.80
C ARG A 424 -47.33 -22.55 6.69
N VAL A 425 -46.81 -21.32 6.77
CA VAL A 425 -45.94 -20.80 5.72
C VAL A 425 -44.52 -20.95 6.24
N TYR A 426 -43.76 -21.79 5.54
CA TYR A 426 -42.36 -22.06 5.85
C TYR A 426 -41.42 -21.33 4.90
N PHE A 427 -40.19 -21.06 5.33
CA PHE A 427 -39.25 -20.34 4.46
C PHE A 427 -37.96 -21.11 4.34
N THR A 428 -37.27 -21.02 3.19
CA THR A 428 -35.98 -21.70 3.05
C THR A 428 -35.16 -20.83 2.09
N GLY A 429 -33.91 -21.17 1.81
CA GLY A 429 -33.08 -20.32 0.97
C GLY A 429 -31.78 -19.93 1.70
N GLU A 430 -30.81 -19.44 0.91
CA GLU A 430 -29.51 -19.08 1.48
C GLU A 430 -29.62 -18.09 2.64
N HIS A 431 -30.59 -17.19 2.59
CA HIS A 431 -30.71 -16.21 3.69
C HIS A 431 -31.26 -16.83 4.95
N THR A 432 -31.59 -18.11 4.89
CA THR A 432 -32.07 -18.76 6.12
C THR A 432 -31.01 -19.75 6.60
N SER A 433 -29.86 -19.85 5.92
CA SER A 433 -28.85 -20.80 6.39
C SER A 433 -28.29 -20.37 7.74
N GLU A 434 -28.28 -21.28 8.70
CA GLU A 434 -27.72 -20.82 9.95
C GLU A 434 -26.29 -20.30 9.95
N HIS A 435 -25.37 -20.93 9.24
CA HIS A 435 -24.04 -20.35 9.34
C HIS A 435 -23.39 -20.13 8.03
N TYR A 436 -24.15 -20.43 6.99
CA TYR A 436 -23.57 -20.31 5.66
C TYR A 436 -24.42 -19.41 4.81
N ASN A 437 -24.98 -18.34 5.38
CA ASN A 437 -25.79 -17.48 4.52
C ASN A 437 -24.89 -16.96 3.40
N GLY A 438 -25.54 -16.84 2.24
CA GLY A 438 -24.92 -16.37 1.01
C GLY A 438 -24.35 -17.44 0.06
N TYR A 439 -24.06 -18.66 0.47
CA TYR A 439 -23.41 -19.65 -0.41
C TYR A 439 -24.28 -20.74 -1.00
N VAL A 440 -23.81 -21.40 -2.06
CA VAL A 440 -24.54 -22.53 -2.62
C VAL A 440 -24.69 -23.62 -1.54
N HIS A 441 -23.64 -23.92 -0.79
CA HIS A 441 -23.74 -24.94 0.23
C HIS A 441 -24.75 -24.47 1.28
N GLY A 442 -24.85 -23.17 1.48
CA GLY A 442 -25.83 -22.70 2.47
C GLY A 442 -27.25 -22.90 1.92
N ALA A 443 -27.47 -22.63 0.64
CA ALA A 443 -28.80 -22.83 0.09
C ALA A 443 -29.08 -24.32 0.25
N TYR A 444 -28.11 -25.15 -0.10
CA TYR A 444 -28.31 -26.60 0.00
C TYR A 444 -28.70 -27.06 1.42
N LEU A 445 -27.88 -26.74 2.40
CA LEU A 445 -28.23 -27.18 3.75
C LEU A 445 -29.51 -26.51 4.22
N SER A 446 -29.79 -25.30 3.73
CA SER A 446 -30.99 -24.64 4.24
C SER A 446 -32.24 -25.41 3.81
N GLY A 447 -32.24 -25.94 2.60
CA GLY A 447 -33.42 -26.65 2.13
C GLY A 447 -33.64 -27.85 3.06
N ILE A 448 -32.55 -28.52 3.44
CA ILE A 448 -32.71 -29.70 4.29
C ILE A 448 -33.22 -29.32 5.66
N ASP A 449 -32.63 -28.29 6.24
CA ASP A 449 -33.06 -27.91 7.58
C ASP A 449 -34.51 -27.43 7.56
N SER A 450 -34.86 -26.60 6.58
CA SER A 450 -36.24 -26.09 6.54
C SER A 450 -37.21 -27.26 6.42
N ALA A 451 -36.90 -28.20 5.54
CA ALA A 451 -37.76 -29.35 5.35
C ALA A 451 -37.88 -30.16 6.66
N GLU A 452 -36.77 -30.34 7.36
CA GLU A 452 -36.91 -31.11 8.58
C GLU A 452 -37.80 -30.36 9.58
N ILE A 453 -37.72 -29.05 9.56
CA ILE A 453 -38.57 -28.37 10.52
C ILE A 453 -40.03 -28.62 10.19
N LEU A 454 -40.35 -28.57 8.91
CA LEU A 454 -41.74 -28.79 8.54
C LEU A 454 -42.11 -30.26 8.80
N ILE A 455 -41.22 -31.20 8.52
CA ILE A 455 -41.53 -32.62 8.79
C ILE A 455 -41.87 -32.88 10.26
N ASN A 456 -41.04 -32.35 11.14
CA ASN A 456 -41.36 -32.57 12.55
C ASN A 456 -42.67 -31.96 12.97
N CYS A 457 -42.98 -30.83 12.38
CA CYS A 457 -44.22 -30.20 12.81
C CYS A 457 -45.38 -30.97 12.22
N ALA A 458 -45.30 -31.18 10.91
CA ALA A 458 -46.41 -31.82 10.21
C ALA A 458 -46.52 -33.28 10.60
N GLN A 459 -45.41 -33.99 10.55
CA GLN A 459 -45.61 -35.39 10.88
C GLN A 459 -45.60 -35.72 12.37
N LYS A 460 -44.84 -35.07 13.24
CA LYS A 460 -44.87 -35.50 14.63
C LYS A 460 -45.55 -34.51 15.55
N LYS A 461 -46.09 -33.45 14.97
CA LYS A 461 -46.70 -32.38 15.75
C LYS A 461 -45.71 -31.84 16.73
N MET A 462 -44.45 -31.80 16.35
CA MET A 462 -43.51 -31.17 17.24
C MET A 462 -43.02 -29.96 16.45
N CYS A 463 -43.66 -28.81 16.75
CA CYS A 463 -43.40 -27.51 16.12
C CYS A 463 -42.61 -26.51 17.01
N PRO B 5 -9.11 25.30 42.80
CA PRO B 5 -8.69 24.14 41.98
C PRO B 5 -8.18 24.74 40.69
N ARG B 6 -7.15 24.11 40.13
CA ARG B 6 -6.63 24.65 38.89
C ARG B 6 -7.17 23.64 37.89
N VAL B 7 -7.62 24.21 36.78
CA VAL B 7 -8.17 23.38 35.71
C VAL B 7 -7.53 23.74 34.36
N ILE B 8 -7.05 22.72 33.65
CA ILE B 8 -6.49 22.99 32.34
C ILE B 8 -7.57 22.55 31.34
N VAL B 9 -7.84 23.41 30.36
CA VAL B 9 -8.82 23.08 29.32
C VAL B 9 -8.03 22.96 28.01
N VAL B 10 -8.13 21.82 27.36
CA VAL B 10 -7.45 21.59 26.07
C VAL B 10 -8.38 21.99 24.93
N GLY B 11 -7.98 23.01 24.18
CA GLY B 11 -8.77 23.48 23.05
C GLY B 11 -9.63 24.71 23.33
N ALA B 12 -9.61 25.71 22.44
CA ALA B 12 -10.43 26.91 22.61
C ALA B 12 -11.45 27.10 21.50
N GLY B 13 -12.13 26.01 21.18
CA GLY B 13 -13.21 26.06 20.21
C GLY B 13 -14.41 26.41 21.09
N MET B 14 -15.60 26.23 20.54
CA MET B 14 -16.80 26.60 21.27
C MET B 14 -16.98 25.87 22.61
N SER B 15 -16.74 24.57 22.64
CA SER B 15 -17.00 23.83 23.87
C SER B 15 -15.95 24.18 24.94
N GLY B 16 -14.70 24.35 24.54
CA GLY B 16 -13.73 24.65 25.59
C GLY B 16 -13.95 26.04 26.19
N ILE B 17 -14.23 26.97 25.29
CA ILE B 17 -14.40 28.33 25.75
C ILE B 17 -15.66 28.32 26.59
N SER B 18 -16.64 27.57 26.14
CA SER B 18 -17.87 27.53 26.90
C SER B 18 -17.64 26.86 28.26
N ALA B 19 -16.81 25.82 28.31
CA ALA B 19 -16.61 25.12 29.59
C ALA B 19 -15.85 26.04 30.54
N ALA B 20 -14.83 26.70 30.03
CA ALA B 20 -14.04 27.56 30.88
C ALA B 20 -14.93 28.67 31.41
N LYS B 21 -15.85 29.12 30.56
CA LYS B 21 -16.74 30.20 30.99
C LYS B 21 -17.59 29.78 32.20
N ARG B 22 -18.12 28.57 32.11
CA ARG B 22 -18.92 28.07 33.20
C ARG B 22 -18.11 27.84 34.45
N LEU B 23 -16.85 27.41 34.32
CA LEU B 23 -16.06 27.17 35.53
C LEU B 23 -15.84 28.54 36.17
N SER B 24 -15.52 29.51 35.33
CA SER B 24 -15.24 30.85 35.85
C SER B 24 -16.46 31.25 36.64
N GLU B 25 -17.61 31.10 36.01
CA GLU B 25 -18.84 31.42 36.73
C GLU B 25 -19.00 30.73 38.07
N ALA B 26 -18.53 29.50 38.24
CA ALA B 26 -18.69 28.83 39.54
C ALA B 26 -17.58 29.29 40.48
N GLY B 27 -16.83 30.29 40.05
CA GLY B 27 -15.72 30.74 40.87
C GLY B 27 -14.40 30.03 40.60
N ILE B 28 -14.33 29.10 39.64
CA ILE B 28 -13.07 28.42 39.34
C ILE B 28 -12.37 29.28 38.29
N THR B 29 -11.50 30.17 38.76
CA THR B 29 -10.81 31.10 37.89
C THR B 29 -9.34 30.77 37.66
N ASP B 30 -8.84 29.75 38.36
CA ASP B 30 -7.44 29.33 38.17
C ASP B 30 -7.48 28.36 36.99
N LEU B 31 -7.57 28.95 35.80
CA LEU B 31 -7.74 28.22 34.55
C LEU B 31 -6.56 28.39 33.61
N LEU B 32 -6.32 27.43 32.72
CA LEU B 32 -5.26 27.60 31.73
C LEU B 32 -5.85 26.92 30.49
N ILE B 33 -6.12 27.70 29.46
CA ILE B 33 -6.68 27.20 28.21
C ILE B 33 -5.56 27.11 27.20
N LEU B 34 -5.33 25.86 26.78
CA LEU B 34 -4.26 25.56 25.83
C LEU B 34 -4.87 25.28 24.44
N GLU B 35 -4.58 26.17 23.49
CA GLU B 35 -5.05 26.05 22.13
C GLU B 35 -3.94 25.76 21.13
N ALA B 36 -4.20 24.71 20.36
CA ALA B 36 -3.25 24.25 19.37
C ALA B 36 -2.93 25.33 18.32
N THR B 37 -3.95 25.93 17.72
CA THR B 37 -3.67 26.90 16.66
C THR B 37 -3.37 28.29 17.19
N ASP B 38 -3.16 29.18 16.23
CA ASP B 38 -2.86 30.56 16.57
C ASP B 38 -4.15 31.32 16.77
N HIS B 39 -5.29 30.65 16.91
CA HIS B 39 -6.52 31.41 17.13
C HIS B 39 -7.57 30.61 17.92
N ILE B 40 -8.66 31.24 18.38
CA ILE B 40 -9.70 30.45 19.07
C ILE B 40 -10.87 30.23 18.09
N GLY B 41 -11.85 29.40 18.46
CA GLY B 41 -13.00 29.19 17.57
C GLY B 41 -13.08 27.79 16.91
N GLY B 42 -11.94 27.15 16.71
CA GLY B 42 -11.91 25.79 16.15
C GLY B 42 -12.68 25.62 14.84
N ARG B 43 -13.67 24.74 14.89
CA ARG B 43 -14.48 24.45 13.71
C ARG B 43 -15.39 25.59 13.21
N MET B 44 -15.39 26.71 13.93
CA MET B 44 -16.13 27.90 13.47
C MET B 44 -14.93 28.76 13.03
N HIS B 45 -14.72 28.89 11.72
CA HIS B 45 -13.55 29.66 11.29
C HIS B 45 -13.72 30.11 9.86
N LYS B 46 -13.49 31.41 9.67
CA LYS B 46 -13.66 31.99 8.32
C LYS B 46 -12.34 32.11 7.61
N THR B 47 -12.43 32.41 6.32
CA THR B 47 -11.22 32.60 5.56
C THR B 47 -11.47 33.54 4.37
N ASN B 48 -10.43 34.21 3.87
CA ASN B 48 -10.65 35.10 2.72
C ASN B 48 -10.68 34.25 1.47
N PHE B 49 -11.75 34.35 0.70
CA PHE B 49 -11.75 33.63 -0.56
C PHE B 49 -12.05 34.64 -1.65
N ALA B 50 -11.09 34.84 -2.54
CA ALA B 50 -11.33 35.75 -3.65
C ALA B 50 -11.82 37.10 -3.16
N GLY B 51 -11.28 37.56 -2.04
CA GLY B 51 -11.76 38.86 -1.63
C GLY B 51 -12.97 38.86 -0.73
N ILE B 52 -13.52 37.72 -0.34
CA ILE B 52 -14.61 37.78 0.64
C ILE B 52 -14.34 36.76 1.75
N ASN B 53 -14.89 37.00 2.95
CA ASN B 53 -14.68 36.05 4.03
C ASN B 53 -15.83 35.06 3.91
N VAL B 54 -15.52 33.79 3.78
CA VAL B 54 -16.55 32.77 3.72
C VAL B 54 -16.15 31.85 4.90
N GLU B 55 -17.09 31.00 5.30
CA GLU B 55 -16.86 30.10 6.44
C GLU B 55 -16.31 28.76 5.95
N LEU B 56 -15.17 28.34 6.48
CA LEU B 56 -14.60 27.05 6.07
C LEU B 56 -15.38 25.94 6.77
N GLY B 57 -15.89 26.25 7.96
CA GLY B 57 -16.57 25.30 8.83
C GLY B 57 -18.04 25.61 9.06
N ALA B 58 -18.45 25.70 10.32
CA ALA B 58 -19.88 25.94 10.58
C ALA B 58 -20.36 27.17 9.87
N ASN B 59 -21.60 27.11 9.37
CA ASN B 59 -22.09 28.27 8.63
C ASN B 59 -23.50 28.63 9.02
N TRP B 60 -24.24 27.68 9.60
CA TRP B 60 -25.61 28.00 9.97
C TRP B 60 -25.93 27.92 11.46
N VAL B 61 -26.96 28.66 11.87
CA VAL B 61 -27.49 28.49 13.22
C VAL B 61 -28.69 27.61 12.84
N GLU B 62 -28.65 26.35 13.30
CA GLU B 62 -29.72 25.42 12.92
C GLU B 62 -30.66 25.18 14.08
N GLY B 63 -31.94 25.24 13.78
CA GLY B 63 -32.92 24.98 14.82
C GLY B 63 -33.32 26.36 15.33
N VAL B 64 -34.26 26.99 14.65
CA VAL B 64 -34.70 28.34 15.06
C VAL B 64 -36.22 28.44 14.87
N ASN B 65 -36.82 29.29 15.71
CA ASN B 65 -38.25 29.56 15.70
C ASN B 65 -39.15 28.47 16.25
N GLY B 66 -38.63 27.56 17.07
CA GLY B 66 -39.53 26.52 17.55
C GLY B 66 -39.90 26.77 19.01
N GLY B 67 -40.31 25.70 19.68
CA GLY B 67 -40.72 25.77 21.07
C GLY B 67 -39.70 26.25 22.06
N LYS B 68 -38.40 25.98 21.88
CA LYS B 68 -37.45 26.45 22.87
C LYS B 68 -36.46 27.28 22.10
N MET B 69 -35.71 28.12 22.80
CA MET B 69 -34.74 28.97 22.13
C MET B 69 -33.34 28.33 22.05
N ASN B 70 -32.82 28.17 20.84
CA ASN B 70 -31.47 27.65 20.67
C ASN B 70 -30.62 28.72 21.34
N PRO B 71 -29.81 28.32 22.32
CA PRO B 71 -28.98 29.33 23.01
C PRO B 71 -28.05 30.12 22.12
N ILE B 72 -27.68 29.62 20.94
CA ILE B 72 -26.77 30.36 20.06
C ILE B 72 -27.46 31.53 19.33
N TRP B 73 -28.75 31.32 19.06
CA TRP B 73 -29.47 32.33 18.31
C TRP B 73 -29.52 33.79 18.80
N PRO B 74 -29.81 33.99 20.08
CA PRO B 74 -29.85 35.33 20.58
C PRO B 74 -28.48 35.98 20.45
N ILE B 75 -27.41 35.21 20.68
CA ILE B 75 -26.10 35.86 20.57
C ILE B 75 -25.84 36.29 19.14
N VAL B 76 -26.22 35.41 18.23
CA VAL B 76 -25.95 35.72 16.83
C VAL B 76 -26.87 36.83 16.32
N ASN B 77 -28.14 36.59 16.57
CA ASN B 77 -29.10 37.53 16.01
C ASN B 77 -29.41 38.80 16.77
N SER B 78 -29.01 38.90 18.04
CA SER B 78 -29.31 40.07 18.85
C SER B 78 -28.08 40.65 19.52
N THR B 79 -27.38 39.84 20.31
CA THR B 79 -26.24 40.44 20.93
C THR B 79 -25.24 40.94 19.93
N LEU B 80 -24.91 40.12 18.94
CA LEU B 80 -23.89 40.59 18.02
C LEU B 80 -24.47 41.17 16.76
N LYS B 81 -25.70 40.80 16.43
CA LYS B 81 -26.24 41.26 15.15
C LYS B 81 -25.38 40.80 13.98
N LEU B 82 -25.06 39.50 13.86
CA LEU B 82 -24.28 39.05 12.72
C LEU B 82 -25.25 39.00 11.53
N ARG B 83 -24.77 39.44 10.36
CA ARG B 83 -25.61 39.47 9.17
C ARG B 83 -25.99 38.03 8.87
N ASN B 84 -27.26 37.79 8.59
CA ASN B 84 -27.63 36.41 8.35
C ASN B 84 -28.94 36.32 7.57
N PHE B 85 -29.26 35.15 7.01
CA PHE B 85 -30.48 35.00 6.24
C PHE B 85 -31.12 33.61 6.40
N ARG B 86 -32.45 33.56 6.52
CA ARG B 86 -33.14 32.29 6.67
C ARG B 86 -33.02 31.50 5.39
N SER B 87 -32.67 30.22 5.46
CA SER B 87 -32.57 29.46 4.21
C SER B 87 -33.95 28.97 3.83
N ASP B 88 -34.34 29.08 2.56
CA ASP B 88 -35.65 28.53 2.22
C ASP B 88 -35.52 27.36 1.26
N PHE B 89 -35.90 26.14 1.67
CA PHE B 89 -35.74 25.03 0.74
C PHE B 89 -37.02 24.65 0.04
N ASP B 90 -38.01 25.50 0.14
CA ASP B 90 -39.28 25.15 -0.49
C ASP B 90 -39.32 25.03 -2.00
N TYR B 91 -38.34 25.54 -2.72
CA TYR B 91 -38.43 25.43 -4.18
C TYR B 91 -37.48 24.43 -4.82
N LEU B 92 -36.99 23.48 -4.03
CA LEU B 92 -36.05 22.53 -4.60
C LEU B 92 -36.60 21.81 -5.82
N ALA B 93 -37.89 21.50 -5.75
CA ALA B 93 -38.44 20.76 -6.88
C ALA B 93 -38.29 21.44 -8.23
N GLN B 94 -38.06 22.74 -8.24
CA GLN B 94 -37.90 23.43 -9.50
C GLN B 94 -36.44 23.53 -9.87
N ASN B 95 -35.59 22.93 -9.05
CA ASN B 95 -34.18 23.15 -9.29
C ASN B 95 -33.36 21.89 -9.25
N VAL B 96 -33.86 20.79 -9.82
CA VAL B 96 -33.05 19.57 -9.85
C VAL B 96 -32.59 19.38 -11.27
N TYR B 97 -31.27 19.40 -11.46
CA TYR B 97 -30.76 19.29 -12.84
C TYR B 97 -30.52 17.87 -13.28
N LYS B 98 -30.79 17.60 -14.55
CA LYS B 98 -30.55 16.29 -15.15
C LYS B 98 -29.06 16.04 -15.38
N GLU B 99 -28.61 14.80 -15.30
CA GLU B 99 -27.18 14.54 -15.48
C GLU B 99 -26.68 15.19 -16.75
N ASP B 100 -27.55 15.10 -17.74
CA ASP B 100 -27.33 15.62 -19.08
C ASP B 100 -28.01 16.92 -19.56
N GLY B 101 -28.13 17.89 -18.67
CA GLY B 101 -28.69 19.18 -19.01
C GLY B 101 -30.15 19.53 -18.74
N GLY B 102 -30.35 20.72 -18.21
CA GLY B 102 -31.69 21.18 -17.92
C GLY B 102 -32.28 20.56 -16.66
N VAL B 103 -33.35 21.17 -16.17
CA VAL B 103 -33.95 20.64 -14.96
C VAL B 103 -35.10 19.69 -15.19
N TYR B 104 -35.42 18.89 -14.19
CA TYR B 104 -36.52 17.96 -14.29
C TYR B 104 -37.81 18.75 -14.10
N ASP B 105 -38.90 18.11 -14.53
CA ASP B 105 -40.23 18.68 -14.33
C ASP B 105 -40.54 18.78 -12.83
N GLU B 106 -40.98 19.97 -12.45
CA GLU B 106 -41.29 20.27 -11.07
C GLU B 106 -42.26 19.32 -10.41
N ASP B 107 -43.33 18.99 -11.11
CA ASP B 107 -44.31 18.11 -10.50
C ASP B 107 -43.76 16.71 -10.27
N TYR B 108 -42.99 16.23 -11.24
CA TYR B 108 -42.39 14.94 -11.06
C TYR B 108 -41.49 15.03 -9.81
N VAL B 109 -40.62 16.05 -9.75
CA VAL B 109 -39.71 16.11 -8.58
C VAL B 109 -40.47 16.25 -7.27
N GLN B 110 -41.44 17.14 -7.25
CA GLN B 110 -42.17 17.31 -6.00
C GLN B 110 -42.79 16.01 -5.48
N LYS B 111 -43.26 15.18 -6.40
CA LYS B 111 -43.77 13.90 -5.94
C LYS B 111 -42.67 13.02 -5.31
N ARG B 112 -41.49 12.99 -5.91
CA ARG B 112 -40.50 12.10 -5.29
C ARG B 112 -40.16 12.66 -3.91
N ILE B 113 -40.19 13.98 -3.78
CA ILE B 113 -39.82 14.59 -2.51
C ILE B 113 -40.87 14.26 -1.47
N GLU B 114 -42.10 14.30 -1.95
CA GLU B 114 -43.14 13.99 -0.98
C GLU B 114 -43.04 12.52 -0.59
N LEU B 115 -42.71 11.61 -1.51
CA LEU B 115 -42.61 10.24 -1.05
C LEU B 115 -41.51 10.10 0.00
N ALA B 116 -40.38 10.76 -0.28
CA ALA B 116 -39.23 10.60 0.61
C ALA B 116 -39.60 11.12 1.97
N ASP B 117 -40.30 12.24 1.94
CA ASP B 117 -40.68 12.82 3.22
C ASP B 117 -41.66 11.89 3.98
N SER B 118 -42.55 11.23 3.25
CA SER B 118 -43.48 10.35 3.94
C SER B 118 -42.80 9.16 4.60
N VAL B 119 -41.80 8.61 3.91
CA VAL B 119 -41.05 7.50 4.49
C VAL B 119 -40.39 7.97 5.78
N GLU B 120 -39.81 9.16 5.71
CA GLU B 120 -39.13 9.60 6.92
C GLU B 120 -40.08 9.78 8.09
N GLU B 121 -41.26 10.30 7.80
CA GLU B 121 -42.18 10.49 8.92
C GLU B 121 -42.56 9.14 9.49
N MET B 122 -42.80 8.16 8.61
CA MET B 122 -43.14 6.85 9.15
C MET B 122 -41.92 6.44 9.97
N GLY B 123 -40.73 6.81 9.53
CA GLY B 123 -39.59 6.39 10.34
C GLY B 123 -39.62 7.07 11.71
N GLU B 124 -40.10 8.30 11.79
CA GLU B 124 -40.09 8.90 13.12
C GLU B 124 -41.01 8.14 14.08
N LYS B 125 -42.12 7.62 13.57
CA LYS B 125 -42.98 6.89 14.49
C LYS B 125 -42.32 5.62 15.00
N LEU B 126 -41.62 4.91 14.13
CA LEU B 126 -40.98 3.67 14.55
C LEU B 126 -39.94 3.96 15.60
N SER B 127 -39.15 4.97 15.32
CA SER B 127 -38.07 5.36 16.22
C SER B 127 -38.52 5.61 17.67
N ALA B 128 -39.67 6.28 17.79
CA ALA B 128 -40.20 6.65 19.12
C ALA B 128 -40.43 5.38 19.92
N THR B 129 -40.72 4.28 19.22
CA THR B 129 -41.03 3.04 19.95
C THR B 129 -39.85 2.15 20.29
N LEU B 130 -38.69 2.38 19.71
CA LEU B 130 -37.54 1.50 19.94
C LEU B 130 -37.04 1.54 21.37
N HIS B 131 -36.51 0.41 21.86
CA HIS B 131 -36.01 0.32 23.21
C HIS B 131 -34.93 1.38 23.46
N ALA B 132 -35.06 2.04 24.60
CA ALA B 132 -34.14 3.12 24.94
C ALA B 132 -32.70 2.65 25.00
N SER B 133 -32.44 1.37 25.17
CA SER B 133 -31.03 0.96 25.23
C SER B 133 -30.35 1.13 23.85
N GLY B 134 -31.11 1.23 22.76
CA GLY B 134 -30.50 1.33 21.43
C GLY B 134 -30.31 -0.06 20.87
N ARG B 135 -30.59 -1.04 21.72
CA ARG B 135 -30.44 -2.40 21.24
C ARG B 135 -31.29 -2.79 20.05
N ASP B 136 -32.37 -2.09 19.77
CA ASP B 136 -33.14 -2.49 18.60
C ASP B 136 -32.93 -1.46 17.47
N ASP B 137 -31.89 -0.65 17.54
CA ASP B 137 -31.74 0.36 16.50
C ASP B 137 -31.53 -0.28 15.14
N MET B 138 -31.69 0.48 14.05
CA MET B 138 -31.42 -0.01 12.69
C MET B 138 -30.94 1.20 11.87
N SER B 139 -30.42 1.03 10.67
CA SER B 139 -29.95 2.18 9.90
C SER B 139 -31.15 2.90 9.29
N ILE B 140 -30.91 4.14 8.88
CA ILE B 140 -32.01 4.88 8.26
C ILE B 140 -32.38 4.08 7.01
N LEU B 141 -31.38 3.49 6.35
CA LEU B 141 -31.70 2.71 5.14
C LEU B 141 -32.68 1.53 5.39
N ALA B 142 -32.44 0.78 6.47
CA ALA B 142 -33.30 -0.38 6.74
C ALA B 142 -34.74 0.14 6.89
N MET B 143 -34.88 1.26 7.58
CA MET B 143 -36.22 1.86 7.76
C MET B 143 -36.79 2.25 6.38
N GLN B 144 -35.97 2.78 5.48
CA GLN B 144 -36.50 3.13 4.16
C GLN B 144 -36.98 1.89 3.41
N ARG B 145 -36.19 0.82 3.45
CA ARG B 145 -36.59 -0.41 2.73
C ARG B 145 -37.94 -0.88 3.28
N LEU B 146 -38.01 -0.86 4.61
CA LEU B 146 -39.23 -1.34 5.32
C LEU B 146 -40.44 -0.59 4.84
N ASN B 147 -40.31 0.73 4.81
CA ASN B 147 -41.41 1.55 4.39
C ASN B 147 -41.57 1.63 2.89
N GLU B 148 -40.56 1.42 2.07
CA GLU B 148 -40.93 1.49 0.67
C GLU B 148 -41.21 0.07 0.21
N HIS B 149 -40.83 -0.94 0.98
CA HIS B 149 -40.92 -2.31 0.49
C HIS B 149 -40.17 -2.52 -0.75
N GLN B 150 -38.86 -2.37 -0.66
CA GLN B 150 -38.02 -2.59 -1.83
C GLN B 150 -36.78 -3.15 -1.18
N PRO B 151 -35.95 -3.80 -1.97
CA PRO B 151 -34.71 -4.38 -1.45
C PRO B 151 -33.62 -3.32 -1.55
N ASN B 152 -34.00 -2.05 -1.69
CA ASN B 152 -32.95 -1.05 -1.75
C ASN B 152 -33.65 0.26 -1.40
N GLY B 153 -32.86 1.26 -1.04
CA GLY B 153 -33.37 2.60 -0.75
C GLY B 153 -33.42 3.36 -2.08
N PRO B 154 -33.52 4.71 -2.03
CA PRO B 154 -33.54 5.50 -3.26
C PRO B 154 -32.44 5.04 -4.24
N ALA B 155 -32.76 4.75 -5.51
CA ALA B 155 -31.72 4.29 -6.42
C ALA B 155 -31.64 4.89 -7.84
N THR B 156 -32.59 5.74 -8.19
CA THR B 156 -32.50 6.42 -9.49
C THR B 156 -31.86 7.79 -9.18
N PRO B 157 -31.28 8.41 -10.19
CA PRO B 157 -30.61 9.69 -10.02
C PRO B 157 -31.40 10.74 -9.24
N VAL B 158 -32.64 10.98 -9.62
CA VAL B 158 -33.39 11.98 -8.86
C VAL B 158 -33.64 11.55 -7.43
N ASP B 159 -34.12 10.33 -7.22
CA ASP B 159 -34.37 9.95 -5.83
C ASP B 159 -33.09 9.93 -5.02
N MET B 160 -31.99 9.56 -5.65
CA MET B 160 -30.76 9.51 -4.87
C MET B 160 -30.31 10.92 -4.48
N VAL B 161 -30.43 11.92 -5.37
CA VAL B 161 -29.92 13.22 -4.93
C VAL B 161 -30.91 13.80 -3.93
N VAL B 162 -32.18 13.45 -4.07
CA VAL B 162 -33.12 13.89 -3.04
C VAL B 162 -32.77 13.28 -1.66
N ASP B 163 -32.38 12.01 -1.67
CA ASP B 163 -31.96 11.31 -0.44
C ASP B 163 -30.69 11.99 0.14
N TYR B 164 -29.74 12.28 -0.76
CA TYR B 164 -28.49 12.87 -0.27
C TYR B 164 -28.77 14.22 0.39
N TYR B 165 -29.66 14.93 -0.31
CA TYR B 165 -30.02 16.26 0.19
C TYR B 165 -30.68 16.13 1.55
N LYS B 166 -31.54 15.11 1.69
CA LYS B 166 -32.24 14.96 2.96
C LYS B 166 -31.39 14.45 4.09
N PHE B 167 -30.43 13.59 3.79
CA PHE B 167 -29.62 13.02 4.85
C PHE B 167 -28.13 13.36 4.85
N ASP B 168 -27.42 12.96 3.80
CA ASP B 168 -25.97 13.19 3.77
C ASP B 168 -25.64 14.66 3.95
N TYR B 169 -26.47 15.53 3.41
CA TYR B 169 -26.20 16.98 3.48
C TYR B 169 -26.35 17.49 4.92
N GLU B 170 -26.97 16.69 5.77
CA GLU B 170 -27.09 17.10 7.18
C GLU B 170 -26.10 16.29 8.00
N PHE B 171 -25.98 14.99 7.74
CA PHE B 171 -25.11 14.15 8.57
C PHE B 171 -23.72 13.83 8.07
N ALA B 172 -23.54 14.06 6.79
CA ALA B 172 -22.25 13.79 6.15
C ALA B 172 -21.86 12.32 6.02
N GLU B 173 -22.80 11.39 6.17
CA GLU B 173 -22.52 9.96 5.92
C GLU B 173 -23.86 9.45 5.39
N PRO B 174 -23.86 8.34 4.65
CA PRO B 174 -25.13 7.84 4.07
C PRO B 174 -26.12 7.29 5.10
N PRO B 175 -27.39 7.26 4.70
CA PRO B 175 -28.41 6.74 5.60
C PRO B 175 -28.06 5.33 6.03
N ARG B 176 -27.46 4.55 5.14
CA ARG B 176 -27.19 3.18 5.55
C ARG B 176 -26.20 3.01 6.68
N VAL B 177 -25.45 4.03 7.04
CA VAL B 177 -24.50 3.82 8.12
C VAL B 177 -25.03 4.53 9.35
N THR B 178 -26.05 5.36 9.15
CA THR B 178 -26.53 6.22 10.24
C THR B 178 -27.62 5.66 11.14
N SER B 179 -27.51 5.91 12.45
CA SER B 179 -28.52 5.45 13.40
C SER B 179 -29.90 6.10 13.21
N LEU B 180 -30.92 5.29 12.99
CA LEU B 180 -32.28 5.84 12.86
C LEU B 180 -32.73 6.47 14.19
N GLN B 181 -32.57 5.68 15.24
CA GLN B 181 -33.07 6.13 16.52
C GLN B 181 -32.44 7.43 16.96
N ASN B 182 -31.18 7.69 16.63
CA ASN B 182 -30.56 8.94 17.08
C ASN B 182 -30.62 10.07 16.11
N THR B 183 -31.29 9.89 14.97
CA THR B 183 -31.29 11.06 14.10
C THR B 183 -32.65 11.29 13.47
N VAL B 184 -33.59 10.36 13.60
CA VAL B 184 -34.87 10.64 12.95
C VAL B 184 -35.94 10.41 14.02
N PRO B 185 -36.55 11.43 14.58
CA PRO B 185 -36.29 12.83 14.28
C PRO B 185 -35.09 13.33 15.04
N LEU B 186 -34.67 14.54 14.71
CA LEU B 186 -33.49 15.15 15.31
C LEU B 186 -33.94 16.16 16.34
N ALA B 187 -33.43 16.03 17.56
CA ALA B 187 -33.84 16.93 18.64
C ALA B 187 -33.60 18.41 18.35
N THR B 188 -32.52 18.69 17.62
CA THR B 188 -32.21 20.09 17.31
C THR B 188 -33.44 20.72 16.70
N PHE B 189 -34.03 20.04 15.72
CA PHE B 189 -35.21 20.62 15.07
C PHE B 189 -36.46 20.50 15.91
N SER B 190 -36.63 19.35 16.54
CA SER B 190 -37.79 19.15 17.40
C SER B 190 -37.80 20.17 18.51
N ASP B 191 -36.69 20.37 19.21
CA ASP B 191 -36.74 21.34 20.30
C ASP B 191 -36.69 22.80 19.92
N PHE B 192 -35.78 23.14 19.02
CA PHE B 192 -35.55 24.55 18.70
C PHE B 192 -36.26 25.18 17.51
N GLY B 193 -36.82 24.35 16.64
CA GLY B 193 -37.50 24.88 15.48
C GLY B 193 -36.94 24.31 14.19
N ASP B 194 -37.76 24.32 13.15
CA ASP B 194 -37.34 23.78 11.87
C ASP B 194 -36.48 24.72 11.03
N ASP B 195 -36.39 26.00 11.36
CA ASP B 195 -35.61 26.83 10.46
C ASP B 195 -34.12 26.82 10.73
N VAL B 196 -33.38 27.29 9.74
CA VAL B 196 -31.94 27.45 9.84
C VAL B 196 -31.60 28.82 9.23
N TYR B 197 -30.59 29.48 9.79
CA TYR B 197 -30.18 30.78 9.27
C TYR B 197 -28.69 30.73 8.98
N PHE B 198 -28.34 31.12 7.75
CA PHE B 198 -26.97 31.13 7.24
C PHE B 198 -26.27 32.43 7.67
N VAL B 199 -25.18 32.33 8.43
CA VAL B 199 -24.47 33.53 8.83
C VAL B 199 -23.53 33.98 7.72
N ALA B 200 -23.59 35.24 7.31
CA ALA B 200 -22.74 35.73 6.22
C ALA B 200 -22.29 37.10 6.65
N ASP B 201 -21.33 37.13 7.56
CA ASP B 201 -20.83 38.38 8.11
C ASP B 201 -19.32 38.37 8.13
N GLN B 202 -18.71 39.50 7.76
CA GLN B 202 -17.26 39.58 7.67
C GLN B 202 -16.56 39.22 8.96
N ARG B 203 -17.29 39.42 10.03
CA ARG B 203 -16.70 39.08 11.32
C ARG B 203 -16.67 37.58 11.58
N GLY B 204 -17.47 36.81 10.85
CA GLY B 204 -17.52 35.37 11.02
C GLY B 204 -18.40 34.87 12.15
N TYR B 205 -18.94 33.68 11.93
CA TYR B 205 -19.76 33.00 12.93
C TYR B 205 -18.90 32.84 14.19
N GLU B 206 -17.56 32.72 14.04
CA GLU B 206 -16.65 32.57 15.18
C GLU B 206 -16.75 33.76 16.13
N ALA B 207 -17.30 34.87 15.65
CA ALA B 207 -17.49 36.01 16.56
C ALA B 207 -18.24 35.57 17.81
N VAL B 208 -19.11 34.57 17.68
CA VAL B 208 -19.85 34.10 18.85
C VAL B 208 -18.88 33.58 19.91
N VAL B 209 -17.86 32.87 19.44
CA VAL B 209 -16.91 32.31 20.40
C VAL B 209 -16.10 33.45 21.04
N TYR B 210 -15.60 34.40 20.22
CA TYR B 210 -14.83 35.51 20.77
C TYR B 210 -15.71 36.25 21.75
N TYR B 211 -17.01 36.34 21.47
CA TYR B 211 -17.86 37.03 22.43
C TYR B 211 -17.92 36.34 23.79
N LEU B 212 -18.12 35.04 23.77
CA LEU B 212 -18.17 34.34 25.04
C LEU B 212 -16.85 34.43 25.81
N ALA B 213 -15.75 34.29 25.08
CA ALA B 213 -14.44 34.31 25.72
C ALA B 213 -14.26 35.65 26.44
N GLY B 214 -14.72 36.69 25.75
CA GLY B 214 -14.56 38.05 26.29
C GLY B 214 -15.37 38.26 27.57
N GLN B 215 -16.36 37.41 27.81
CA GLN B 215 -17.12 37.63 29.03
C GLN B 215 -16.29 37.24 30.21
N TYR B 216 -15.12 36.63 30.04
CA TYR B 216 -14.43 36.28 31.27
C TYR B 216 -12.93 36.37 31.14
N LEU B 217 -12.45 36.49 29.92
CA LEU B 217 -11.02 36.61 29.80
C LEU B 217 -10.75 38.08 29.56
N LYS B 218 -9.58 38.53 29.99
CA LYS B 218 -9.16 39.91 29.78
C LYS B 218 -8.84 40.28 28.34
N THR B 219 -9.28 41.48 27.96
CA THR B 219 -8.99 41.96 26.61
C THR B 219 -8.41 43.37 26.50
N ASP B 220 -7.66 43.60 25.43
CA ASP B 220 -7.04 44.89 25.16
C ASP B 220 -8.09 45.97 24.94
N ASP B 221 -7.97 47.06 25.69
CA ASP B 221 -8.90 48.16 25.51
C ASP B 221 -9.03 48.81 24.13
N LYS B 222 -7.95 48.95 23.38
CA LYS B 222 -8.12 49.56 22.07
C LYS B 222 -8.41 48.57 20.96
N SER B 223 -7.70 47.44 20.96
CA SER B 223 -7.85 46.44 19.91
C SER B 223 -8.97 45.51 20.33
N GLY B 224 -9.14 45.34 21.65
CA GLY B 224 -10.15 44.39 22.11
C GLY B 224 -9.63 42.94 21.98
N LYS B 225 -8.34 42.76 21.70
CA LYS B 225 -7.78 41.43 21.56
C LYS B 225 -7.79 40.86 22.94
N ILE B 226 -7.89 39.55 23.05
CA ILE B 226 -7.89 38.97 24.38
C ILE B 226 -6.41 38.99 24.75
N VAL B 227 -6.11 39.34 26.00
CA VAL B 227 -4.71 39.42 26.42
C VAL B 227 -4.52 38.65 27.72
N ASP B 228 -5.57 37.97 28.15
CA ASP B 228 -5.46 37.24 29.37
C ASP B 228 -4.40 36.14 29.31
N PRO B 229 -3.47 36.12 30.26
CA PRO B 229 -2.46 35.08 30.18
C PRO B 229 -3.08 33.72 30.44
N ARG B 230 -4.35 33.64 30.82
CA ARG B 230 -4.92 32.31 31.05
C ARG B 230 -5.22 31.58 29.73
N LEU B 231 -5.18 32.32 28.63
CA LEU B 231 -5.39 31.72 27.31
C LEU B 231 -4.03 31.66 26.66
N GLN B 232 -3.56 30.49 26.23
CA GLN B 232 -2.25 30.41 25.57
C GLN B 232 -2.45 29.74 24.22
N LEU B 233 -2.21 30.47 23.15
CA LEU B 233 -2.37 29.89 21.82
C LEU B 233 -1.09 29.18 21.40
N ASN B 234 -1.14 28.48 20.27
CA ASN B 234 0.06 27.79 19.78
C ASN B 234 0.62 26.87 20.80
N LYS B 235 -0.29 26.24 21.52
CA LYS B 235 0.17 25.27 22.50
C LYS B 235 -0.51 23.94 22.18
N VAL B 236 0.19 23.03 21.52
CA VAL B 236 -0.39 21.74 21.17
C VAL B 236 -0.17 20.72 22.27
N VAL B 237 -1.23 20.29 22.93
CA VAL B 237 -1.08 19.31 24.01
C VAL B 237 -0.73 17.95 23.39
N ARG B 238 0.36 17.35 23.85
CA ARG B 238 0.76 16.07 23.27
C ARG B 238 0.66 14.97 24.32
N GLU B 239 0.55 15.31 25.60
CA GLU B 239 0.49 14.22 26.58
C GLU B 239 -0.25 14.68 27.83
N ILE B 240 -1.10 13.81 28.37
CA ILE B 240 -1.84 14.13 29.59
C ILE B 240 -1.58 13.01 30.57
N LYS B 241 -0.92 13.32 31.70
CA LYS B 241 -0.65 12.27 32.71
C LYS B 241 -1.61 12.57 33.83
N TYR B 242 -2.27 11.53 34.36
CA TYR B 242 -3.24 11.79 35.43
C TYR B 242 -3.08 10.74 36.52
N SER B 243 -3.34 11.18 37.74
CA SER B 243 -3.25 10.29 38.90
C SER B 243 -4.30 10.70 39.92
N PRO B 244 -4.40 9.93 41.00
CA PRO B 244 -5.37 10.18 42.06
C PRO B 244 -5.09 11.54 42.60
N GLY B 245 -3.84 11.98 42.57
CA GLY B 245 -3.66 13.31 43.10
C GLY B 245 -3.76 14.51 42.19
N GLY B 246 -3.63 14.32 40.89
CA GLY B 246 -3.71 15.50 40.02
C GLY B 246 -3.36 15.10 38.58
N VAL B 247 -3.06 16.10 37.75
CA VAL B 247 -2.70 15.83 36.36
C VAL B 247 -1.56 16.74 35.90
N THR B 248 -0.86 16.27 34.88
CA THR B 248 0.22 17.01 34.29
C THR B 248 -0.02 16.99 32.80
N VAL B 249 0.17 18.14 32.17
CA VAL B 249 -0.08 18.30 30.74
C VAL B 249 1.16 18.81 30.02
N LYS B 250 1.62 18.16 28.97
CA LYS B 250 2.82 18.56 28.23
C LYS B 250 2.48 18.95 26.80
N THR B 251 3.11 20.01 26.31
CA THR B 251 2.84 20.45 24.95
C THR B 251 4.03 20.11 24.09
N GLU B 252 3.85 20.28 22.79
CA GLU B 252 4.89 20.01 21.80
C GLU B 252 6.16 20.88 21.96
N ASP B 253 5.99 22.10 22.43
CA ASP B 253 7.16 22.95 22.58
C ASP B 253 7.72 22.71 23.96
N ASN B 254 7.40 21.55 24.50
CA ASN B 254 7.98 21.20 25.79
C ASN B 254 7.50 21.89 27.07
N SER B 255 6.42 22.64 27.00
CA SER B 255 5.94 23.24 28.25
C SER B 255 5.26 22.17 29.09
N VAL B 256 5.29 22.38 30.39
CA VAL B 256 4.70 21.37 31.27
C VAL B 256 3.92 22.18 32.28
N TYR B 257 2.68 21.78 32.50
CA TYR B 257 1.78 22.45 33.42
C TYR B 257 1.14 21.41 34.33
N SER B 258 0.69 21.86 35.51
CA SER B 258 0.05 20.95 36.45
C SER B 258 -1.30 21.54 36.86
N ALA B 259 -2.21 20.69 37.29
CA ALA B 259 -3.55 21.15 37.67
C ALA B 259 -4.25 20.08 38.46
N ASP B 260 -5.41 20.44 38.98
CA ASP B 260 -6.19 19.45 39.72
C ASP B 260 -7.02 18.58 38.79
N TYR B 261 -7.42 19.19 37.67
CA TYR B 261 -8.22 18.48 36.67
C TYR B 261 -7.89 18.99 35.25
N VAL B 262 -8.26 18.20 34.24
CA VAL B 262 -8.03 18.68 32.88
C VAL B 262 -9.35 18.37 32.18
N MET B 263 -9.71 19.25 31.24
CA MET B 263 -10.94 19.14 30.47
C MET B 263 -10.48 19.09 29.02
N VAL B 264 -10.75 17.96 28.37
CA VAL B 264 -10.36 17.76 26.99
C VAL B 264 -11.47 18.09 25.97
N SER B 265 -11.24 19.07 25.11
CA SER B 265 -12.29 19.40 24.16
C SER B 265 -11.97 19.13 22.68
N ALA B 266 -10.87 18.45 22.43
CA ALA B 266 -10.42 18.16 21.07
C ALA B 266 -11.46 17.30 20.35
N SER B 267 -11.58 17.36 19.03
CA SER B 267 -12.62 16.55 18.36
C SER B 267 -12.50 15.05 18.53
N LEU B 268 -13.59 14.38 18.21
CA LEU B 268 -13.61 12.93 18.24
C LEU B 268 -12.51 12.44 17.30
N GLY B 269 -12.37 13.12 16.15
CA GLY B 269 -11.31 12.65 15.23
C GLY B 269 -9.91 12.80 15.83
N VAL B 270 -9.68 13.85 16.62
CA VAL B 270 -8.36 13.95 17.22
C VAL B 270 -8.17 12.79 18.19
N LEU B 271 -9.23 12.54 18.96
CA LEU B 271 -9.09 11.45 19.91
C LEU B 271 -8.85 10.13 19.22
N GLN B 272 -9.42 9.94 18.04
CA GLN B 272 -9.25 8.66 17.35
C GLN B 272 -7.85 8.61 16.68
N SER B 273 -7.14 9.73 16.66
CA SER B 273 -5.85 9.70 15.95
C SER B 273 -4.66 9.60 16.90
N ASP B 274 -4.87 9.57 18.22
CA ASP B 274 -3.66 9.52 19.04
C ASP B 274 -2.72 10.68 19.03
N LEU B 275 -3.24 11.86 18.74
CA LEU B 275 -2.37 13.02 18.79
C LEU B 275 -2.01 13.18 20.27
N ILE B 276 -2.96 12.94 21.16
CA ILE B 276 -2.66 13.15 22.57
C ILE B 276 -2.37 11.82 23.24
N GLN B 277 -1.24 11.69 23.92
CA GLN B 277 -0.96 10.45 24.62
C GLN B 277 -1.44 10.56 26.06
N PHE B 278 -2.18 9.56 26.51
CA PHE B 278 -2.68 9.54 27.88
C PHE B 278 -1.84 8.57 28.70
N LYS B 279 -1.49 8.97 29.91
CA LYS B 279 -0.65 8.08 30.71
C LYS B 279 -1.17 8.13 32.14
N PRO B 280 -1.70 7.01 32.62
CA PRO B 280 -1.81 5.75 31.89
C PRO B 280 -2.79 5.80 30.73
N LYS B 281 -2.63 4.79 29.87
CA LYS B 281 -3.46 4.68 28.68
C LYS B 281 -4.91 4.67 29.12
N LEU B 282 -5.80 5.17 28.28
CA LEU B 282 -7.21 5.15 28.64
C LEU B 282 -7.68 3.69 28.74
N PRO B 283 -8.70 3.41 29.54
CA PRO B 283 -9.21 2.05 29.66
C PRO B 283 -9.83 1.58 28.38
N THR B 284 -9.76 0.27 28.23
CA THR B 284 -10.28 -0.36 27.02
C THR B 284 -11.72 0.04 26.76
N TRP B 285 -12.56 0.11 27.79
CA TRP B 285 -13.94 0.46 27.48
C TRP B 285 -14.03 1.85 26.87
N LYS B 286 -13.14 2.73 27.31
CA LYS B 286 -13.16 4.09 26.79
C LYS B 286 -12.65 4.09 25.33
N VAL B 287 -11.54 3.39 25.14
CA VAL B 287 -10.99 3.31 23.79
C VAL B 287 -12.01 2.77 22.81
N ARG B 288 -12.64 1.68 23.19
CA ARG B 288 -13.60 1.14 22.26
C ARG B 288 -14.71 2.12 21.95
N ALA B 289 -15.12 2.87 22.97
CA ALA B 289 -16.20 3.82 22.71
C ALA B 289 -15.72 4.93 21.75
N ILE B 290 -14.47 5.31 21.92
CA ILE B 290 -13.97 6.35 21.05
C ILE B 290 -13.97 5.85 19.61
N TYR B 291 -13.49 4.64 19.35
CA TYR B 291 -13.41 4.17 17.96
C TYR B 291 -14.71 3.78 17.26
N GLN B 292 -15.70 3.41 18.06
CA GLN B 292 -16.95 3.03 17.43
C GLN B 292 -17.79 4.18 16.91
N PHE B 293 -17.67 5.36 17.50
CA PHE B 293 -18.47 6.48 17.00
C PHE B 293 -17.78 7.00 15.73
N ASP B 294 -18.52 7.68 14.85
CA ASP B 294 -17.97 8.13 13.57
C ASP B 294 -17.61 9.62 13.53
N MET B 295 -16.46 9.97 12.97
CA MET B 295 -16.07 11.37 12.77
C MET B 295 -16.30 11.59 11.26
N ALA B 296 -17.34 12.34 10.86
CA ALA B 296 -17.64 12.58 9.46
C ALA B 296 -16.84 13.73 8.84
N VAL B 297 -16.93 13.92 7.53
CA VAL B 297 -16.20 14.97 6.81
C VAL B 297 -17.18 15.58 5.80
N TYR B 298 -17.28 16.91 5.83
CA TYR B 298 -18.23 17.69 5.01
C TYR B 298 -17.39 18.79 4.34
N THR B 299 -17.25 18.75 3.01
CA THR B 299 -16.32 19.66 2.32
C THR B 299 -17.05 20.73 1.55
N LYS B 300 -16.83 21.97 1.93
CA LYS B 300 -17.50 23.10 1.28
C LYS B 300 -16.60 23.60 0.17
N ILE B 301 -16.87 23.20 -1.07
CA ILE B 301 -15.97 23.65 -2.12
C ILE B 301 -16.46 24.98 -2.71
N PHE B 302 -15.74 26.07 -2.44
CA PHE B 302 -16.12 27.35 -3.03
C PHE B 302 -15.46 27.57 -4.39
N LEU B 303 -16.21 28.21 -5.28
CA LEU B 303 -15.72 28.50 -6.64
C LEU B 303 -16.06 29.96 -7.04
N LYS B 304 -15.13 30.61 -7.72
CA LYS B 304 -15.30 32.00 -8.14
C LYS B 304 -15.23 32.07 -9.67
N PHE B 305 -16.21 32.73 -10.29
CA PHE B 305 -16.26 32.84 -11.75
C PHE B 305 -16.13 34.26 -12.31
N PRO B 306 -15.70 34.43 -13.55
CA PRO B 306 -15.55 35.76 -14.14
C PRO B 306 -16.91 36.37 -14.48
N ARG B 307 -17.92 35.52 -14.66
CA ARG B 307 -19.27 36.04 -14.89
C ARG B 307 -20.21 34.93 -14.40
N LYS B 308 -21.48 35.28 -14.26
CA LYS B 308 -22.48 34.37 -13.75
C LYS B 308 -23.22 33.67 -14.87
N PHE B 309 -23.52 32.37 -14.74
CA PHE B 309 -24.23 31.65 -15.80
C PHE B 309 -25.35 30.78 -15.24
N TRP B 310 -25.63 30.90 -13.95
CA TRP B 310 -26.68 30.10 -13.31
C TRP B 310 -27.86 31.01 -12.99
N PRO B 311 -29.04 30.48 -12.71
CA PRO B 311 -30.21 31.30 -12.37
C PRO B 311 -30.17 32.01 -11.00
N GLU B 312 -30.80 33.18 -10.87
CA GLU B 312 -30.89 33.88 -9.58
C GLU B 312 -32.34 34.29 -9.44
N GLY B 313 -32.82 34.44 -8.22
CA GLY B 313 -34.22 34.80 -8.09
C GLY B 313 -34.90 33.91 -7.08
N LYS B 314 -36.20 34.04 -7.09
CA LYS B 314 -37.00 33.28 -6.14
C LYS B 314 -36.78 31.78 -6.24
N GLY B 315 -36.48 31.19 -5.09
CA GLY B 315 -36.27 29.74 -5.06
C GLY B 315 -34.98 29.28 -5.73
N ARG B 316 -34.13 30.19 -6.21
CA ARG B 316 -32.89 29.75 -6.83
C ARG B 316 -31.68 29.54 -5.90
N GLU B 317 -31.73 29.88 -4.62
CA GLU B 317 -30.53 29.74 -3.80
C GLU B 317 -29.87 28.36 -3.80
N PHE B 318 -30.72 27.32 -3.74
CA PHE B 318 -30.26 25.94 -3.64
C PHE B 318 -30.62 25.10 -4.86
N PHE B 319 -29.70 24.33 -5.39
CA PHE B 319 -30.08 23.51 -6.54
C PHE B 319 -29.31 22.19 -6.45
N LEU B 320 -29.78 21.13 -7.10
CA LEU B 320 -29.18 19.80 -7.02
C LEU B 320 -28.81 19.28 -8.39
N TYR B 321 -27.79 18.43 -8.42
CA TYR B 321 -27.36 17.82 -9.69
C TYR B 321 -27.65 16.34 -9.52
N ALA B 322 -28.57 15.79 -10.30
CA ALA B 322 -28.96 14.38 -10.24
C ALA B 322 -27.97 13.48 -10.96
N SER B 323 -26.79 13.25 -10.38
CA SER B 323 -25.82 12.42 -11.07
C SER B 323 -26.17 10.93 -11.00
N SER B 324 -25.77 10.14 -11.98
CA SER B 324 -26.10 8.73 -11.81
C SER B 324 -25.12 8.16 -10.76
N ARG B 325 -24.13 8.94 -10.36
CA ARG B 325 -23.13 8.48 -9.36
C ARG B 325 -23.54 9.16 -8.04
N ARG B 326 -24.09 8.40 -7.09
CA ARG B 326 -24.59 8.99 -5.86
C ARG B 326 -23.57 9.88 -5.17
N GLY B 327 -23.99 11.08 -4.78
CA GLY B 327 -23.16 12.04 -4.05
C GLY B 327 -22.11 12.77 -4.85
N TYR B 328 -22.13 12.67 -6.18
CA TYR B 328 -21.15 13.32 -7.04
C TYR B 328 -21.56 14.77 -7.31
N TYR B 329 -20.86 15.70 -6.66
CA TYR B 329 -21.07 17.16 -6.81
C TYR B 329 -22.57 17.43 -6.83
N GLY B 330 -23.28 16.94 -5.82
CA GLY B 330 -24.72 17.05 -5.88
C GLY B 330 -25.53 18.23 -5.31
N VAL B 331 -24.96 18.91 -4.32
CA VAL B 331 -25.73 19.97 -3.67
C VAL B 331 -25.06 21.32 -3.83
N TRP B 332 -25.76 22.20 -4.53
CA TRP B 332 -25.26 23.54 -4.87
C TRP B 332 -25.95 24.69 -4.16
N GLN B 333 -25.25 25.80 -3.92
CA GLN B 333 -25.87 26.99 -3.33
C GLN B 333 -25.28 28.20 -4.06
N GLU B 334 -26.12 29.18 -4.40
CA GLU B 334 -25.67 30.40 -5.09
C GLU B 334 -25.94 31.54 -4.12
N PHE B 335 -25.08 32.55 -4.13
CA PHE B 335 -25.13 33.60 -3.13
C PHE B 335 -25.68 34.98 -3.46
N GLU B 336 -26.76 35.04 -4.24
CA GLU B 336 -27.32 36.34 -4.58
C GLU B 336 -27.54 37.23 -3.35
N LYS B 337 -27.91 36.70 -2.20
CA LYS B 337 -28.06 37.55 -1.01
C LYS B 337 -26.80 37.68 -0.18
N GLN B 338 -26.14 36.55 0.09
CA GLN B 338 -24.96 36.62 0.94
C GLN B 338 -23.79 37.38 0.38
N TYR B 339 -23.39 37.12 -0.88
CA TYR B 339 -22.21 37.75 -1.46
C TYR B 339 -22.59 38.30 -2.84
N PRO B 340 -23.53 39.23 -2.85
CA PRO B 340 -24.02 39.73 -4.12
C PRO B 340 -22.95 40.19 -5.10
N ASP B 341 -23.15 39.81 -6.34
CA ASP B 341 -22.26 40.17 -7.42
C ASP B 341 -20.87 39.57 -7.29
N ALA B 342 -20.60 38.72 -6.31
CA ALA B 342 -19.26 38.12 -6.27
C ALA B 342 -19.10 36.98 -7.29
N ASN B 343 -20.18 36.45 -7.84
CA ASN B 343 -20.03 35.32 -8.76
C ASN B 343 -19.42 34.04 -8.16
N VAL B 344 -19.79 33.76 -6.92
CA VAL B 344 -19.31 32.59 -6.23
C VAL B 344 -20.38 31.50 -6.18
N LEU B 345 -19.97 30.24 -6.23
CA LEU B 345 -20.90 29.13 -6.06
C LEU B 345 -20.17 28.27 -5.02
N LEU B 346 -20.97 27.47 -4.32
CA LEU B 346 -20.56 26.54 -3.28
C LEU B 346 -21.19 25.17 -3.57
N VAL B 347 -20.38 24.15 -3.81
CA VAL B 347 -20.88 22.78 -4.00
C VAL B 347 -20.39 22.01 -2.77
N THR B 348 -21.26 21.19 -2.18
CA THR B 348 -20.87 20.47 -0.97
C THR B 348 -20.72 18.96 -1.20
N VAL B 349 -19.66 18.34 -0.72
CA VAL B 349 -19.53 16.88 -0.86
C VAL B 349 -19.20 16.33 0.52
N THR B 350 -19.29 15.02 0.70
CA THR B 350 -18.97 14.52 2.03
C THR B 350 -18.32 13.14 1.93
N ASP B 351 -17.99 12.57 3.07
CA ASP B 351 -17.63 11.16 3.15
C ASP B 351 -16.64 10.66 2.10
N GLU B 352 -17.03 9.67 1.31
CA GLU B 352 -16.05 9.13 0.34
C GLU B 352 -15.52 10.15 -0.62
N GLU B 353 -16.42 10.98 -1.15
CA GLU B 353 -15.96 12.01 -2.10
C GLU B 353 -15.04 13.00 -1.39
N SER B 354 -15.33 13.33 -0.14
CA SER B 354 -14.43 14.29 0.54
C SER B 354 -13.04 13.67 0.62
N ARG B 355 -12.99 12.41 1.03
CA ARG B 355 -11.66 11.82 1.19
C ARG B 355 -10.90 11.73 -0.11
N ARG B 356 -11.65 11.47 -1.19
CA ARG B 356 -10.97 11.36 -2.47
C ARG B 356 -10.43 12.75 -2.86
N ILE B 357 -11.33 13.69 -2.69
CA ILE B 357 -11.00 15.05 -3.09
C ILE B 357 -9.90 15.70 -2.26
N GLU B 358 -9.84 15.45 -0.96
CA GLU B 358 -8.76 16.07 -0.22
C GLU B 358 -7.43 15.54 -0.72
N GLN B 359 -7.42 14.33 -1.26
CA GLN B 359 -6.19 13.68 -1.70
C GLN B 359 -5.70 14.00 -3.09
N GLN B 360 -6.32 14.94 -3.79
CA GLN B 360 -5.84 15.24 -5.14
C GLN B 360 -5.76 16.77 -5.24
N SER B 361 -5.24 17.28 -6.35
CA SER B 361 -5.09 18.72 -6.41
C SER B 361 -6.38 19.48 -6.57
N ASP B 362 -6.35 20.74 -6.16
CA ASP B 362 -7.53 21.58 -6.35
C ASP B 362 -7.80 21.73 -7.87
N GLU B 363 -6.77 21.67 -8.69
CA GLU B 363 -6.94 21.86 -10.14
C GLU B 363 -7.72 20.68 -10.70
N GLN B 364 -7.43 19.50 -10.16
CA GLN B 364 -8.13 18.35 -10.68
C GLN B 364 -9.59 18.44 -10.26
N THR B 365 -9.78 18.85 -9.03
CA THR B 365 -11.19 18.94 -8.58
C THR B 365 -11.93 19.99 -9.41
N LYS B 366 -11.22 21.08 -9.69
CA LYS B 366 -11.89 22.14 -10.44
C LYS B 366 -12.27 21.61 -11.80
N ALA B 367 -11.41 20.81 -12.43
CA ALA B 367 -11.81 20.33 -13.75
C ALA B 367 -13.02 19.38 -13.70
N GLU B 368 -13.11 18.58 -12.65
CA GLU B 368 -14.26 17.68 -12.53
C GLU B 368 -15.52 18.55 -12.42
N ILE B 369 -15.44 19.58 -11.58
CA ILE B 369 -16.61 20.43 -11.37
C ILE B 369 -16.96 21.17 -12.66
N MET B 370 -15.97 21.62 -13.43
CA MET B 370 -16.34 22.31 -14.68
C MET B 370 -17.09 21.36 -15.60
N GLN B 371 -16.74 20.07 -15.66
CA GLN B 371 -17.48 19.22 -16.59
C GLN B 371 -18.92 19.10 -16.09
N VAL B 372 -19.08 19.00 -14.77
CA VAL B 372 -20.45 18.93 -14.26
C VAL B 372 -21.26 20.18 -14.63
N LEU B 373 -20.70 21.36 -14.35
CA LEU B 373 -21.41 22.59 -14.66
C LEU B 373 -21.73 22.72 -16.16
N ARG B 374 -20.84 22.27 -17.03
CA ARG B 374 -21.14 22.42 -18.44
C ARG B 374 -22.24 21.44 -18.78
N LYS B 375 -22.33 20.32 -18.09
CA LYS B 375 -23.42 19.42 -18.47
C LYS B 375 -24.72 20.02 -17.94
N MET B 376 -24.67 20.67 -16.79
CA MET B 376 -25.89 21.23 -16.26
C MET B 376 -26.41 22.43 -17.04
N PHE B 377 -25.54 23.25 -17.61
CA PHE B 377 -25.95 24.49 -18.30
C PHE B 377 -25.39 24.53 -19.70
N PRO B 378 -25.86 23.55 -20.47
CA PRO B 378 -25.38 23.37 -21.82
C PRO B 378 -25.58 24.58 -22.72
N GLY B 379 -26.65 25.31 -22.50
CA GLY B 379 -26.83 26.46 -23.37
C GLY B 379 -26.06 27.73 -23.06
N LYS B 380 -25.26 27.72 -22.00
CA LYS B 380 -24.55 28.93 -21.64
C LYS B 380 -23.07 28.85 -22.01
N ASP B 381 -22.33 29.95 -21.92
CA ASP B 381 -20.89 29.83 -22.17
C ASP B 381 -20.40 29.81 -20.73
N VAL B 382 -20.10 28.61 -20.24
CA VAL B 382 -19.68 28.49 -18.87
C VAL B 382 -18.18 28.65 -18.88
N PRO B 383 -17.75 29.71 -18.23
CA PRO B 383 -16.33 30.00 -18.09
C PRO B 383 -15.68 29.21 -16.95
N ASP B 384 -14.43 28.81 -17.15
CA ASP B 384 -13.66 28.14 -16.12
C ASP B 384 -13.61 29.02 -14.85
N ALA B 385 -13.73 28.38 -13.69
CA ALA B 385 -13.64 29.09 -12.42
C ALA B 385 -12.23 29.65 -12.34
N THR B 386 -12.08 30.87 -11.84
CA THR B 386 -10.75 31.44 -11.73
C THR B 386 -10.21 31.18 -10.33
N ASP B 387 -11.03 30.66 -9.44
CA ASP B 387 -10.48 30.45 -8.10
C ASP B 387 -11.32 29.32 -7.51
N ILE B 388 -10.72 28.51 -6.62
CA ILE B 388 -11.44 27.42 -5.99
C ILE B 388 -10.84 27.23 -4.60
N LEU B 389 -11.68 26.86 -3.65
CA LEU B 389 -11.17 26.63 -2.30
C LEU B 389 -11.69 25.28 -1.82
N VAL B 390 -10.78 24.37 -1.47
CA VAL B 390 -11.18 23.04 -1.01
C VAL B 390 -10.70 22.90 0.43
N PRO B 391 -11.57 23.02 1.41
CA PRO B 391 -11.21 22.94 2.84
C PRO B 391 -10.73 21.52 3.12
N ARG B 392 -9.65 21.29 3.86
CA ARG B 392 -9.13 19.94 4.06
C ARG B 392 -9.19 19.59 5.54
N TRP B 393 -10.39 19.55 6.10
CA TRP B 393 -10.51 19.26 7.53
C TRP B 393 -10.06 17.86 7.96
N TRP B 394 -10.30 16.85 7.15
CA TRP B 394 -9.90 15.48 7.51
C TRP B 394 -8.38 15.40 7.56
N SER B 395 -7.72 16.10 6.66
CA SER B 395 -6.25 16.10 6.68
C SER B 395 -5.63 16.94 7.80
N ASP B 396 -6.39 17.82 8.44
CA ASP B 396 -5.77 18.67 9.47
C ASP B 396 -5.67 17.91 10.80
N ARG B 397 -4.46 17.73 11.31
CA ARG B 397 -4.33 16.95 12.52
C ARG B 397 -5.06 17.50 13.72
N PHE B 398 -5.44 18.77 13.70
CA PHE B 398 -6.11 19.29 14.90
C PHE B 398 -7.61 19.05 14.79
N TYR B 399 -8.07 18.41 13.72
CA TYR B 399 -9.52 18.18 13.57
C TYR B 399 -9.88 16.76 13.10
N LYS B 400 -9.21 16.31 12.04
CA LYS B 400 -9.38 14.98 11.49
C LYS B 400 -10.84 14.72 11.11
N GLY B 401 -11.53 15.72 10.55
CA GLY B 401 -12.92 15.54 10.13
C GLY B 401 -13.66 16.85 10.48
N THR B 402 -14.97 16.88 10.25
CA THR B 402 -15.77 18.07 10.49
C THR B 402 -16.75 17.97 11.64
N PHE B 403 -17.39 16.81 11.82
CA PHE B 403 -18.30 16.62 12.95
C PHE B 403 -18.71 15.17 13.12
N SER B 404 -19.09 14.80 14.35
CA SER B 404 -19.42 13.41 14.58
C SER B 404 -20.77 13.06 13.96
N ASN B 405 -21.00 11.77 13.76
CA ASN B 405 -22.27 11.20 13.27
C ASN B 405 -22.48 9.91 14.08
N TRP B 406 -23.72 9.70 14.52
CA TRP B 406 -24.05 8.55 15.37
C TRP B 406 -24.33 7.36 14.44
N PRO B 407 -23.47 6.36 14.43
CA PRO B 407 -23.71 5.24 13.52
C PRO B 407 -24.59 4.14 14.08
N VAL B 408 -25.10 3.30 13.17
CA VAL B 408 -25.86 2.15 13.65
C VAL B 408 -24.80 1.27 14.29
N GLY B 409 -25.11 0.78 15.47
CA GLY B 409 -24.16 -0.02 16.21
C GLY B 409 -23.73 0.65 17.51
N VAL B 410 -23.88 1.96 17.66
CA VAL B 410 -23.44 2.49 18.94
C VAL B 410 -24.70 2.63 19.76
N ASN B 411 -24.69 2.06 20.96
CA ASN B 411 -25.86 2.16 21.79
C ASN B 411 -25.74 3.22 22.86
N ARG B 412 -26.85 3.40 23.58
CA ARG B 412 -26.87 4.44 24.60
C ARG B 412 -25.78 4.34 25.64
N TYR B 413 -25.54 3.13 26.12
CA TYR B 413 -24.53 3.01 27.15
C TYR B 413 -23.15 3.30 26.52
N GLU B 414 -22.94 2.81 25.31
CA GLU B 414 -21.65 3.04 24.65
C GLU B 414 -21.47 4.54 24.44
N TYR B 415 -22.56 5.26 24.14
CA TYR B 415 -22.36 6.68 23.92
C TYR B 415 -22.01 7.32 25.26
N ASP B 416 -22.59 6.86 26.35
CA ASP B 416 -22.24 7.49 27.61
C ASP B 416 -20.76 7.21 27.94
N GLN B 417 -20.25 6.05 27.56
CA GLN B 417 -18.84 5.74 27.85
C GLN B 417 -17.95 6.70 27.08
N LEU B 418 -18.45 7.14 25.92
CA LEU B 418 -17.68 8.08 25.11
C LEU B 418 -17.52 9.38 25.88
N ARG B 419 -18.58 9.82 26.56
CA ARG B 419 -18.49 11.07 27.31
C ARG B 419 -17.83 10.96 28.69
N ALA B 420 -17.90 9.77 29.26
CA ALA B 420 -17.45 9.66 30.65
C ALA B 420 -16.01 10.10 30.97
N PRO B 421 -15.85 10.72 32.13
CA PRO B 421 -14.53 11.18 32.59
C PRO B 421 -13.67 9.98 33.01
N VAL B 422 -12.36 10.12 33.07
CA VAL B 422 -11.50 9.01 33.50
C VAL B 422 -10.66 9.69 34.56
N GLY B 423 -10.91 9.32 35.80
CA GLY B 423 -10.22 9.97 36.91
C GLY B 423 -10.42 11.47 36.84
N ARG B 424 -9.30 12.20 36.89
CA ARG B 424 -9.38 13.65 36.86
C ARG B 424 -9.45 14.18 35.42
N VAL B 425 -9.61 13.27 34.47
CA VAL B 425 -9.66 13.73 33.09
C VAL B 425 -11.12 13.79 32.61
N TYR B 426 -11.60 14.98 32.26
CA TYR B 426 -12.97 15.16 31.77
C TYR B 426 -13.00 15.38 30.26
N PHE B 427 -14.13 15.05 29.65
CA PHE B 427 -14.24 15.25 28.20
C PHE B 427 -15.40 16.16 27.85
N THR B 428 -15.26 16.93 26.78
CA THR B 428 -16.35 17.78 26.34
C THR B 428 -16.23 17.90 24.82
N GLY B 429 -17.17 18.58 24.17
CA GLY B 429 -17.11 18.72 22.71
C GLY B 429 -18.46 18.29 22.14
N GLU B 430 -18.71 18.65 20.88
CA GLU B 430 -19.97 18.29 20.23
C GLU B 430 -20.28 16.80 20.28
N HIS B 431 -19.24 15.97 20.24
CA HIS B 431 -19.45 14.51 20.26
C HIS B 431 -19.87 14.07 21.67
N THR B 432 -19.89 14.97 22.64
CA THR B 432 -20.34 14.57 23.98
C THR B 432 -21.73 15.13 24.32
N SER B 433 -22.41 15.73 23.37
CA SER B 433 -23.76 16.29 23.58
C SER B 433 -24.78 15.17 23.44
N GLU B 434 -25.60 14.85 24.45
CA GLU B 434 -26.49 13.72 24.16
C GLU B 434 -27.54 13.98 23.13
N HIS B 435 -28.08 15.17 23.12
CA HIS B 435 -29.13 15.39 22.14
C HIS B 435 -28.76 16.25 20.97
N TYR B 436 -27.62 16.91 21.02
CA TYR B 436 -27.29 17.75 19.87
C TYR B 436 -25.90 17.49 19.31
N ASN B 437 -25.49 16.22 19.25
CA ASN B 437 -24.16 15.90 18.77
C ASN B 437 -24.02 16.47 17.35
N GLY B 438 -22.84 16.96 17.01
CA GLY B 438 -22.59 17.53 15.69
C GLY B 438 -22.69 19.05 15.53
N TYR B 439 -23.53 19.72 16.31
CA TYR B 439 -23.81 21.15 16.16
C TYR B 439 -23.08 22.17 17.01
N VAL B 440 -23.05 23.41 16.55
CA VAL B 440 -22.43 24.45 17.38
C VAL B 440 -23.15 24.56 18.73
N HIS B 441 -24.47 24.49 18.68
CA HIS B 441 -25.18 24.57 19.94
C HIS B 441 -24.94 23.33 20.81
N GLY B 442 -24.67 22.22 20.15
CA GLY B 442 -24.35 21.05 20.97
C GLY B 442 -22.96 21.25 21.62
N ALA B 443 -22.02 21.86 20.90
CA ALA B 443 -20.70 22.11 21.51
C ALA B 443 -20.89 23.07 22.69
N TYR B 444 -21.66 24.13 22.44
CA TYR B 444 -21.85 25.13 23.50
C TYR B 444 -22.41 24.49 24.78
N LEU B 445 -23.50 23.73 24.62
CA LEU B 445 -24.12 23.08 25.77
C LEU B 445 -23.25 22.01 26.39
N SER B 446 -22.49 21.29 25.57
CA SER B 446 -21.66 20.19 26.14
C SER B 446 -20.61 20.86 27.02
N GLY B 447 -20.14 22.05 26.65
CA GLY B 447 -19.11 22.66 27.52
C GLY B 447 -19.66 22.95 28.92
N ILE B 448 -20.89 23.47 28.99
CA ILE B 448 -21.51 23.79 30.28
C ILE B 448 -21.78 22.50 31.01
N ASP B 449 -22.27 21.51 30.29
CA ASP B 449 -22.52 20.26 31.01
C ASP B 449 -21.30 19.57 31.59
N SER B 450 -20.21 19.53 30.84
CA SER B 450 -19.00 18.87 31.36
C SER B 450 -18.48 19.67 32.53
N ALA B 451 -18.48 20.99 32.39
CA ALA B 451 -17.98 21.85 33.48
C ALA B 451 -18.75 21.59 34.76
N GLU B 452 -20.06 21.41 34.61
CA GLU B 452 -20.86 21.16 35.80
C GLU B 452 -20.52 19.86 36.49
N ILE B 453 -20.24 18.83 35.71
CA ILE B 453 -19.89 17.58 36.36
C ILE B 453 -18.58 17.83 37.10
N LEU B 454 -17.69 18.59 36.46
CA LEU B 454 -16.44 18.84 37.15
C LEU B 454 -16.68 19.67 38.41
N ILE B 455 -17.56 20.65 38.32
CA ILE B 455 -17.88 21.47 39.48
C ILE B 455 -18.42 20.65 40.64
N ASN B 456 -19.27 19.68 40.34
CA ASN B 456 -19.78 18.84 41.43
C ASN B 456 -18.69 18.08 42.12
N CYS B 457 -17.76 17.58 41.32
CA CYS B 457 -16.71 16.79 41.93
C CYS B 457 -15.87 17.73 42.78
N ALA B 458 -15.39 18.78 42.14
CA ALA B 458 -14.53 19.74 42.81
C ALA B 458 -15.20 20.53 43.92
N GLN B 459 -16.45 20.94 43.75
CA GLN B 459 -16.96 21.78 44.82
C GLN B 459 -17.85 21.04 45.77
N LYS B 460 -18.58 20.05 45.29
CA LYS B 460 -19.49 19.40 46.21
C LYS B 460 -18.96 18.04 46.58
N LYS B 461 -17.73 17.79 46.15
CA LYS B 461 -17.18 16.49 46.45
C LYS B 461 -18.09 15.35 46.01
N MET B 462 -18.79 15.54 44.90
CA MET B 462 -19.59 14.45 44.36
C MET B 462 -18.80 14.07 43.10
N CYS B 463 -18.02 13.01 43.19
CA CYS B 463 -17.13 12.55 42.15
C CYS B 463 -17.49 11.30 41.36
N LYS B 464 -18.61 10.67 41.69
CA LYS B 464 -18.97 9.46 40.95
C LYS B 464 -19.69 9.84 39.66
N TYR B 465 -19.40 9.24 38.52
CA TYR B 465 -20.15 9.68 37.36
C TYR B 465 -21.57 9.18 37.08
N HIS B 466 -21.77 7.92 36.68
CA HIS B 466 -23.12 7.42 36.39
C HIS B 466 -23.23 6.02 36.98
N PRO C 5 60.62 -29.23 6.31
CA PRO C 5 59.41 -28.77 6.98
C PRO C 5 58.23 -28.78 6.01
N ARG C 6 57.07 -29.08 6.55
CA ARG C 6 55.87 -29.13 5.74
C ARG C 6 55.24 -27.75 5.88
N VAL C 7 54.88 -27.16 4.75
CA VAL C 7 54.27 -25.83 4.75
C VAL C 7 53.00 -25.92 3.92
N ILE C 8 51.93 -25.44 4.51
CA ILE C 8 50.65 -25.35 3.81
C ILE C 8 50.52 -23.89 3.33
N VAL C 9 50.18 -23.76 2.05
CA VAL C 9 50.01 -22.43 1.45
C VAL C 9 48.55 -22.28 1.14
N VAL C 10 47.95 -21.28 1.77
CA VAL C 10 46.53 -21.00 1.54
C VAL C 10 46.40 -20.05 0.34
N GLY C 11 45.83 -20.56 -0.75
CA GLY C 11 45.57 -19.77 -1.97
C GLY C 11 46.56 -19.99 -3.08
N ALA C 12 46.05 -20.15 -4.31
CA ALA C 12 46.89 -20.37 -5.46
C ALA C 12 46.82 -19.21 -6.47
N GLY C 13 46.86 -18.00 -5.95
CA GLY C 13 46.87 -16.75 -6.71
C GLY C 13 48.35 -16.52 -7.06
N MET C 14 48.67 -15.37 -7.64
CA MET C 14 50.09 -15.12 -7.99
C MET C 14 51.03 -15.27 -6.78
N SER C 15 50.66 -14.68 -5.64
CA SER C 15 51.60 -14.72 -4.51
C SER C 15 51.72 -16.11 -3.92
N GLY C 16 50.61 -16.86 -3.86
CA GLY C 16 50.72 -18.24 -3.34
C GLY C 16 51.62 -19.11 -4.23
N ILE C 17 51.43 -19.04 -5.54
CA ILE C 17 52.24 -19.86 -6.44
C ILE C 17 53.69 -19.39 -6.43
N SER C 18 53.89 -18.08 -6.39
CA SER C 18 55.25 -17.55 -6.34
C SER C 18 55.95 -17.94 -5.02
N ALA C 19 55.24 -17.87 -3.90
CA ALA C 19 55.84 -18.27 -2.61
C ALA C 19 56.18 -19.77 -2.64
N ALA C 20 55.25 -20.61 -3.05
CA ALA C 20 55.55 -22.02 -3.09
C ALA C 20 56.70 -22.27 -4.04
N LYS C 21 56.78 -21.51 -5.11
CA LYS C 21 57.89 -21.74 -6.02
C LYS C 21 59.20 -21.43 -5.33
N ARG C 22 59.24 -20.35 -4.57
CA ARG C 22 60.50 -20.03 -3.93
C ARG C 22 60.86 -21.04 -2.83
N LEU C 23 59.85 -21.58 -2.17
CA LEU C 23 60.07 -22.56 -1.10
C LEU C 23 60.70 -23.79 -1.73
N SER C 24 60.08 -24.20 -2.83
CA SER C 24 60.56 -25.37 -3.53
C SER C 24 62.02 -25.14 -3.91
N GLU C 25 62.35 -23.93 -4.31
CA GLU C 25 63.73 -23.73 -4.67
C GLU C 25 64.69 -23.82 -3.49
N ALA C 26 64.22 -23.63 -2.27
CA ALA C 26 65.10 -23.66 -1.09
C ALA C 26 65.15 -25.11 -0.68
N GLY C 27 64.43 -25.94 -1.41
CA GLY C 27 64.47 -27.33 -1.03
C GLY C 27 63.28 -27.65 -0.16
N ILE C 28 62.40 -26.70 0.10
CA ILE C 28 61.24 -27.08 0.89
C ILE C 28 60.17 -27.56 -0.06
N THR C 29 60.09 -28.87 -0.26
CA THR C 29 59.14 -29.44 -1.20
C THR C 29 57.95 -30.10 -0.56
N ASP C 30 57.97 -30.28 0.75
CA ASP C 30 56.80 -30.89 1.39
C ASP C 30 55.82 -29.74 1.58
N LEU C 31 55.16 -29.42 0.47
CA LEU C 31 54.18 -28.32 0.37
C LEU C 31 52.77 -28.80 0.12
N LEU C 32 51.77 -28.05 0.57
CA LEU C 32 50.38 -28.39 0.31
C LEU C 32 49.70 -27.05 0.00
N ILE C 33 49.33 -26.82 -1.25
CA ILE C 33 48.65 -25.59 -1.62
C ILE C 33 47.15 -25.84 -1.68
N LEU C 34 46.40 -25.16 -0.80
CA LEU C 34 44.95 -25.30 -0.76
C LEU C 34 44.31 -24.06 -1.37
N GLU C 35 43.60 -24.25 -2.48
CA GLU C 35 42.95 -23.17 -3.24
C GLU C 35 41.45 -23.33 -3.14
N ALA C 36 40.81 -22.24 -2.76
CA ALA C 36 39.37 -22.28 -2.58
C ALA C 36 38.59 -22.56 -3.87
N THR C 37 39.00 -21.96 -4.98
CA THR C 37 38.19 -22.13 -6.19
C THR C 37 38.59 -23.34 -6.98
N ASP C 38 38.01 -23.48 -8.16
CA ASP C 38 38.38 -24.62 -8.97
C ASP C 38 39.54 -24.32 -9.91
N HIS C 39 40.32 -23.28 -9.68
CA HIS C 39 41.44 -23.04 -10.60
C HIS C 39 42.44 -22.15 -9.88
N ILE C 40 43.63 -22.03 -10.45
CA ILE C 40 44.67 -21.14 -9.93
C ILE C 40 44.64 -19.77 -10.65
N GLY C 41 45.38 -18.78 -10.13
CA GLY C 41 45.44 -17.45 -10.75
C GLY C 41 44.76 -16.34 -9.93
N GLY C 42 43.75 -16.71 -9.15
CA GLY C 42 43.05 -15.74 -8.30
C GLY C 42 42.59 -14.50 -9.06
N ARG C 43 43.12 -13.35 -8.67
CA ARG C 43 42.72 -12.07 -9.25
C ARG C 43 43.16 -11.82 -10.70
N MET C 44 43.89 -12.78 -11.28
CA MET C 44 44.32 -12.77 -12.70
C MET C 44 43.44 -13.87 -13.26
N HIS C 45 42.34 -13.44 -13.85
CA HIS C 45 41.38 -14.39 -14.33
C HIS C 45 40.51 -13.90 -15.49
N LYS C 46 40.55 -14.71 -16.55
CA LYS C 46 39.83 -14.35 -17.77
C LYS C 46 38.48 -15.00 -17.86
N THR C 47 37.63 -14.54 -18.77
CA THR C 47 36.37 -15.22 -18.97
C THR C 47 35.86 -14.97 -20.38
N ASN C 48 35.07 -15.89 -20.89
CA ASN C 48 34.60 -15.65 -22.26
C ASN C 48 33.48 -14.63 -22.28
N PHE C 49 33.54 -13.62 -23.14
CA PHE C 49 32.42 -12.69 -23.18
C PHE C 49 32.35 -12.33 -24.65
N ALA C 50 31.13 -12.43 -25.16
CA ALA C 50 30.89 -12.04 -26.55
C ALA C 50 31.86 -12.80 -27.45
N GLY C 51 32.06 -14.07 -27.11
CA GLY C 51 33.00 -14.84 -27.90
C GLY C 51 34.47 -14.44 -27.85
N ILE C 52 34.92 -13.72 -26.83
CA ILE C 52 36.34 -13.44 -26.70
C ILE C 52 36.61 -13.59 -25.21
N ASN C 53 37.86 -13.86 -24.87
CA ASN C 53 38.24 -13.97 -23.47
C ASN C 53 38.67 -12.56 -23.07
N VAL C 54 38.05 -12.02 -22.03
CA VAL C 54 38.40 -10.70 -21.51
C VAL C 54 38.84 -10.96 -20.08
N GLU C 55 39.56 -9.99 -19.54
CA GLU C 55 40.06 -10.11 -18.16
C GLU C 55 39.03 -9.60 -17.15
N LEU C 56 38.64 -10.42 -16.18
CA LEU C 56 37.73 -9.93 -15.15
C LEU C 56 38.52 -9.18 -14.08
N GLY C 57 39.83 -9.43 -14.02
CA GLY C 57 40.65 -8.82 -12.97
C GLY C 57 41.85 -8.10 -13.59
N ALA C 58 43.09 -8.36 -13.17
CA ALA C 58 44.20 -7.60 -13.70
C ALA C 58 44.22 -7.62 -15.22
N ASN C 59 44.67 -6.56 -15.90
CA ASN C 59 44.68 -6.58 -17.37
C ASN C 59 45.95 -5.94 -17.91
N TRP C 60 46.65 -5.13 -17.10
CA TRP C 60 47.86 -4.47 -17.55
C TRP C 60 49.12 -4.92 -16.81
N VAL C 61 50.25 -4.83 -17.48
CA VAL C 61 51.53 -4.97 -16.84
C VAL C 61 51.83 -3.48 -16.68
N GLU C 62 51.86 -3.00 -15.43
CA GLU C 62 52.11 -1.58 -15.14
C GLU C 62 53.53 -1.30 -14.67
N GLY C 63 54.18 -0.31 -15.27
CA GLY C 63 55.54 0.06 -14.94
C GLY C 63 56.46 -0.67 -15.88
N VAL C 64 56.74 -0.07 -17.03
CA VAL C 64 57.59 -0.70 -18.04
C VAL C 64 58.36 0.45 -18.69
N ASN C 65 59.54 0.10 -19.17
CA ASN C 65 60.43 1.02 -19.87
C ASN C 65 61.21 1.92 -18.93
N GLY C 66 61.15 1.64 -17.64
CA GLY C 66 61.88 2.47 -16.70
C GLY C 66 63.31 2.00 -16.41
N GLY C 67 63.84 2.49 -15.30
CA GLY C 67 65.20 2.24 -14.85
C GLY C 67 65.45 0.82 -14.37
N LYS C 68 64.45 0.12 -13.86
CA LYS C 68 64.66 -1.24 -13.42
C LYS C 68 63.62 -2.02 -14.22
N MET C 69 63.86 -3.30 -14.44
CA MET C 69 62.92 -4.13 -15.19
C MET C 69 61.81 -4.67 -14.31
N ASN C 70 60.55 -4.49 -14.70
CA ASN C 70 59.47 -5.05 -13.90
C ASN C 70 59.55 -6.56 -14.16
N PRO C 71 59.63 -7.36 -13.11
CA PRO C 71 59.83 -8.80 -13.28
C PRO C 71 58.77 -9.51 -14.07
N ILE C 72 57.57 -8.95 -14.10
CA ILE C 72 56.55 -9.64 -14.88
C ILE C 72 56.70 -9.41 -16.39
N TRP C 73 57.29 -8.27 -16.71
CA TRP C 73 57.36 -7.88 -18.12
C TRP C 73 58.02 -8.89 -19.04
N PRO C 74 59.19 -9.35 -18.65
CA PRO C 74 59.85 -10.31 -19.51
C PRO C 74 59.02 -11.57 -19.67
N ILE C 75 58.30 -11.93 -18.61
CA ILE C 75 57.57 -13.19 -18.76
C ILE C 75 56.49 -12.94 -19.80
N VAL C 76 55.87 -11.77 -19.69
CA VAL C 76 54.78 -11.50 -20.62
C VAL C 76 55.20 -11.26 -22.06
N ASN C 77 56.18 -10.37 -22.17
CA ASN C 77 56.63 -9.93 -23.48
C ASN C 77 57.63 -10.81 -24.15
N SER C 78 58.29 -11.66 -23.38
CA SER C 78 59.31 -12.47 -24.01
C SER C 78 59.16 -13.96 -23.80
N THR C 79 58.95 -14.37 -22.56
CA THR C 79 58.84 -15.81 -22.43
C THR C 79 57.57 -16.30 -23.06
N LEU C 80 56.44 -15.68 -22.73
CA LEU C 80 55.20 -16.21 -23.27
C LEU C 80 54.76 -15.49 -24.52
N LYS C 81 55.28 -14.28 -24.73
CA LYS C 81 54.87 -13.48 -25.87
C LYS C 81 53.37 -13.30 -25.87
N LEU C 82 52.77 -12.88 -24.76
CA LEU C 82 51.32 -12.69 -24.79
C LEU C 82 51.08 -11.41 -25.61
N ARG C 83 50.02 -11.40 -26.40
CA ARG C 83 49.69 -10.23 -27.23
C ARG C 83 49.36 -9.05 -26.33
N ASN C 84 49.95 -7.90 -26.62
CA ASN C 84 49.73 -6.75 -25.76
C ASN C 84 49.90 -5.41 -26.46
N PHE C 85 49.42 -4.35 -25.83
CA PHE C 85 49.42 -3.03 -26.46
C PHE C 85 49.73 -1.95 -25.44
N ARG C 86 50.63 -1.03 -25.78
CA ARG C 86 50.93 0.06 -24.86
C ARG C 86 49.71 0.99 -24.79
N SER C 87 49.26 1.39 -23.61
CA SER C 87 48.11 2.31 -23.56
C SER C 87 48.64 3.72 -23.69
N ASP C 88 48.01 4.55 -24.52
CA ASP C 88 48.49 5.92 -24.69
C ASP C 88 47.36 6.83 -24.22
N PHE C 89 47.60 7.61 -23.18
CA PHE C 89 46.61 8.55 -22.63
C PHE C 89 46.74 9.98 -23.13
N ASP C 90 47.66 10.22 -24.05
CA ASP C 90 47.92 11.56 -24.57
C ASP C 90 46.77 12.28 -25.27
N TYR C 91 45.75 11.56 -25.73
CA TYR C 91 44.63 12.19 -26.42
C TYR C 91 43.38 12.47 -25.62
N LEU C 92 43.48 12.26 -24.32
CA LEU C 92 42.29 12.48 -23.50
C LEU C 92 41.61 13.83 -23.68
N ALA C 93 42.38 14.90 -23.88
CA ALA C 93 41.74 16.21 -23.97
C ALA C 93 40.77 16.25 -25.13
N GLN C 94 40.93 15.33 -26.08
CA GLN C 94 40.01 15.32 -27.23
C GLN C 94 38.82 14.42 -26.97
N ASN C 95 38.75 13.78 -25.80
CA ASN C 95 37.69 12.80 -25.58
C ASN C 95 36.94 12.86 -24.27
N VAL C 96 36.59 14.07 -23.85
CA VAL C 96 35.87 14.21 -22.60
C VAL C 96 34.47 14.65 -23.00
N TYR C 97 33.49 13.79 -22.72
CA TYR C 97 32.12 14.09 -23.10
C TYR C 97 31.36 14.85 -22.04
N LYS C 98 30.56 15.81 -22.49
CA LYS C 98 29.73 16.60 -21.60
C LYS C 98 28.56 15.75 -21.10
N GLU C 99 28.03 16.08 -19.93
CA GLU C 99 26.91 15.30 -19.39
C GLU C 99 25.76 15.10 -20.37
N ASP C 100 25.48 16.13 -21.16
CA ASP C 100 24.42 16.03 -22.16
C ASP C 100 24.85 15.85 -23.61
N GLY C 101 26.10 15.50 -23.89
CA GLY C 101 26.35 15.28 -25.30
C GLY C 101 27.48 16.07 -25.92
N GLY C 102 28.28 15.37 -26.72
CA GLY C 102 29.44 15.95 -27.38
C GLY C 102 30.64 16.18 -26.45
N VAL C 103 31.81 16.33 -27.07
CA VAL C 103 33.02 16.51 -26.31
C VAL C 103 33.22 17.99 -26.01
N TYR C 104 33.96 18.30 -24.94
CA TYR C 104 34.28 19.67 -24.62
C TYR C 104 35.40 20.02 -25.61
N ASP C 105 35.68 21.31 -25.69
CA ASP C 105 36.81 21.84 -26.48
C ASP C 105 38.13 21.30 -25.95
N GLU C 106 38.90 20.81 -26.91
CA GLU C 106 40.18 20.22 -26.60
C GLU C 106 41.07 21.17 -25.85
N ASP C 107 41.16 22.41 -26.32
CA ASP C 107 42.07 23.32 -25.65
C ASP C 107 41.67 23.55 -24.22
N TYR C 108 40.37 23.60 -24.00
CA TYR C 108 39.92 23.85 -22.64
C TYR C 108 40.30 22.68 -21.75
N VAL C 109 39.98 21.49 -22.24
CA VAL C 109 40.30 20.31 -21.44
C VAL C 109 41.80 20.20 -21.17
N GLN C 110 42.64 20.38 -22.19
CA GLN C 110 44.09 20.30 -21.98
C GLN C 110 44.55 21.23 -20.85
N LYS C 111 43.95 22.42 -20.78
CA LYS C 111 44.36 23.32 -19.71
C LYS C 111 44.02 22.74 -18.35
N ARG C 112 42.84 22.14 -18.22
CA ARG C 112 42.41 21.55 -16.95
C ARG C 112 43.34 20.39 -16.60
N ILE C 113 43.74 19.61 -17.59
CA ILE C 113 44.62 18.50 -17.32
C ILE C 113 45.96 19.03 -16.90
N GLU C 114 46.44 20.04 -17.62
CA GLU C 114 47.75 20.56 -17.23
C GLU C 114 47.77 21.10 -15.81
N LEU C 115 46.65 21.71 -15.48
CA LEU C 115 46.57 22.25 -14.13
C LEU C 115 46.62 21.09 -13.12
N ALA C 116 45.88 20.03 -13.38
CA ALA C 116 45.80 18.91 -12.43
C ALA C 116 47.16 18.24 -12.29
N ASP C 117 47.84 18.14 -13.42
CA ASP C 117 49.15 17.51 -13.37
C ASP C 117 50.16 18.35 -12.59
N SER C 118 50.15 19.67 -12.79
CA SER C 118 51.11 20.49 -12.06
C SER C 118 50.81 20.42 -10.57
N VAL C 119 49.54 20.34 -10.19
CA VAL C 119 49.24 20.22 -8.76
C VAL C 119 49.82 18.91 -8.25
N GLU C 120 49.66 17.83 -8.99
CA GLU C 120 50.23 16.58 -8.48
C GLU C 120 51.75 16.65 -8.37
N GLU C 121 52.36 17.32 -9.33
CA GLU C 121 53.83 17.44 -9.34
C GLU C 121 54.26 18.17 -8.09
N MET C 122 53.53 19.20 -7.72
CA MET C 122 53.90 19.90 -6.50
C MET C 122 53.68 18.98 -5.31
N GLY C 123 52.68 18.08 -5.39
CA GLY C 123 52.44 17.15 -4.27
C GLY C 123 53.63 16.21 -4.12
N GLU C 124 54.21 15.82 -5.26
CA GLU C 124 55.38 14.94 -5.18
C GLU C 124 56.54 15.60 -4.45
N LYS C 125 56.73 16.88 -4.68
CA LYS C 125 57.83 17.55 -4.01
C LYS C 125 57.54 17.61 -2.52
N LEU C 126 56.30 17.93 -2.14
CA LEU C 126 55.93 18.04 -0.72
C LEU C 126 56.16 16.67 -0.10
N SER C 127 55.67 15.67 -0.82
CA SER C 127 55.81 14.32 -0.30
C SER C 127 57.24 13.97 0.08
N ALA C 128 58.20 14.31 -0.77
CA ALA C 128 59.59 13.97 -0.54
C ALA C 128 60.09 14.48 0.82
N THR C 129 59.53 15.59 1.29
CA THR C 129 60.01 16.17 2.54
C THR C 129 59.29 15.72 3.77
N LEU C 130 58.22 14.92 3.71
CA LEU C 130 57.48 14.55 4.91
C LEU C 130 58.28 13.62 5.80
N HIS C 131 58.08 13.70 7.11
CA HIS C 131 58.82 12.83 8.02
C HIS C 131 58.52 11.34 7.79
N ALA C 132 59.57 10.54 7.83
CA ALA C 132 59.45 9.10 7.56
C ALA C 132 58.49 8.39 8.52
N SER C 133 58.25 9.00 9.68
CA SER C 133 57.35 8.28 10.56
C SER C 133 55.93 8.37 10.04
N GLY C 134 55.62 9.28 9.12
CA GLY C 134 54.25 9.40 8.63
C GLY C 134 53.46 10.43 9.44
N ARG C 135 54.09 11.03 10.43
CA ARG C 135 53.38 12.00 11.26
C ARG C 135 52.92 13.21 10.46
N ASP C 136 53.52 13.47 9.32
CA ASP C 136 53.08 14.70 8.66
C ASP C 136 52.18 14.30 7.50
N ASP C 137 51.78 13.05 7.40
CA ASP C 137 51.01 12.72 6.17
C ASP C 137 49.67 13.43 6.07
N MET C 138 49.11 13.47 4.88
CA MET C 138 47.78 14.08 4.71
C MET C 138 47.16 13.40 3.48
N SER C 139 45.86 13.61 3.26
CA SER C 139 45.30 12.98 2.06
C SER C 139 45.76 13.70 0.80
N ILE C 140 45.56 13.05 -0.35
CA ILE C 140 45.90 13.69 -1.61
C ILE C 140 44.99 14.90 -1.76
N LEU C 141 43.75 14.80 -1.30
CA LEU C 141 42.91 15.99 -1.43
C LEU C 141 43.42 17.17 -0.62
N ALA C 142 43.91 16.95 0.60
CA ALA C 142 44.43 18.09 1.36
C ALA C 142 45.57 18.72 0.55
N MET C 143 46.39 17.88 -0.05
CA MET C 143 47.49 18.46 -0.82
C MET C 143 46.91 19.25 -1.98
N GLN C 144 45.81 18.76 -2.55
CA GLN C 144 45.23 19.49 -3.68
C GLN C 144 44.72 20.86 -3.27
N ARG C 145 43.99 20.93 -2.16
CA ARG C 145 43.50 22.27 -1.74
C ARG C 145 44.67 23.23 -1.50
N LEU C 146 45.69 22.70 -0.84
CA LEU C 146 46.86 23.46 -0.45
C LEU C 146 47.46 23.98 -1.72
N ASN C 147 47.55 23.15 -2.75
CA ASN C 147 48.19 23.62 -3.98
C ASN C 147 47.35 24.45 -4.92
N GLU C 148 46.03 24.34 -4.81
CA GLU C 148 45.19 25.15 -5.68
C GLU C 148 44.69 26.32 -4.85
N HIS C 149 44.99 26.38 -3.56
CA HIS C 149 44.41 27.44 -2.75
C HIS C 149 42.91 27.50 -2.91
N GLN C 150 42.23 26.43 -2.53
CA GLN C 150 40.78 26.48 -2.60
C GLN C 150 40.34 25.66 -1.42
N PRO C 151 39.08 25.81 -1.06
CA PRO C 151 38.44 25.04 0.01
C PRO C 151 37.88 23.71 -0.50
N ASN C 152 38.26 23.30 -1.70
CA ASN C 152 37.74 22.01 -2.16
C ASN C 152 38.73 21.57 -3.22
N GLY C 153 38.65 20.30 -3.61
CA GLY C 153 39.51 19.83 -4.70
C GLY C 153 38.64 19.99 -5.95
N PRO C 154 39.04 19.33 -7.03
CA PRO C 154 38.25 19.37 -8.28
C PRO C 154 36.75 19.24 -7.98
N ALA C 155 35.96 20.20 -8.46
CA ALA C 155 34.54 20.19 -8.16
C ALA C 155 33.60 20.45 -9.34
N THR C 156 34.09 20.85 -10.50
CA THR C 156 33.21 20.97 -11.67
C THR C 156 33.24 19.60 -12.36
N PRO C 157 32.26 19.36 -13.23
CA PRO C 157 32.21 18.07 -13.92
C PRO C 157 33.48 17.69 -14.68
N VAL C 158 34.07 18.57 -15.48
CA VAL C 158 35.28 18.14 -16.19
C VAL C 158 36.46 17.93 -15.22
N ASP C 159 36.57 18.82 -14.23
CA ASP C 159 37.69 18.69 -13.31
C ASP C 159 37.55 17.43 -12.50
N MET C 160 36.31 17.13 -12.11
CA MET C 160 36.13 15.93 -11.31
C MET C 160 36.45 14.67 -12.08
N VAL C 161 36.07 14.63 -13.36
CA VAL C 161 36.34 13.39 -14.10
C VAL C 161 37.81 13.32 -14.46
N VAL C 162 38.46 14.47 -14.60
CA VAL C 162 39.89 14.36 -14.87
C VAL C 162 40.54 13.82 -13.59
N ASP C 163 40.06 14.28 -12.44
CA ASP C 163 40.59 13.86 -11.12
C ASP C 163 40.39 12.34 -10.90
N TYR C 164 39.22 11.86 -11.27
CA TYR C 164 38.88 10.44 -11.11
C TYR C 164 39.78 9.58 -12.00
N TYR C 165 39.97 10.05 -13.23
CA TYR C 165 40.87 9.35 -14.15
C TYR C 165 42.29 9.37 -13.57
N LYS C 166 42.74 10.48 -13.01
CA LYS C 166 44.11 10.48 -12.51
C LYS C 166 44.32 9.66 -11.25
N PHE C 167 43.34 9.62 -10.35
CA PHE C 167 43.53 8.94 -9.08
C PHE C 167 42.67 7.69 -8.90
N ASP C 168 41.35 7.88 -8.87
CA ASP C 168 40.44 6.76 -8.64
C ASP C 168 40.65 5.63 -9.64
N TYR C 169 40.94 5.97 -10.90
CA TYR C 169 41.09 4.90 -11.88
C TYR C 169 42.35 4.10 -11.62
N GLU C 170 43.24 4.61 -10.76
CA GLU C 170 44.45 3.84 -10.48
C GLU C 170 44.36 3.19 -9.12
N PHE C 171 43.84 3.93 -8.15
CA PHE C 171 43.80 3.42 -6.78
C PHE C 171 42.47 2.87 -6.36
N ALA C 172 41.41 3.13 -7.11
CA ALA C 172 40.09 2.66 -6.69
C ALA C 172 39.41 3.29 -5.47
N GLU C 173 39.96 4.39 -4.95
CA GLU C 173 39.27 5.15 -3.89
C GLU C 173 39.65 6.59 -4.24
N PRO C 174 38.92 7.51 -3.65
CA PRO C 174 39.17 8.93 -3.91
C PRO C 174 40.39 9.44 -3.17
N PRO C 175 40.89 10.53 -3.73
CA PRO C 175 42.07 11.19 -3.21
C PRO C 175 41.85 11.54 -1.76
N ARG C 176 40.62 11.88 -1.43
CA ARG C 176 40.47 12.24 -0.03
C ARG C 176 40.66 11.15 1.00
N VAL C 177 40.75 9.89 0.62
CA VAL C 177 41.02 8.96 1.74
C VAL C 177 42.41 8.38 1.51
N THR C 178 43.04 8.72 0.40
CA THR C 178 44.31 8.07 0.06
C THR C 178 45.53 8.80 0.60
N SER C 179 46.52 8.09 1.11
CA SER C 179 47.71 8.72 1.69
C SER C 179 48.59 9.40 0.63
N LEU C 180 48.88 10.68 0.82
CA LEU C 180 49.76 11.32 -0.15
C LEU C 180 51.17 10.72 -0.12
N GLN C 181 51.70 10.63 1.09
CA GLN C 181 53.08 10.20 1.27
C GLN C 181 53.36 8.87 0.63
N ASN C 182 52.41 7.97 0.71
CA ASN C 182 52.67 6.63 0.19
C ASN C 182 52.10 6.36 -1.20
N THR C 183 51.61 7.35 -1.93
CA THR C 183 51.11 7.05 -3.27
C THR C 183 51.56 8.09 -4.28
N VAL C 184 52.10 9.21 -3.81
CA VAL C 184 52.52 10.24 -4.76
C VAL C 184 53.93 10.66 -4.42
N PRO C 185 54.92 10.33 -5.24
CA PRO C 185 54.77 9.52 -6.46
C PRO C 185 54.66 8.05 -6.06
N LEU C 186 54.42 7.16 -7.03
CA LEU C 186 54.27 5.73 -6.72
C LEU C 186 55.49 4.93 -7.17
N ALA C 187 55.99 4.03 -6.32
CA ALA C 187 57.19 3.27 -6.67
C ALA C 187 57.15 2.46 -7.96
N THR C 188 55.97 1.92 -8.23
CA THR C 188 55.82 1.11 -9.42
C THR C 188 56.31 1.89 -10.62
N PHE C 189 55.85 3.13 -10.74
CA PHE C 189 56.24 3.93 -11.89
C PHE C 189 57.59 4.57 -11.70
N SER C 190 57.93 4.95 -10.48
CA SER C 190 59.26 5.51 -10.34
C SER C 190 60.30 4.44 -10.60
N ASP C 191 60.09 3.22 -10.12
CA ASP C 191 61.15 2.25 -10.37
C ASP C 191 61.12 1.61 -11.76
N PHE C 192 59.93 1.16 -12.16
CA PHE C 192 59.84 0.40 -13.42
C PHE C 192 59.53 1.12 -14.74
N GLY C 193 59.09 2.38 -14.66
CA GLY C 193 58.77 3.06 -15.90
C GLY C 193 57.35 3.62 -15.90
N ASP C 194 57.11 4.64 -16.70
CA ASP C 194 55.78 5.23 -16.70
C ASP C 194 54.82 4.56 -17.63
N ASP C 195 55.26 3.64 -18.47
CA ASP C 195 54.30 3.02 -19.39
C ASP C 195 53.53 1.86 -18.81
N VAL C 196 52.40 1.57 -19.45
CA VAL C 196 51.58 0.43 -19.04
C VAL C 196 51.17 -0.29 -20.33
N TYR C 197 51.13 -1.62 -20.26
CA TYR C 197 50.77 -2.41 -21.41
C TYR C 197 49.57 -3.32 -21.15
N PHE C 198 48.55 -3.20 -21.99
CA PHE C 198 47.29 -3.93 -21.86
C PHE C 198 47.46 -5.31 -22.50
N VAL C 199 47.26 -6.36 -21.72
CA VAL C 199 47.42 -7.73 -22.21
C VAL C 199 46.10 -8.18 -22.85
N ALA C 200 46.15 -8.60 -24.11
CA ALA C 200 44.93 -9.05 -24.80
C ALA C 200 45.28 -10.29 -25.60
N ASP C 201 45.30 -11.40 -24.88
CA ASP C 201 45.68 -12.67 -25.47
C ASP C 201 44.66 -13.70 -25.00
N GLN C 202 44.25 -14.56 -25.92
CA GLN C 202 43.27 -15.58 -25.57
C GLN C 202 43.75 -16.45 -24.41
N ARG C 203 45.07 -16.59 -24.26
CA ARG C 203 45.60 -17.40 -23.17
C ARG C 203 45.37 -16.72 -21.84
N GLY C 204 45.13 -15.42 -21.85
CA GLY C 204 44.87 -14.73 -20.57
C GLY C 204 46.15 -14.29 -19.86
N TYR C 205 46.06 -13.19 -19.11
CA TYR C 205 47.21 -12.68 -18.34
C TYR C 205 47.56 -13.77 -17.30
N GLU C 206 46.55 -14.55 -16.89
CA GLU C 206 46.79 -15.62 -15.92
C GLU C 206 47.79 -16.65 -16.45
N ALA C 207 48.06 -16.64 -17.74
CA ALA C 207 49.05 -17.61 -18.20
C ALA C 207 50.38 -17.39 -17.46
N VAL C 208 50.59 -16.16 -17.00
CA VAL C 208 51.84 -15.91 -16.30
C VAL C 208 51.89 -16.82 -15.06
N VAL C 209 50.77 -16.89 -14.37
CA VAL C 209 50.71 -17.69 -13.16
C VAL C 209 50.83 -19.16 -13.55
N TYR C 210 50.15 -19.59 -14.62
CA TYR C 210 50.29 -20.99 -14.97
C TYR C 210 51.72 -21.32 -15.33
N TYR C 211 52.42 -20.39 -15.93
CA TYR C 211 53.81 -20.65 -16.27
C TYR C 211 54.67 -20.80 -15.01
N LEU C 212 54.45 -19.97 -14.00
CA LEU C 212 55.33 -20.12 -12.84
C LEU C 212 55.03 -21.45 -12.15
N ALA C 213 53.77 -21.84 -12.06
CA ALA C 213 53.37 -23.07 -11.37
C ALA C 213 54.02 -24.29 -12.01
N GLY C 214 54.11 -24.21 -13.32
CA GLY C 214 54.62 -25.34 -14.09
C GLY C 214 56.12 -25.48 -13.90
N GLN C 215 56.73 -24.47 -13.32
CA GLN C 215 58.16 -24.64 -13.13
C GLN C 215 58.43 -25.56 -11.95
N TYR C 216 57.45 -25.92 -11.14
CA TYR C 216 57.80 -26.80 -10.02
C TYR C 216 56.68 -27.78 -9.72
N LEU C 217 55.49 -27.55 -10.27
CA LEU C 217 54.45 -28.51 -9.96
C LEU C 217 54.37 -29.46 -11.13
N LYS C 218 54.01 -30.69 -10.85
CA LYS C 218 53.92 -31.61 -11.98
C LYS C 218 52.68 -31.42 -12.85
N THR C 219 52.90 -31.62 -14.15
CA THR C 219 51.83 -31.46 -15.12
C THR C 219 51.84 -32.65 -16.09
N ASP C 220 50.65 -32.95 -16.61
CA ASP C 220 50.44 -34.03 -17.57
C ASP C 220 51.28 -33.79 -18.82
N ASP C 221 52.08 -34.79 -19.17
CA ASP C 221 52.96 -34.67 -20.33
C ASP C 221 52.16 -34.38 -21.59
N LYS C 222 50.90 -34.79 -21.57
CA LYS C 222 50.01 -34.60 -22.70
C LYS C 222 49.23 -33.30 -22.55
N SER C 223 48.22 -33.31 -21.68
CA SER C 223 47.38 -32.13 -21.47
C SER C 223 48.15 -30.92 -21.00
N GLY C 224 49.33 -31.09 -20.41
CA GLY C 224 50.02 -29.91 -19.93
C GLY C 224 49.35 -29.42 -18.64
N LYS C 225 48.26 -30.06 -18.24
CA LYS C 225 47.57 -29.70 -17.00
C LYS C 225 48.41 -30.05 -15.77
N ILE C 226 48.27 -29.25 -14.71
CA ILE C 226 49.03 -29.54 -13.50
C ILE C 226 48.39 -30.75 -12.85
N VAL C 227 49.20 -31.74 -12.52
CA VAL C 227 48.58 -32.88 -11.87
C VAL C 227 49.23 -33.20 -10.52
N ASP C 228 50.13 -32.34 -10.06
CA ASP C 228 50.79 -32.50 -8.77
C ASP C 228 49.80 -32.59 -7.60
N PRO C 229 49.90 -33.64 -6.81
CA PRO C 229 48.93 -33.76 -5.72
C PRO C 229 49.24 -32.71 -4.64
N ARG C 230 50.34 -31.97 -4.77
CA ARG C 230 50.58 -30.98 -3.74
C ARG C 230 49.66 -29.78 -3.94
N LEU C 231 48.92 -29.75 -5.05
CA LEU C 231 48.00 -28.64 -5.34
C LEU C 231 46.60 -29.16 -5.13
N GLN C 232 45.77 -28.57 -4.28
CA GLN C 232 44.44 -29.17 -4.16
C GLN C 232 43.42 -28.08 -4.31
N LEU C 233 42.60 -28.17 -5.34
CA LEU C 233 41.55 -27.20 -5.60
C LEU C 233 40.27 -27.43 -4.84
N ASN C 234 39.37 -26.45 -4.90
CA ASN C 234 38.12 -26.57 -4.16
C ASN C 234 38.32 -26.86 -2.68
N LYS C 235 39.42 -26.39 -2.10
CA LYS C 235 39.68 -26.54 -0.66
C LYS C 235 39.54 -25.16 0.03
N VAL C 236 38.39 -24.86 0.61
CA VAL C 236 38.17 -23.57 1.27
C VAL C 236 38.62 -23.64 2.73
N VAL C 237 39.75 -23.01 3.04
CA VAL C 237 40.22 -23.01 4.41
C VAL C 237 39.27 -22.22 5.30
N ARG C 238 38.77 -22.78 6.39
CA ARG C 238 37.88 -22.02 7.26
C ARG C 238 38.48 -21.85 8.68
N GLU C 239 39.50 -22.62 9.00
CA GLU C 239 40.10 -22.48 10.33
C GLU C 239 41.58 -22.80 10.32
N ILE C 240 42.33 -22.01 11.09
CA ILE C 240 43.77 -22.25 11.15
C ILE C 240 44.09 -22.24 12.65
N LYS C 241 44.54 -23.37 13.18
CA LYS C 241 44.91 -23.50 14.61
C LYS C 241 46.42 -23.46 14.65
N TYR C 242 47.03 -22.76 15.61
CA TYR C 242 48.51 -22.75 15.59
C TYR C 242 49.03 -22.78 17.02
N SER C 243 50.23 -23.32 17.23
CA SER C 243 50.73 -23.35 18.59
C SER C 243 52.21 -23.09 18.35
N PRO C 244 52.98 -23.10 19.42
CA PRO C 244 54.40 -22.85 19.21
C PRO C 244 55.02 -23.99 18.41
N GLY C 245 54.33 -25.10 18.30
CA GLY C 245 55.06 -26.13 17.57
C GLY C 245 54.61 -26.47 16.16
N GLY C 246 53.49 -25.93 15.71
CA GLY C 246 53.08 -26.31 14.36
C GLY C 246 51.68 -25.75 14.15
N VAL C 247 51.02 -26.21 13.09
CA VAL C 247 49.68 -25.72 12.79
C VAL C 247 48.80 -26.84 12.24
N THR C 248 47.50 -26.57 12.29
CA THR C 248 46.47 -27.49 11.79
C THR C 248 45.51 -26.60 11.01
N VAL C 249 45.14 -27.04 9.80
CA VAL C 249 44.24 -26.27 8.92
C VAL C 249 43.06 -27.15 8.53
N LYS C 250 41.88 -26.56 8.69
CA LYS C 250 40.62 -27.24 8.40
C LYS C 250 39.85 -26.59 7.26
N THR C 251 39.36 -27.41 6.33
CA THR C 251 38.65 -26.88 5.17
C THR C 251 37.19 -27.10 5.24
N GLU C 252 36.48 -26.32 4.46
CA GLU C 252 35.04 -26.42 4.51
C GLU C 252 34.51 -27.84 4.16
N ASP C 253 35.24 -28.61 3.35
CA ASP C 253 34.72 -29.93 3.01
C ASP C 253 35.04 -30.94 4.11
N ASN C 254 35.47 -30.42 5.25
CA ASN C 254 35.86 -31.23 6.38
C ASN C 254 37.21 -31.88 6.34
N SER C 255 38.07 -31.58 5.40
CA SER C 255 39.38 -32.21 5.56
C SER C 255 40.13 -31.49 6.68
N VAL C 256 41.21 -32.08 7.20
CA VAL C 256 41.99 -31.44 8.26
C VAL C 256 43.41 -31.76 7.89
N TYR C 257 44.29 -30.77 7.91
CA TYR C 257 45.67 -31.03 7.53
C TYR C 257 46.57 -30.50 8.63
N SER C 258 47.77 -31.03 8.74
CA SER C 258 48.71 -30.65 9.79
C SER C 258 50.01 -30.22 9.14
N ALA C 259 50.72 -29.27 9.72
CA ALA C 259 51.98 -28.88 9.12
C ALA C 259 52.82 -28.16 10.16
N ASP C 260 54.05 -27.81 9.78
CA ASP C 260 54.93 -26.99 10.64
C ASP C 260 54.69 -25.48 10.54
N TYR C 261 54.25 -25.03 9.37
CA TYR C 261 54.01 -23.61 9.11
C TYR C 261 52.87 -23.43 8.15
N VAL C 262 52.26 -22.24 8.10
CA VAL C 262 51.20 -22.01 7.13
C VAL C 262 51.46 -20.63 6.51
N MET C 263 51.26 -20.49 5.20
CA MET C 263 51.54 -19.20 4.55
C MET C 263 50.19 -18.79 4.02
N VAL C 264 49.66 -17.69 4.53
CA VAL C 264 48.32 -17.22 4.12
C VAL C 264 48.36 -16.16 3.01
N SER C 265 47.90 -16.53 1.83
CA SER C 265 47.96 -15.61 0.69
C SER C 265 46.62 -15.00 0.30
N ALA C 266 45.56 -15.33 1.03
CA ALA C 266 44.24 -14.76 0.75
C ALA C 266 44.29 -13.23 0.88
N SER C 267 43.40 -12.53 0.18
CA SER C 267 43.38 -11.07 0.14
C SER C 267 43.12 -10.41 1.49
N LEU C 268 43.50 -9.13 1.53
CA LEU C 268 43.26 -8.33 2.73
C LEU C 268 41.77 -8.36 2.99
N GLY C 269 40.99 -8.28 1.91
CA GLY C 269 39.52 -8.26 2.10
C GLY C 269 39.10 -9.58 2.75
N VAL C 270 39.69 -10.68 2.32
CA VAL C 270 39.32 -11.97 2.93
C VAL C 270 39.75 -11.92 4.41
N LEU C 271 40.95 -11.41 4.70
CA LEU C 271 41.33 -11.33 6.10
C LEU C 271 40.39 -10.42 6.90
N GLN C 272 39.87 -9.34 6.33
CA GLN C 272 38.98 -8.49 7.13
C GLN C 272 37.60 -9.16 7.28
N SER C 273 37.28 -10.15 6.47
CA SER C 273 35.97 -10.78 6.60
C SER C 273 36.05 -11.89 7.66
N ASP C 274 34.95 -12.54 7.97
CA ASP C 274 35.29 -13.56 8.99
C ASP C 274 35.56 -14.93 8.43
N LEU C 275 35.91 -15.02 7.16
CA LEU C 275 36.02 -16.36 6.58
C LEU C 275 36.89 -17.38 7.27
N ILE C 276 38.13 -16.98 7.58
CA ILE C 276 39.07 -17.88 8.23
C ILE C 276 39.11 -17.60 9.72
N GLN C 277 38.81 -18.60 10.56
CA GLN C 277 38.89 -18.36 11.99
C GLN C 277 40.30 -18.75 12.45
N PHE C 278 40.97 -17.86 13.18
CA PHE C 278 42.32 -18.14 13.66
C PHE C 278 42.17 -18.61 15.09
N LYS C 279 42.86 -19.67 15.52
CA LYS C 279 42.67 -20.09 16.90
C LYS C 279 44.05 -20.41 17.41
N PRO C 280 44.56 -19.66 18.39
CA PRO C 280 43.83 -18.58 19.05
C PRO C 280 43.64 -17.36 18.13
N LYS C 281 42.79 -16.42 18.54
CA LYS C 281 42.60 -15.24 17.72
C LYS C 281 43.90 -14.50 17.48
N LEU C 282 44.00 -13.81 16.35
CA LEU C 282 45.23 -13.08 16.11
C LEU C 282 45.36 -11.98 17.15
N PRO C 283 46.59 -11.59 17.47
CA PRO C 283 46.82 -10.55 18.47
C PRO C 283 46.25 -9.20 18.05
N THR C 284 45.90 -8.41 19.05
CA THR C 284 45.34 -7.11 18.78
C THR C 284 46.15 -6.25 17.81
N TRP C 285 47.45 -6.25 17.99
CA TRP C 285 48.24 -5.43 17.08
C TRP C 285 48.01 -5.86 15.64
N LYS C 286 47.88 -7.15 15.41
CA LYS C 286 47.72 -7.64 14.05
C LYS C 286 46.31 -7.30 13.56
N VAL C 287 45.35 -7.53 14.44
CA VAL C 287 43.97 -7.26 14.03
C VAL C 287 43.79 -5.77 13.70
N ARG C 288 44.45 -4.92 14.45
CA ARG C 288 44.29 -3.52 14.09
C ARG C 288 44.93 -3.13 12.77
N ALA C 289 46.08 -3.72 12.49
CA ALA C 289 46.76 -3.39 11.25
C ALA C 289 45.87 -3.85 10.12
N ILE C 290 45.27 -5.01 10.30
CA ILE C 290 44.44 -5.53 9.22
C ILE C 290 43.24 -4.62 8.93
N TYR C 291 42.56 -4.13 9.97
CA TYR C 291 41.37 -3.33 9.68
C TYR C 291 41.67 -1.88 9.30
N GLN C 292 42.85 -1.40 9.65
CA GLN C 292 43.13 -0.02 9.24
C GLN C 292 43.47 0.12 7.78
N PHE C 293 44.03 -0.91 7.17
CA PHE C 293 44.36 -0.76 5.74
C PHE C 293 43.10 -0.92 4.88
N ASP C 294 43.09 -0.42 3.64
CA ASP C 294 41.85 -0.50 2.86
C ASP C 294 41.87 -1.55 1.77
N MET C 295 40.77 -2.29 1.55
CA MET C 295 40.67 -3.25 0.44
C MET C 295 39.75 -2.53 -0.56
N ALA C 296 40.25 -2.09 -1.71
CA ALA C 296 39.34 -1.37 -2.63
C ALA C 296 38.63 -2.30 -3.60
N VAL C 297 37.75 -1.71 -4.41
CA VAL C 297 37.03 -2.51 -5.41
C VAL C 297 37.03 -1.72 -6.71
N TYR C 298 37.28 -2.42 -7.82
CA TYR C 298 37.38 -1.81 -9.15
C TYR C 298 36.61 -2.77 -10.07
N THR C 299 35.53 -2.27 -10.62
CA THR C 299 34.61 -3.11 -11.40
C THR C 299 34.64 -2.78 -12.88
N LYS C 300 35.04 -3.79 -13.68
CA LYS C 300 35.20 -3.70 -15.14
C LYS C 300 33.91 -4.18 -15.81
N ILE C 301 33.04 -3.22 -16.11
CA ILE C 301 31.76 -3.61 -16.72
C ILE C 301 31.87 -3.68 -18.24
N PHE C 302 31.85 -4.89 -18.78
CA PHE C 302 31.93 -5.04 -20.23
C PHE C 302 30.54 -5.05 -20.87
N LEU C 303 30.44 -4.45 -22.05
CA LEU C 303 29.17 -4.37 -22.79
C LEU C 303 29.37 -4.78 -24.26
N LYS C 304 28.43 -5.56 -24.77
CA LYS C 304 28.47 -6.03 -26.17
C LYS C 304 27.32 -5.36 -26.93
N PHE C 305 27.60 -4.82 -28.12
CA PHE C 305 26.51 -4.19 -28.88
C PHE C 305 26.41 -4.78 -30.28
N PRO C 306 25.24 -4.68 -30.92
CA PRO C 306 25.05 -5.19 -32.28
C PRO C 306 25.69 -4.37 -33.38
N ARG C 307 26.13 -3.16 -33.11
CA ARG C 307 26.83 -2.37 -34.12
C ARG C 307 27.52 -1.26 -33.32
N LYS C 308 28.58 -0.65 -33.86
CA LYS C 308 29.38 0.37 -33.18
C LYS C 308 28.70 1.71 -33.26
N PHE C 309 28.84 2.60 -32.28
CA PHE C 309 28.22 3.91 -32.47
C PHE C 309 29.16 4.95 -31.91
N TRP C 310 30.34 4.55 -31.46
CA TRP C 310 31.30 5.52 -30.89
C TRP C 310 32.42 5.69 -31.88
N PRO C 311 33.26 6.70 -31.68
CA PRO C 311 34.33 6.95 -32.61
C PRO C 311 35.46 5.95 -32.48
N GLU C 312 36.17 5.71 -33.57
CA GLU C 312 37.34 4.84 -33.58
C GLU C 312 38.42 5.66 -34.24
N GLY C 313 39.69 5.40 -33.98
CA GLY C 313 40.63 6.30 -34.64
C GLY C 313 41.74 6.75 -33.70
N LYS C 314 42.67 7.57 -34.18
CA LYS C 314 43.79 7.97 -33.33
C LYS C 314 43.31 8.65 -32.05
N GLY C 315 43.84 8.16 -30.94
CA GLY C 315 43.45 8.77 -29.69
C GLY C 315 42.06 8.40 -29.20
N ARG C 316 41.30 7.61 -29.97
CA ARG C 316 39.97 7.26 -29.49
C ARG C 316 39.83 6.16 -28.43
N GLU C 317 40.91 5.45 -28.10
CA GLU C 317 40.81 4.33 -27.15
C GLU C 317 40.18 4.60 -25.79
N PHE C 318 40.57 5.70 -25.16
CA PHE C 318 40.00 5.98 -23.86
C PHE C 318 39.16 7.23 -23.95
N PHE C 319 38.02 7.28 -23.29
CA PHE C 319 37.25 8.52 -23.31
C PHE C 319 36.62 8.68 -21.94
N LEU C 320 36.24 9.90 -21.56
CA LEU C 320 35.65 10.11 -20.23
C LEU C 320 34.27 10.72 -20.38
N TYR C 321 33.45 10.55 -19.32
CA TYR C 321 32.10 11.11 -19.31
C TYR C 321 32.05 12.00 -18.10
N ALA C 322 31.94 13.29 -18.37
CA ALA C 322 31.94 14.27 -17.29
C ALA C 322 30.57 14.43 -16.62
N SER C 323 30.17 13.45 -15.81
CA SER C 323 28.85 13.54 -15.16
C SER C 323 28.92 14.57 -14.06
N SER C 324 27.80 15.15 -13.71
CA SER C 324 27.85 16.08 -12.58
C SER C 324 27.90 15.28 -11.27
N ARG C 325 27.69 13.96 -11.37
CA ARG C 325 27.75 13.01 -10.26
C ARG C 325 29.13 12.37 -10.31
N ARG C 326 29.99 12.73 -9.38
CA ARG C 326 31.37 12.25 -9.44
C ARG C 326 31.46 10.74 -9.54
N GLY C 327 32.26 10.24 -10.46
CA GLY C 327 32.49 8.80 -10.55
C GLY C 327 31.40 7.97 -11.20
N TYR C 328 30.40 8.66 -11.74
CA TYR C 328 29.31 7.91 -12.35
C TYR C 328 29.64 7.49 -13.77
N TYR C 329 29.83 6.20 -14.01
CA TYR C 329 30.15 5.66 -15.35
C TYR C 329 31.08 6.59 -16.12
N GLY C 330 32.20 6.97 -15.49
CA GLY C 330 33.11 7.96 -16.02
C GLY C 330 34.30 7.62 -16.90
N VAL C 331 34.87 6.42 -16.82
CA VAL C 331 36.04 6.17 -17.64
C VAL C 331 35.73 5.01 -18.52
N TRP C 332 35.82 5.29 -19.82
CA TRP C 332 35.49 4.32 -20.85
C TRP C 332 36.67 3.90 -21.69
N GLN C 333 36.60 2.69 -22.23
CA GLN C 333 37.64 2.15 -23.11
C GLN C 333 36.97 1.39 -24.26
N GLU C 334 37.44 1.63 -25.50
CA GLU C 334 36.89 0.94 -26.67
C GLU C 334 38.04 0.13 -27.25
N PHE C 335 37.70 -1.06 -27.75
CA PHE C 335 38.69 -2.02 -28.20
C PHE C 335 38.97 -2.22 -29.66
N GLU C 336 38.99 -1.14 -30.44
CA GLU C 336 39.29 -1.33 -31.87
C GLU C 336 40.62 -2.05 -32.09
N LYS C 337 41.63 -1.75 -31.28
CA LYS C 337 42.94 -2.40 -31.43
C LYS C 337 42.95 -3.81 -30.85
N GLN C 338 42.46 -3.98 -29.63
CA GLN C 338 42.46 -5.29 -29.00
C GLN C 338 41.55 -6.39 -29.56
N TYR C 339 40.29 -6.03 -29.81
CA TYR C 339 39.31 -7.04 -30.22
C TYR C 339 38.53 -6.40 -31.37
N PRO C 340 39.23 -6.17 -32.47
CA PRO C 340 38.68 -5.45 -33.60
C PRO C 340 37.30 -5.79 -34.05
N ASP C 341 36.92 -7.05 -34.08
CA ASP C 341 35.56 -6.97 -34.59
C ASP C 341 34.43 -7.09 -33.59
N ALA C 342 34.82 -6.97 -32.33
CA ALA C 342 33.86 -7.22 -31.29
C ALA C 342 32.71 -6.27 -30.97
N ASN C 343 32.87 -4.99 -31.18
CA ASN C 343 31.75 -4.13 -30.76
C ASN C 343 31.57 -4.15 -29.24
N VAL C 344 32.67 -4.19 -28.50
CA VAL C 344 32.55 -4.21 -27.03
C VAL C 344 33.04 -2.90 -26.44
N LEU C 345 32.45 -2.43 -25.35
CA LEU C 345 33.00 -1.23 -24.69
C LEU C 345 33.26 -1.67 -23.25
N LEU C 346 34.12 -0.94 -22.55
CA LEU C 346 34.37 -1.27 -21.15
C LEU C 346 34.24 0.02 -20.35
N VAL C 347 33.36 0.06 -19.34
CA VAL C 347 33.26 1.22 -18.46
C VAL C 347 33.69 0.75 -17.08
N THR C 348 34.50 1.53 -16.39
CA THR C 348 35.04 1.13 -15.09
C THR C 348 34.47 1.97 -13.98
N VAL C 349 34.06 1.33 -12.88
CA VAL C 349 33.57 2.11 -11.74
C VAL C 349 34.34 1.58 -10.52
N THR C 350 34.28 2.26 -9.39
CA THR C 350 35.03 1.75 -8.23
C THR C 350 34.25 2.10 -6.95
N ASP C 351 34.80 1.67 -5.83
CA ASP C 351 34.33 2.17 -4.54
C ASP C 351 32.84 2.21 -4.31
N GLU C 352 32.29 3.38 -3.93
CA GLU C 352 30.83 3.39 -3.67
C GLU C 352 29.95 2.89 -4.81
N GLU C 353 30.27 3.31 -6.01
CA GLU C 353 29.47 2.83 -7.14
C GLU C 353 29.61 1.33 -7.32
N SER C 354 30.83 0.80 -7.16
CA SER C 354 30.99 -0.65 -7.30
C SER C 354 30.10 -1.35 -6.26
N ARG C 355 30.11 -0.90 -5.01
CA ARG C 355 29.31 -1.66 -4.04
C ARG C 355 27.84 -1.59 -4.37
N ARG C 356 27.45 -0.42 -4.87
CA ARG C 356 26.02 -0.28 -5.21
C ARG C 356 25.68 -1.19 -6.40
N ILE C 357 26.53 -1.12 -7.42
CA ILE C 357 26.22 -1.90 -8.61
C ILE C 357 26.24 -3.41 -8.41
N GLU C 358 27.18 -3.91 -7.61
CA GLU C 358 27.23 -5.35 -7.37
C GLU C 358 25.93 -5.81 -6.74
N GLN C 359 25.29 -4.92 -6.01
CA GLN C 359 24.06 -5.26 -5.30
C GLN C 359 22.81 -5.15 -6.15
N GLN C 360 22.90 -4.82 -7.43
CA GLN C 360 21.64 -4.74 -8.16
C GLN C 360 21.76 -5.63 -9.37
N SER C 361 20.67 -5.85 -10.10
CA SER C 361 20.78 -6.76 -11.24
C SER C 361 21.54 -6.22 -12.43
N ASP C 362 22.03 -7.14 -13.25
CA ASP C 362 22.78 -6.75 -14.42
C ASP C 362 21.84 -5.96 -15.33
N GLU C 363 20.58 -6.34 -15.34
CA GLU C 363 19.65 -5.61 -16.20
C GLU C 363 19.50 -4.18 -15.75
N GLN C 364 19.47 -3.99 -14.44
CA GLN C 364 19.31 -2.61 -13.98
C GLN C 364 20.58 -1.80 -14.30
N THR C 365 21.71 -2.47 -14.14
CA THR C 365 22.91 -1.71 -14.44
C THR C 365 22.92 -1.38 -15.92
N LYS C 366 22.55 -2.36 -16.75
CA LYS C 366 22.58 -2.08 -18.18
C LYS C 366 21.66 -0.91 -18.54
N ALA C 367 20.52 -0.82 -17.85
CA ALA C 367 19.63 0.28 -18.18
C ALA C 367 20.23 1.61 -17.78
N GLU C 368 20.94 1.66 -16.66
CA GLU C 368 21.55 2.93 -16.28
C GLU C 368 22.61 3.32 -17.31
N ILE C 369 23.36 2.31 -17.74
CA ILE C 369 24.45 2.60 -18.67
C ILE C 369 23.86 3.07 -20.01
N MET C 370 22.75 2.49 -20.49
CA MET C 370 22.18 2.96 -21.76
C MET C 370 21.73 4.41 -21.65
N GLN C 371 21.21 4.84 -20.50
CA GLN C 371 20.81 6.25 -20.39
C GLN C 371 22.06 7.11 -20.52
N VAL C 372 23.15 6.68 -19.91
CA VAL C 372 24.39 7.45 -20.05
C VAL C 372 24.89 7.50 -21.50
N LEU C 373 24.98 6.36 -22.15
CA LEU C 373 25.48 6.38 -23.53
C LEU C 373 24.56 7.17 -24.42
N ARG C 374 23.24 7.10 -24.20
CA ARG C 374 22.39 7.92 -25.07
C ARG C 374 22.60 9.42 -24.88
N LYS C 375 22.98 9.84 -23.66
CA LYS C 375 23.29 11.24 -23.38
C LYS C 375 24.64 11.61 -23.97
N MET C 376 25.59 10.69 -23.99
CA MET C 376 26.91 11.03 -24.51
C MET C 376 26.93 11.18 -26.00
N PHE C 377 26.09 10.40 -26.69
CA PHE C 377 26.09 10.38 -28.17
C PHE C 377 24.68 10.73 -28.66
N PRO C 378 24.28 11.98 -28.43
CA PRO C 378 22.92 12.34 -28.79
C PRO C 378 22.69 12.31 -30.31
N GLY C 379 23.75 12.46 -31.09
CA GLY C 379 23.50 12.39 -32.53
C GLY C 379 23.43 10.97 -33.08
N LYS C 380 23.57 9.94 -32.26
CA LYS C 380 23.56 8.60 -32.82
C LYS C 380 22.31 7.87 -32.35
N ASP C 381 21.94 6.82 -33.07
CA ASP C 381 20.83 5.96 -32.70
C ASP C 381 21.56 4.86 -31.92
N VAL C 382 21.58 4.97 -30.60
CA VAL C 382 22.34 4.04 -29.80
C VAL C 382 21.62 2.74 -29.54
N PRO C 383 22.19 1.62 -29.94
CA PRO C 383 21.48 0.36 -29.72
C PRO C 383 21.64 -0.14 -28.30
N ASP C 384 20.66 -0.90 -27.83
CA ASP C 384 20.76 -1.48 -26.50
C ASP C 384 21.87 -2.52 -26.47
N ALA C 385 22.66 -2.59 -25.41
CA ALA C 385 23.70 -3.60 -25.40
C ALA C 385 23.01 -4.96 -25.40
N THR C 386 23.55 -5.95 -26.10
CA THR C 386 22.84 -7.20 -26.03
C THR C 386 23.47 -8.11 -24.98
N ASP C 387 24.53 -7.67 -24.33
CA ASP C 387 25.08 -8.52 -23.28
C ASP C 387 25.88 -7.60 -22.37
N ILE C 388 26.04 -7.97 -21.10
CA ILE C 388 26.84 -7.13 -20.21
C ILE C 388 27.47 -8.03 -19.17
N LEU C 389 28.66 -7.70 -18.70
CA LEU C 389 29.28 -8.57 -17.71
C LEU C 389 29.68 -7.65 -16.56
N VAL C 390 29.13 -7.93 -15.39
CA VAL C 390 29.44 -7.12 -14.21
C VAL C 390 30.25 -7.99 -13.25
N PRO C 391 31.58 -7.87 -13.12
CA PRO C 391 32.30 -8.73 -12.15
C PRO C 391 31.89 -8.42 -10.71
N ARG C 392 31.76 -9.39 -9.80
CA ARG C 392 31.35 -9.04 -8.45
C ARG C 392 32.38 -9.49 -7.44
N TRP C 393 33.54 -8.88 -7.59
CA TRP C 393 34.67 -9.19 -6.72
C TRP C 393 34.40 -8.91 -5.23
N TRP C 394 33.71 -7.81 -4.93
CA TRP C 394 33.51 -7.52 -3.51
C TRP C 394 32.56 -8.50 -2.87
N SER C 395 31.59 -8.90 -3.67
CA SER C 395 30.62 -9.83 -3.12
C SER C 395 31.20 -11.23 -3.08
N ASP C 396 32.26 -11.53 -3.82
CA ASP C 396 32.80 -12.88 -3.78
C ASP C 396 33.57 -13.15 -2.46
N ARG C 397 33.12 -14.09 -1.66
CA ARG C 397 33.74 -14.33 -0.36
C ARG C 397 35.20 -14.73 -0.42
N PHE C 398 35.68 -15.09 -1.60
CA PHE C 398 37.11 -15.45 -1.71
C PHE C 398 38.03 -14.27 -2.09
N TYR C 399 37.46 -13.08 -2.23
CA TYR C 399 38.27 -11.91 -2.62
C TYR C 399 37.89 -10.68 -1.80
N LYS C 400 36.59 -10.46 -1.67
CA LYS C 400 36.04 -9.33 -0.93
C LYS C 400 36.59 -7.97 -1.40
N GLY C 401 36.85 -7.79 -2.70
CA GLY C 401 37.44 -6.55 -3.19
C GLY C 401 38.39 -6.89 -4.34
N THR C 402 39.12 -5.90 -4.88
CA THR C 402 40.04 -6.19 -5.98
C THR C 402 41.50 -5.92 -5.65
N PHE C 403 41.80 -4.92 -4.83
CA PHE C 403 43.22 -4.70 -4.44
C PHE C 403 43.29 -3.69 -3.31
N SER C 404 44.35 -3.76 -2.49
CA SER C 404 44.43 -2.86 -1.33
C SER C 404 44.73 -1.42 -1.77
N ASN C 405 44.49 -0.46 -0.90
CA ASN C 405 44.83 0.94 -1.18
C ASN C 405 45.31 1.47 0.18
N TRP C 406 46.31 2.35 0.16
CA TRP C 406 46.91 2.90 1.37
C TRP C 406 46.22 4.18 1.81
N PRO C 407 45.50 4.08 2.92
CA PRO C 407 44.78 5.25 3.41
C PRO C 407 45.56 6.20 4.32
N VAL C 408 45.10 7.44 4.36
CA VAL C 408 45.77 8.41 5.24
C VAL C 408 45.53 7.89 6.65
N GLY C 409 46.57 7.91 7.48
CA GLY C 409 46.36 7.44 8.83
C GLY C 409 47.27 6.25 9.06
N VAL C 410 47.63 5.55 8.00
CA VAL C 410 48.47 4.41 8.26
C VAL C 410 49.89 4.77 7.90
N ASN C 411 50.87 4.52 8.78
CA ASN C 411 52.27 4.77 8.41
C ASN C 411 53.02 3.50 8.03
N ARG C 412 54.31 3.60 7.69
CA ARG C 412 54.97 2.37 7.23
C ARG C 412 55.09 1.28 8.27
N TYR C 413 55.23 1.72 9.50
CA TYR C 413 55.39 0.76 10.57
C TYR C 413 54.11 -0.04 10.57
N GLU C 414 52.99 0.66 10.55
CA GLU C 414 51.76 -0.12 10.62
C GLU C 414 51.52 -0.99 9.41
N TYR C 415 51.95 -0.47 8.26
CA TYR C 415 51.72 -1.29 7.10
C TYR C 415 52.58 -2.53 7.25
N ASP C 416 53.77 -2.36 7.78
CA ASP C 416 54.60 -3.56 7.85
C ASP C 416 54.00 -4.59 8.80
N GLN C 417 53.21 -4.07 9.73
CA GLN C 417 52.57 -4.98 10.63
C GLN C 417 51.61 -5.88 9.88
N LEU C 418 51.22 -5.51 8.66
CA LEU C 418 50.33 -6.39 7.93
C LEU C 418 51.13 -7.56 7.43
N ARG C 419 52.40 -7.28 7.16
CA ARG C 419 53.21 -8.34 6.59
C ARG C 419 53.74 -9.23 7.72
N ALA C 420 53.78 -8.71 8.94
CA ALA C 420 54.42 -9.51 9.97
C ALA C 420 53.79 -10.85 10.36
N PRO C 421 54.61 -11.89 10.58
CA PRO C 421 54.05 -13.20 10.92
C PRO C 421 53.57 -13.16 12.35
N VAL C 422 52.74 -14.13 12.67
CA VAL C 422 52.25 -14.27 14.03
C VAL C 422 52.66 -15.70 14.39
N GLY C 423 53.71 -15.89 15.20
CA GLY C 423 54.06 -17.29 15.52
C GLY C 423 54.51 -18.04 14.26
N ARG C 424 53.85 -19.15 13.97
CA ARG C 424 54.13 -19.96 12.77
C ARG C 424 53.18 -19.64 11.60
N VAL C 425 52.36 -18.61 11.79
CA VAL C 425 51.44 -18.16 10.74
C VAL C 425 52.08 -16.98 9.98
N TYR C 426 52.42 -17.22 8.71
CA TYR C 426 53.02 -16.23 7.80
C TYR C 426 51.96 -15.69 6.82
N PHE C 427 52.22 -14.50 6.31
CA PHE C 427 51.27 -13.88 5.37
C PHE C 427 51.98 -13.46 4.09
N THR C 428 51.27 -13.44 2.97
CA THR C 428 51.92 -12.96 1.76
C THR C 428 50.77 -12.41 0.91
N GLY C 429 51.05 -11.82 -0.24
CA GLY C 429 49.98 -11.26 -1.06
C GLY C 429 50.30 -9.79 -1.35
N GLU C 430 49.59 -9.24 -2.32
CA GLU C 430 49.85 -7.88 -2.77
C GLU C 430 49.82 -6.88 -1.64
N HIS C 431 48.96 -7.10 -0.64
CA HIS C 431 48.87 -6.15 0.48
C HIS C 431 50.07 -6.34 1.42
N THR C 432 51.01 -7.23 1.07
CA THR C 432 52.21 -7.39 1.90
C THR C 432 53.40 -6.93 1.08
N SER C 433 53.17 -6.40 -0.12
CA SER C 433 54.32 -5.95 -0.93
C SER C 433 54.92 -4.68 -0.36
N GLU C 434 56.23 -4.71 -0.12
CA GLU C 434 56.82 -3.56 0.51
C GLU C 434 56.57 -2.26 -0.23
N HIS C 435 56.80 -2.27 -1.54
CA HIS C 435 56.60 -1.03 -2.27
C HIS C 435 55.66 -1.08 -3.44
N TYR C 436 55.03 -2.23 -3.64
CA TYR C 436 54.18 -2.29 -4.82
C TYR C 436 52.80 -2.83 -4.43
N ASN C 437 52.25 -2.40 -3.30
CA ASN C 437 50.98 -3.00 -2.98
C ASN C 437 50.01 -2.69 -4.10
N GLY C 438 49.09 -3.62 -4.26
CA GLY C 438 48.06 -3.50 -5.29
C GLY C 438 48.35 -4.14 -6.66
N TYR C 439 49.61 -4.35 -7.01
CA TYR C 439 49.93 -4.86 -8.34
C TYR C 439 50.23 -6.34 -8.53
N VAL C 440 50.15 -6.80 -9.77
CA VAL C 440 50.51 -8.18 -10.03
C VAL C 440 51.98 -8.38 -9.65
N HIS C 441 52.82 -7.40 -9.99
CA HIS C 441 54.24 -7.59 -9.69
C HIS C 441 54.46 -7.55 -8.19
N GLY C 442 53.59 -6.82 -7.51
CA GLY C 442 53.67 -6.73 -6.06
C GLY C 442 53.38 -8.13 -5.51
N ALA C 443 52.34 -8.78 -6.04
CA ALA C 443 51.97 -10.10 -5.55
C ALA C 443 53.12 -11.05 -5.78
N TYR C 444 53.66 -10.99 -6.98
CA TYR C 444 54.75 -11.90 -7.33
C TYR C 444 55.94 -11.71 -6.38
N LEU C 445 56.38 -10.48 -6.21
CA LEU C 445 57.54 -10.25 -5.33
C LEU C 445 57.20 -10.52 -3.86
N SER C 446 55.95 -10.35 -3.44
CA SER C 446 55.67 -10.59 -2.02
C SER C 446 55.75 -12.08 -1.68
N GLY C 447 55.45 -12.90 -2.67
CA GLY C 447 55.50 -14.35 -2.49
C GLY C 447 56.96 -14.74 -2.23
N ILE C 448 57.85 -14.20 -3.05
CA ILE C 448 59.25 -14.52 -2.85
C ILE C 448 59.72 -13.97 -1.51
N ASP C 449 59.32 -12.74 -1.20
CA ASP C 449 59.79 -12.15 0.04
C ASP C 449 59.30 -12.93 1.25
N SER C 450 58.01 -13.22 1.24
CA SER C 450 57.44 -13.97 2.35
C SER C 450 58.12 -15.32 2.49
N ALA C 451 58.33 -15.99 1.37
CA ALA C 451 58.90 -17.32 1.46
C ALA C 451 60.28 -17.22 2.10
N GLU C 452 61.03 -16.21 1.68
CA GLU C 452 62.38 -16.05 2.16
C GLU C 452 62.44 -15.83 3.66
N ILE C 453 61.48 -15.08 4.18
CA ILE C 453 61.46 -14.89 5.62
C ILE C 453 61.20 -16.24 6.29
N LEU C 454 60.29 -17.03 5.74
CA LEU C 454 59.99 -18.31 6.35
C LEU C 454 61.20 -19.24 6.22
N ILE C 455 61.87 -19.19 5.09
CA ILE C 455 63.01 -20.06 4.89
C ILE C 455 64.07 -19.79 5.95
N ASN C 456 64.37 -18.52 6.18
CA ASN C 456 65.38 -18.21 7.18
C ASN C 456 65.00 -18.67 8.58
N CYS C 457 63.74 -18.46 8.93
CA CYS C 457 63.27 -18.88 10.25
C CYS C 457 63.33 -20.40 10.37
N ALA C 458 62.73 -21.10 9.42
CA ALA C 458 62.71 -22.55 9.49
C ALA C 458 64.02 -23.28 9.23
N GLN C 459 64.74 -22.88 8.20
CA GLN C 459 65.98 -23.57 7.87
C GLN C 459 67.18 -23.07 8.63
N LYS C 460 67.31 -21.76 8.75
CA LYS C 460 68.47 -21.18 9.42
C LYS C 460 68.27 -20.84 10.88
N LYS C 461 67.03 -21.02 11.35
CA LYS C 461 66.62 -20.75 12.74
C LYS C 461 66.93 -19.32 13.08
N MET C 462 66.93 -18.49 12.05
CA MET C 462 67.12 -17.05 12.23
C MET C 462 65.79 -16.37 11.90
N CYS C 463 64.87 -16.20 12.85
CA CYS C 463 63.56 -15.58 12.63
C CYS C 463 63.63 -14.07 12.75
N LYS C 464 63.74 -13.37 11.63
CA LYS C 464 63.85 -11.92 11.68
C LYS C 464 62.78 -11.25 12.54
N TYR C 465 63.24 -10.42 13.46
CA TYR C 465 62.31 -9.79 14.38
C TYR C 465 61.59 -8.61 13.75
N HIS C 466 62.31 -7.63 13.25
CA HIS C 466 61.63 -6.54 12.53
C HIS C 466 61.37 -6.84 11.04
#